data_7W86
# 
_entry.id   7W86 
# 
_audit_conform.dict_name       mmcif_pdbx.dic 
_audit_conform.dict_version    5.392 
_audit_conform.dict_location   http://mmcif.pdb.org/dictionaries/ascii/mmcif_pdbx.dic 
# 
loop_
_database_2.database_id 
_database_2.database_code 
_database_2.pdbx_database_accession 
_database_2.pdbx_DOI 
PDB   7W86         pdb_00007w86 10.2210/pdb7w86/pdb 
WWPDB D_1300026144 ?            ?                   
# 
loop_
_pdbx_audit_revision_history.ordinal 
_pdbx_audit_revision_history.data_content_type 
_pdbx_audit_revision_history.major_revision 
_pdbx_audit_revision_history.minor_revision 
_pdbx_audit_revision_history.revision_date 
1 'Structure model' 1 0 2022-12-14 
2 'Structure model' 1 1 2023-06-28 
3 'Structure model' 1 2 2024-05-29 
# 
_pdbx_audit_revision_details.ordinal             1 
_pdbx_audit_revision_details.revision_ordinal    1 
_pdbx_audit_revision_details.data_content_type   'Structure model' 
_pdbx_audit_revision_details.provider            repository 
_pdbx_audit_revision_details.type                'Initial release' 
_pdbx_audit_revision_details.description         ? 
_pdbx_audit_revision_details.details             ? 
# 
loop_
_pdbx_audit_revision_group.ordinal 
_pdbx_audit_revision_group.revision_ordinal 
_pdbx_audit_revision_group.data_content_type 
_pdbx_audit_revision_group.group 
1 2 'Structure model' 'Database references' 
2 3 'Structure model' 'Data collection'     
# 
loop_
_pdbx_audit_revision_category.ordinal 
_pdbx_audit_revision_category.revision_ordinal 
_pdbx_audit_revision_category.data_content_type 
_pdbx_audit_revision_category.category 
1 2 'Structure model' citation        
2 2 'Structure model' citation_author 
3 3 'Structure model' chem_comp_atom  
4 3 'Structure model' chem_comp_bond  
# 
loop_
_pdbx_audit_revision_item.ordinal 
_pdbx_audit_revision_item.revision_ordinal 
_pdbx_audit_revision_item.data_content_type 
_pdbx_audit_revision_item.item 
1  2 'Structure model' '_citation.country'                 
2  2 'Structure model' '_citation.journal_abbrev'          
3  2 'Structure model' '_citation.journal_id_ASTM'         
4  2 'Structure model' '_citation.journal_id_CSD'          
5  2 'Structure model' '_citation.journal_id_ISSN'         
6  2 'Structure model' '_citation.journal_volume'          
7  2 'Structure model' '_citation.page_first'              
8  2 'Structure model' '_citation.page_last'               
9  2 'Structure model' '_citation.pdbx_database_id_DOI'    
10 2 'Structure model' '_citation.pdbx_database_id_PubMed' 
11 2 'Structure model' '_citation.title'                   
12 2 'Structure model' '_citation.year'                    
# 
_pdbx_database_status.status_code                     REL 
_pdbx_database_status.status_code_sf                  REL 
_pdbx_database_status.status_code_mr                  ? 
_pdbx_database_status.entry_id                        7W86 
_pdbx_database_status.recvd_initial_deposition_date   2021-12-07 
_pdbx_database_status.SG_entry                        N 
_pdbx_database_status.deposit_site                    PDBJ 
_pdbx_database_status.process_site                    PDBJ 
_pdbx_database_status.status_code_cs                  ? 
_pdbx_database_status.status_code_nmr_data            ? 
_pdbx_database_status.methods_development_category    ? 
_pdbx_database_status.pdb_format_compatible           Y 
# 
_pdbx_contact_author.id                 3 
_pdbx_contact_author.email              shimizu@mol.f.u-tokyo.ac.jp 
_pdbx_contact_author.name_first         Toshiyuki 
_pdbx_contact_author.name_last          Shimizu 
_pdbx_contact_author.name_mi            ? 
_pdbx_contact_author.role               'principal investigator/group leader' 
_pdbx_contact_author.identifier_ORCID   0000-0002-0547-8922 
# 
loop_
_audit_author.name 
_audit_author.pdbx_ordinal 
_audit_author.identifier_ORCID 
'Sawada, Y.'     1 ? 
'Shimizu, H.'    2 ? 
'Toma-Fukai, S.' 3 ? 
'Shimizu, T.'    4 ? 
# 
_citation.abstract                  ? 
_citation.abstract_id_CAS           ? 
_citation.book_id_ISBN              ? 
_citation.book_publisher            ? 
_citation.book_publisher_city       ? 
_citation.book_title                ? 
_citation.coordinate_linkage        ? 
_citation.country                   US 
_citation.database_id_Medline       ? 
_citation.details                   ? 
_citation.id                        primary 
_citation.journal_abbrev            'Plant Cell' 
_citation.journal_id_ASTM           PLCEEW 
_citation.journal_id_CSD            2109 
_citation.journal_id_ISSN           1532-298X 
_citation.journal_full              ? 
_citation.journal_issue             ? 
_citation.journal_volume            35 
_citation.language                  ? 
_citation.page_first                1888 
_citation.page_last                 1900 
_citation.title                     
'Structural insight into the activation of an Arabidopsis organellar C-to-U RNA editing enzyme by active site complementation.' 
_citation.year                      2023 
_citation.database_id_CSD           ? 
_citation.pdbx_database_id_DOI      10.1093/plcell/koac318 
_citation.pdbx_database_id_PubMed   36342219 
_citation.pdbx_database_id_patent   ? 
_citation.unpublished_flag          ? 
# 
loop_
_citation_author.citation_id 
_citation_author.name 
_citation_author.ordinal 
_citation_author.identifier_ORCID 
primary 'Toma-Fukai, S.' 1 0000-0001-7651-847X 
primary 'Sawada, Y.'     2 0000-0003-2011-9458 
primary 'Maeda, A.'      3 0000-0002-5516-2299 
primary 'Shimizu, H.'    4 0000-0002-5697-8214 
primary 'Shikanai, T.'   5 0000-0002-6154-4728 
primary 'Takenaka, M.'   6 0000-0002-3242-5092 
primary 'Shimizu, T.'    7 0000-0002-0547-8922 
# 
loop_
_entity.id 
_entity.type 
_entity.src_method 
_entity.pdbx_description 
_entity.formula_weight 
_entity.pdbx_number_of_molecules 
_entity.pdbx_ec 
_entity.pdbx_mutation 
_entity.pdbx_fragment 
_entity.details 
1 polymer     man 'Pentatricopeptide repeat-containing protein DWY1, chloroplastic' 13512.623 1  ? ? ? ? 
2 non-polymer nat 'ZINC ION'                                                        65.409    3  ? ? ? ? 
3 non-polymer syn 'SULFATE ION'                                                     96.063    1  ? ? ? ? 
4 non-polymer syn GLYCEROL                                                          92.094    4  ? ? ? ? 
5 non-polymer syn 1,2-ETHANEDIOL                                                    62.068    10 ? ? ? ? 
6 non-polymer syn 'ACETATE ION'                                                     59.044    3  ? ? ? ? 
7 water       nat water                                                             18.015    36 ? ? ? ? 
# 
_entity_name_com.entity_id   1 
_entity_name_com.name        'DYW-domain protein 1' 
# 
_entity_poly.entity_id                      1 
_entity_poly.type                           'polypeptide(L)' 
_entity_poly.nstd_linkage                   no 
_entity_poly.nstd_monomer                   no 
_entity_poly.pdbx_seq_one_letter_code       
;KKAIVDRSKAYVKLKSLGKEVRDAGYVPETKYVLHDIDEEAKEKALMHHSERLAIAFGIINTPPGTTIRVMKNLRICGDC
HNFIKILSSIEDREIIVRDNKRFHHFRDGNCSCGDYW
;
_entity_poly.pdbx_seq_one_letter_code_can   
;KKAIVDRSKAYVKLKSLGKEVRDAGYVPETKYVLHDIDEEAKEKALMHHSERLAIAFGIINTPPGTTIRVMKNLRICGDC
HNFIKILSSIEDREIIVRDNKRFHHFRDGNCSCGDYW
;
_entity_poly.pdbx_strand_id                 A 
_entity_poly.pdbx_target_identifier         ? 
# 
loop_
_pdbx_entity_nonpoly.entity_id 
_pdbx_entity_nonpoly.name 
_pdbx_entity_nonpoly.comp_id 
2 'ZINC ION'     ZN  
3 'SULFATE ION'  SO4 
4 GLYCEROL       GOL 
5 1,2-ETHANEDIOL EDO 
6 'ACETATE ION'  ACT 
7 water          HOH 
# 
loop_
_entity_poly_seq.entity_id 
_entity_poly_seq.num 
_entity_poly_seq.mon_id 
_entity_poly_seq.hetero 
1 1   LYS n 
1 2   LYS n 
1 3   ALA n 
1 4   ILE n 
1 5   VAL n 
1 6   ASP n 
1 7   ARG n 
1 8   SER n 
1 9   LYS n 
1 10  ALA n 
1 11  TYR n 
1 12  VAL n 
1 13  LYS n 
1 14  LEU n 
1 15  LYS n 
1 16  SER n 
1 17  LEU n 
1 18  GLY n 
1 19  LYS n 
1 20  GLU n 
1 21  VAL n 
1 22  ARG n 
1 23  ASP n 
1 24  ALA n 
1 25  GLY n 
1 26  TYR n 
1 27  VAL n 
1 28  PRO n 
1 29  GLU n 
1 30  THR n 
1 31  LYS n 
1 32  TYR n 
1 33  VAL n 
1 34  LEU n 
1 35  HIS n 
1 36  ASP n 
1 37  ILE n 
1 38  ASP n 
1 39  GLU n 
1 40  GLU n 
1 41  ALA n 
1 42  LYS n 
1 43  GLU n 
1 44  LYS n 
1 45  ALA n 
1 46  LEU n 
1 47  MET n 
1 48  HIS n 
1 49  HIS n 
1 50  SER n 
1 51  GLU n 
1 52  ARG n 
1 53  LEU n 
1 54  ALA n 
1 55  ILE n 
1 56  ALA n 
1 57  PHE n 
1 58  GLY n 
1 59  ILE n 
1 60  ILE n 
1 61  ASN n 
1 62  THR n 
1 63  PRO n 
1 64  PRO n 
1 65  GLY n 
1 66  THR n 
1 67  THR n 
1 68  ILE n 
1 69  ARG n 
1 70  VAL n 
1 71  MET n 
1 72  LYS n 
1 73  ASN n 
1 74  LEU n 
1 75  ARG n 
1 76  ILE n 
1 77  CYS n 
1 78  GLY n 
1 79  ASP n 
1 80  CYS n 
1 81  HIS n 
1 82  ASN n 
1 83  PHE n 
1 84  ILE n 
1 85  LYS n 
1 86  ILE n 
1 87  LEU n 
1 88  SER n 
1 89  SER n 
1 90  ILE n 
1 91  GLU n 
1 92  ASP n 
1 93  ARG n 
1 94  GLU n 
1 95  ILE n 
1 96  ILE n 
1 97  VAL n 
1 98  ARG n 
1 99  ASP n 
1 100 ASN n 
1 101 LYS n 
1 102 ARG n 
1 103 PHE n 
1 104 HIS n 
1 105 HIS n 
1 106 PHE n 
1 107 ARG n 
1 108 ASP n 
1 109 GLY n 
1 110 ASN n 
1 111 CYS n 
1 112 SER n 
1 113 CYS n 
1 114 GLY n 
1 115 ASP n 
1 116 TYR n 
1 117 TRP n 
# 
_entity_src_gen.entity_id                          1 
_entity_src_gen.pdbx_src_id                        1 
_entity_src_gen.pdbx_alt_source_flag               sample 
_entity_src_gen.pdbx_seq_type                      'Biological sequence' 
_entity_src_gen.pdbx_beg_seq_num                   1 
_entity_src_gen.pdbx_end_seq_num                   117 
_entity_src_gen.gene_src_common_name               'thale cress' 
_entity_src_gen.gene_src_genus                     ? 
_entity_src_gen.pdbx_gene_src_gene                 'DYW1, PCMP-H50, At1g47580, F16N3.14' 
_entity_src_gen.gene_src_species                   ? 
_entity_src_gen.gene_src_strain                    ? 
_entity_src_gen.gene_src_tissue                    ? 
_entity_src_gen.gene_src_tissue_fraction           ? 
_entity_src_gen.gene_src_details                   ? 
_entity_src_gen.pdbx_gene_src_fragment             ? 
_entity_src_gen.pdbx_gene_src_scientific_name      'Arabidopsis thaliana' 
_entity_src_gen.pdbx_gene_src_ncbi_taxonomy_id     3702 
_entity_src_gen.pdbx_gene_src_variant              ? 
_entity_src_gen.pdbx_gene_src_cell_line            ? 
_entity_src_gen.pdbx_gene_src_atcc                 ? 
_entity_src_gen.pdbx_gene_src_organ                ? 
_entity_src_gen.pdbx_gene_src_organelle            ? 
_entity_src_gen.pdbx_gene_src_cell                 ? 
_entity_src_gen.pdbx_gene_src_cellular_location    ? 
_entity_src_gen.host_org_common_name               ? 
_entity_src_gen.pdbx_host_org_scientific_name      'Escherichia coli' 
_entity_src_gen.pdbx_host_org_ncbi_taxonomy_id     562 
_entity_src_gen.host_org_genus                     ? 
_entity_src_gen.pdbx_host_org_gene                 ? 
_entity_src_gen.pdbx_host_org_organ                ? 
_entity_src_gen.host_org_species                   ? 
_entity_src_gen.pdbx_host_org_tissue               ? 
_entity_src_gen.pdbx_host_org_tissue_fraction      ? 
_entity_src_gen.pdbx_host_org_strain               ? 
_entity_src_gen.pdbx_host_org_variant              ? 
_entity_src_gen.pdbx_host_org_cell_line            ? 
_entity_src_gen.pdbx_host_org_atcc                 ? 
_entity_src_gen.pdbx_host_org_culture_collection   ? 
_entity_src_gen.pdbx_host_org_cell                 ? 
_entity_src_gen.pdbx_host_org_organelle            ? 
_entity_src_gen.pdbx_host_org_cellular_location    ? 
_entity_src_gen.pdbx_host_org_vector_type          ? 
_entity_src_gen.pdbx_host_org_vector               ? 
_entity_src_gen.host_org_details                   ? 
_entity_src_gen.expression_system_id               ? 
_entity_src_gen.plasmid_name                       ? 
_entity_src_gen.plasmid_details                    ? 
_entity_src_gen.pdbx_description                   ? 
# 
loop_
_chem_comp.id 
_chem_comp.type 
_chem_comp.mon_nstd_flag 
_chem_comp.name 
_chem_comp.pdbx_synonyms 
_chem_comp.formula 
_chem_comp.formula_weight 
ACT non-polymer         . 'ACETATE ION'   ?                               'C2 H3 O2 -1'    59.044  
ALA 'L-peptide linking' y ALANINE         ?                               'C3 H7 N O2'     89.093  
ARG 'L-peptide linking' y ARGININE        ?                               'C6 H15 N4 O2 1' 175.209 
ASN 'L-peptide linking' y ASPARAGINE      ?                               'C4 H8 N2 O3'    132.118 
ASP 'L-peptide linking' y 'ASPARTIC ACID' ?                               'C4 H7 N O4'     133.103 
CYS 'L-peptide linking' y CYSTEINE        ?                               'C3 H7 N O2 S'   121.158 
EDO non-polymer         . 1,2-ETHANEDIOL  'ETHYLENE GLYCOL'               'C2 H6 O2'       62.068  
GLU 'L-peptide linking' y 'GLUTAMIC ACID' ?                               'C5 H9 N O4'     147.129 
GLY 'peptide linking'   y GLYCINE         ?                               'C2 H5 N O2'     75.067  
GOL non-polymer         . GLYCEROL        'GLYCERIN; PROPANE-1,2,3-TRIOL' 'C3 H8 O3'       92.094  
HIS 'L-peptide linking' y HISTIDINE       ?                               'C6 H10 N3 O2 1' 156.162 
HOH non-polymer         . WATER           ?                               'H2 O'           18.015  
ILE 'L-peptide linking' y ISOLEUCINE      ?                               'C6 H13 N O2'    131.173 
LEU 'L-peptide linking' y LEUCINE         ?                               'C6 H13 N O2'    131.173 
LYS 'L-peptide linking' y LYSINE          ?                               'C6 H15 N2 O2 1' 147.195 
MET 'L-peptide linking' y METHIONINE      ?                               'C5 H11 N O2 S'  149.211 
PHE 'L-peptide linking' y PHENYLALANINE   ?                               'C9 H11 N O2'    165.189 
PRO 'L-peptide linking' y PROLINE         ?                               'C5 H9 N O2'     115.130 
SER 'L-peptide linking' y SERINE          ?                               'C3 H7 N O3'     105.093 
SO4 non-polymer         . 'SULFATE ION'   ?                               'O4 S -2'        96.063  
THR 'L-peptide linking' y THREONINE       ?                               'C4 H9 N O3'     119.119 
TRP 'L-peptide linking' y TRYPTOPHAN      ?                               'C11 H12 N2 O2'  204.225 
TYR 'L-peptide linking' y TYROSINE        ?                               'C9 H11 N O3'    181.189 
VAL 'L-peptide linking' y VALINE          ?                               'C5 H11 N O2'    117.146 
ZN  non-polymer         . 'ZINC ION'      ?                               'Zn 2'           65.409  
# 
loop_
_pdbx_poly_seq_scheme.asym_id 
_pdbx_poly_seq_scheme.entity_id 
_pdbx_poly_seq_scheme.seq_id 
_pdbx_poly_seq_scheme.mon_id 
_pdbx_poly_seq_scheme.ndb_seq_num 
_pdbx_poly_seq_scheme.pdb_seq_num 
_pdbx_poly_seq_scheme.auth_seq_num 
_pdbx_poly_seq_scheme.pdb_mon_id 
_pdbx_poly_seq_scheme.auth_mon_id 
_pdbx_poly_seq_scheme.pdb_strand_id 
_pdbx_poly_seq_scheme.pdb_ins_code 
_pdbx_poly_seq_scheme.hetero 
A 1 1   LYS 1   123 123 LYS LYS A . n 
A 1 2   LYS 2   124 124 LYS LYS A . n 
A 1 3   ALA 3   125 125 ALA ALA A . n 
A 1 4   ILE 4   126 126 ILE ILE A . n 
A 1 5   VAL 5   127 127 VAL VAL A . n 
A 1 6   ASP 6   128 128 ASP ASP A . n 
A 1 7   ARG 7   129 129 ARG ARG A . n 
A 1 8   SER 8   130 130 SER SER A . n 
A 1 9   LYS 9   131 131 LYS LYS A . n 
A 1 10  ALA 10  132 132 ALA ALA A . n 
A 1 11  TYR 11  133 133 TYR TYR A . n 
A 1 12  VAL 12  134 134 VAL VAL A . n 
A 1 13  LYS 13  135 135 LYS LYS A . n 
A 1 14  LEU 14  136 136 LEU LEU A . n 
A 1 15  LYS 15  137 137 LYS LYS A . n 
A 1 16  SER 16  138 138 SER SER A . n 
A 1 17  LEU 17  139 139 LEU LEU A . n 
A 1 18  GLY 18  140 140 GLY GLY A . n 
A 1 19  LYS 19  141 141 LYS LYS A . n 
A 1 20  GLU 20  142 142 GLU GLU A . n 
A 1 21  VAL 21  143 143 VAL VAL A . n 
A 1 22  ARG 22  144 144 ARG ARG A . n 
A 1 23  ASP 23  145 145 ASP ASP A . n 
A 1 24  ALA 24  146 146 ALA ALA A . n 
A 1 25  GLY 25  147 147 GLY GLY A . n 
A 1 26  TYR 26  148 148 TYR TYR A . n 
A 1 27  VAL 27  149 149 VAL VAL A . n 
A 1 28  PRO 28  150 150 PRO PRO A . n 
A 1 29  GLU 29  151 151 GLU GLU A . n 
A 1 30  THR 30  152 152 THR THR A . n 
A 1 31  LYS 31  153 153 LYS LYS A . n 
A 1 32  TYR 32  154 154 TYR TYR A . n 
A 1 33  VAL 33  155 155 VAL VAL A . n 
A 1 34  LEU 34  156 156 LEU LEU A . n 
A 1 35  HIS 35  157 157 HIS HIS A . n 
A 1 36  ASP 36  158 158 ASP ASP A . n 
A 1 37  ILE 37  159 159 ILE ILE A . n 
A 1 38  ASP 38  160 160 ASP ASP A . n 
A 1 39  GLU 39  161 161 GLU GLU A . n 
A 1 40  GLU 40  162 162 GLU GLU A . n 
A 1 41  ALA 41  163 163 ALA ALA A . n 
A 1 42  LYS 42  164 164 LYS LYS A . n 
A 1 43  GLU 43  165 165 GLU GLU A . n 
A 1 44  LYS 44  166 166 LYS LYS A . n 
A 1 45  ALA 45  167 167 ALA ALA A . n 
A 1 46  LEU 46  168 168 LEU LEU A . n 
A 1 47  MET 47  169 169 MET MET A . n 
A 1 48  HIS 48  170 170 HIS HIS A . n 
A 1 49  HIS 49  171 171 HIS HIS A . n 
A 1 50  SER 50  172 172 SER SER A . n 
A 1 51  GLU 51  173 173 GLU GLU A . n 
A 1 52  ARG 52  174 174 ARG ARG A . n 
A 1 53  LEU 53  175 175 LEU LEU A . n 
A 1 54  ALA 54  176 176 ALA ALA A . n 
A 1 55  ILE 55  177 177 ILE ILE A . n 
A 1 56  ALA 56  178 178 ALA ALA A . n 
A 1 57  PHE 57  179 179 PHE PHE A . n 
A 1 58  GLY 58  180 180 GLY GLY A . n 
A 1 59  ILE 59  181 181 ILE ILE A . n 
A 1 60  ILE 60  182 182 ILE ILE A . n 
A 1 61  ASN 61  183 183 ASN ASN A . n 
A 1 62  THR 62  184 184 THR THR A . n 
A 1 63  PRO 63  185 185 PRO PRO A . n 
A 1 64  PRO 64  186 186 PRO PRO A . n 
A 1 65  GLY 65  187 187 GLY GLY A . n 
A 1 66  THR 66  188 188 THR THR A . n 
A 1 67  THR 67  189 189 THR THR A . n 
A 1 68  ILE 68  190 190 ILE ILE A . n 
A 1 69  ARG 69  191 191 ARG ARG A . n 
A 1 70  VAL 70  192 192 VAL VAL A . n 
A 1 71  MET 71  193 193 MET MET A . n 
A 1 72  LYS 72  194 194 LYS LYS A . n 
A 1 73  ASN 73  195 195 ASN ASN A . n 
A 1 74  LEU 74  196 196 LEU LEU A . n 
A 1 75  ARG 75  197 197 ARG ARG A . n 
A 1 76  ILE 76  198 198 ILE ILE A . n 
A 1 77  CYS 77  199 199 CYS CYS A . n 
A 1 78  GLY 78  200 200 GLY GLY A . n 
A 1 79  ASP 79  201 201 ASP ASP A . n 
A 1 80  CYS 80  202 202 CYS CYS A . n 
A 1 81  HIS 81  203 203 HIS HIS A . n 
A 1 82  ASN 82  204 204 ASN ASN A . n 
A 1 83  PHE 83  205 205 PHE PHE A . n 
A 1 84  ILE 84  206 206 ILE ILE A . n 
A 1 85  LYS 85  207 207 LYS LYS A . n 
A 1 86  ILE 86  208 208 ILE ILE A . n 
A 1 87  LEU 87  209 209 LEU LEU A . n 
A 1 88  SER 88  210 210 SER SER A . n 
A 1 89  SER 89  211 211 SER SER A . n 
A 1 90  ILE 90  212 212 ILE ILE A . n 
A 1 91  GLU 91  213 213 GLU GLU A . n 
A 1 92  ASP 92  214 214 ASP ASP A . n 
A 1 93  ARG 93  215 215 ARG ARG A . n 
A 1 94  GLU 94  216 216 GLU GLU A . n 
A 1 95  ILE 95  217 217 ILE ILE A . n 
A 1 96  ILE 96  218 218 ILE ILE A . n 
A 1 97  VAL 97  219 219 VAL VAL A . n 
A 1 98  ARG 98  220 220 ARG ARG A . n 
A 1 99  ASP 99  221 221 ASP ASP A . n 
A 1 100 ASN 100 222 222 ASN ASN A . n 
A 1 101 LYS 101 223 223 LYS LYS A . n 
A 1 102 ARG 102 224 224 ARG ARG A . n 
A 1 103 PHE 103 225 225 PHE PHE A . n 
A 1 104 HIS 104 226 226 HIS HIS A . n 
A 1 105 HIS 105 227 227 HIS HIS A . n 
A 1 106 PHE 106 228 228 PHE PHE A . n 
A 1 107 ARG 107 229 229 ARG ARG A . n 
A 1 108 ASP 108 230 230 ASP ASP A . n 
A 1 109 GLY 109 231 231 GLY GLY A . n 
A 1 110 ASN 110 232 232 ASN ASN A . n 
A 1 111 CYS 111 233 233 CYS CYS A . n 
A 1 112 SER 112 234 234 SER SER A . n 
A 1 113 CYS 113 235 235 CYS CYS A . n 
A 1 114 GLY 114 236 236 GLY GLY A . n 
A 1 115 ASP 115 237 237 ASP ASP A . n 
A 1 116 TYR 116 238 238 TYR TYR A . n 
A 1 117 TRP 117 239 239 TRP TRP A . n 
# 
loop_
_pdbx_nonpoly_scheme.asym_id 
_pdbx_nonpoly_scheme.entity_id 
_pdbx_nonpoly_scheme.mon_id 
_pdbx_nonpoly_scheme.ndb_seq_num 
_pdbx_nonpoly_scheme.pdb_seq_num 
_pdbx_nonpoly_scheme.auth_seq_num 
_pdbx_nonpoly_scheme.pdb_mon_id 
_pdbx_nonpoly_scheme.auth_mon_id 
_pdbx_nonpoly_scheme.pdb_strand_id 
_pdbx_nonpoly_scheme.pdb_ins_code 
B 2 ZN  1  301 1   ZN  ZN  A . 
C 2 ZN  1  302 3   ZN  ZN  A . 
D 2 ZN  1  303 4   ZN  ZN  A . 
E 3 SO4 1  304 1   SO4 SO4 A . 
F 4 GOL 1  305 2   GOL GOL A . 
G 5 EDO 1  306 3   EDO EDO A . 
H 6 ACT 1  307 5   ACT ACT A . 
I 5 EDO 1  308 6   EDO EDO A . 
J 6 ACT 1  309 7   ACT ACT A . 
K 4 GOL 1  310 9   GOL GOL A . 
L 5 EDO 1  311 10  EDO EDO A . 
M 5 EDO 1  312 11  EDO EDO A . 
N 5 EDO 1  313 12  EDO EDO A . 
O 6 ACT 1  314 13  ACT ACT A . 
P 5 EDO 1  315 14  EDO EDO A . 
Q 4 GOL 1  316 16  GOL GOL A . 
R 5 EDO 1  317 17  EDO EDO A . 
S 5 EDO 1  318 18  EDO EDO A . 
T 4 GOL 1  319 19  GOL GOL A . 
U 5 EDO 1  320 20  EDO EDO A . 
V 5 EDO 1  321 21  EDO EDO A . 
W 7 HOH 1  401 113 HOH HOH A . 
W 7 HOH 2  402 75  HOH HOH A . 
W 7 HOH 3  403 72  HOH HOH A . 
W 7 HOH 4  404 43  HOH HOH A . 
W 7 HOH 5  405 14  HOH HOH A . 
W 7 HOH 6  406 77  HOH HOH A . 
W 7 HOH 7  407 63  HOH HOH A . 
W 7 HOH 8  408 10  HOH HOH A . 
W 7 HOH 9  409 53  HOH HOH A . 
W 7 HOH 10 410 52  HOH HOH A . 
W 7 HOH 11 411 5   HOH HOH A . 
W 7 HOH 12 412 4   HOH HOH A . 
W 7 HOH 13 413 3   HOH HOH A . 
W 7 HOH 14 414 15  HOH HOH A . 
W 7 HOH 15 415 28  HOH HOH A . 
W 7 HOH 16 416 22  HOH HOH A . 
W 7 HOH 17 417 41  HOH HOH A . 
W 7 HOH 18 418 19  HOH HOH A . 
W 7 HOH 19 419 69  HOH HOH A . 
W 7 HOH 20 420 33  HOH HOH A . 
W 7 HOH 21 421 78  HOH HOH A . 
W 7 HOH 22 422 49  HOH HOH A . 
W 7 HOH 23 423 88  HOH HOH A . 
W 7 HOH 24 424 57  HOH HOH A . 
W 7 HOH 25 425 62  HOH HOH A . 
W 7 HOH 26 426 85  HOH HOH A . 
W 7 HOH 27 427 65  HOH HOH A . 
W 7 HOH 28 428 59  HOH HOH A . 
W 7 HOH 29 429 23  HOH HOH A . 
W 7 HOH 30 430 112 HOH HOH A . 
W 7 HOH 31 431 16  HOH HOH A . 
W 7 HOH 32 432 71  HOH HOH A . 
W 7 HOH 33 433 50  HOH HOH A . 
W 7 HOH 34 434 115 HOH HOH A . 
W 7 HOH 35 435 73  HOH HOH A . 
W 7 HOH 36 436 114 HOH HOH A . 
# 
loop_
_pdbx_unobs_or_zero_occ_atoms.id 
_pdbx_unobs_or_zero_occ_atoms.PDB_model_num 
_pdbx_unobs_or_zero_occ_atoms.polymer_flag 
_pdbx_unobs_or_zero_occ_atoms.occupancy_flag 
_pdbx_unobs_or_zero_occ_atoms.auth_asym_id 
_pdbx_unobs_or_zero_occ_atoms.auth_comp_id 
_pdbx_unobs_or_zero_occ_atoms.auth_seq_id 
_pdbx_unobs_or_zero_occ_atoms.PDB_ins_code 
_pdbx_unobs_or_zero_occ_atoms.auth_atom_id 
_pdbx_unobs_or_zero_occ_atoms.label_alt_id 
_pdbx_unobs_or_zero_occ_atoms.label_asym_id 
_pdbx_unobs_or_zero_occ_atoms.label_comp_id 
_pdbx_unobs_or_zero_occ_atoms.label_seq_id 
_pdbx_unobs_or_zero_occ_atoms.label_atom_id 
1 1 Y 1 A TYR 154 ? CG  ? A TYR 32 CG  
2 1 Y 1 A TYR 154 ? CD1 ? A TYR 32 CD1 
3 1 Y 1 A TYR 154 ? CD2 ? A TYR 32 CD2 
4 1 Y 1 A TYR 154 ? CE1 ? A TYR 32 CE1 
5 1 Y 1 A TYR 154 ? CE2 ? A TYR 32 CE2 
6 1 Y 1 A TYR 154 ? CZ  ? A TYR 32 CZ  
7 1 Y 1 A TYR 154 ? OH  ? A TYR 32 OH  
# 
loop_
_software.citation_id 
_software.classification 
_software.compiler_name 
_software.compiler_version 
_software.contact_author 
_software.contact_author_email 
_software.date 
_software.description 
_software.dependencies 
_software.hardware 
_software.language 
_software.location 
_software.mods 
_software.name 
_software.os 
_software.os_version 
_software.type 
_software.version 
_software.pdbx_ordinal 
? refinement       ? ? ? ? ? ? ? ? ? ? ? REFMAC  ? ? ? 5.8.0267 1 
? 'data reduction' ? ? ? ? ? ? ? ? ? ? ? XDS     ? ? ? .        2 
? 'data scaling'   ? ? ? ? ? ? ? ? ? ? ? Aimless ? ? ? .        3 
? phasing          ? ? ? ? ? ? ? ? ? ? ? MOLREP  ? ? ? .        4 
# 
_cell.angle_alpha                  90.00 
_cell.angle_alpha_esd              ? 
_cell.angle_beta                   98.04 
_cell.angle_beta_esd               ? 
_cell.angle_gamma                  90.00 
_cell.angle_gamma_esd              ? 
_cell.entry_id                     7W86 
_cell.details                      ? 
_cell.formula_units_Z              ? 
_cell.length_a                     32.945 
_cell.length_a_esd                 ? 
_cell.length_b                     45.165 
_cell.length_b_esd                 ? 
_cell.length_c                     37.023 
_cell.length_c_esd                 ? 
_cell.volume                       ? 
_cell.volume_esd                   ? 
_cell.Z_PDB                        2 
_cell.reciprocal_angle_alpha       ? 
_cell.reciprocal_angle_beta        ? 
_cell.reciprocal_angle_gamma       ? 
_cell.reciprocal_angle_alpha_esd   ? 
_cell.reciprocal_angle_beta_esd    ? 
_cell.reciprocal_angle_gamma_esd   ? 
_cell.reciprocal_length_a          ? 
_cell.reciprocal_length_b          ? 
_cell.reciprocal_length_c          ? 
_cell.reciprocal_length_a_esd      ? 
_cell.reciprocal_length_b_esd      ? 
_cell.reciprocal_length_c_esd      ? 
_cell.pdbx_unique_axis             ? 
_cell.pdbx_esd_method              ? 
# 
_symmetry.entry_id                         7W86 
_symmetry.cell_setting                     ? 
_symmetry.Int_Tables_number                4 
_symmetry.space_group_name_Hall            ? 
_symmetry.space_group_name_H-M             'P 1 21 1' 
_symmetry.pdbx_full_space_group_name_H-M   ? 
# 
_exptl.absorpt_coefficient_mu     ? 
_exptl.absorpt_correction_T_max   ? 
_exptl.absorpt_correction_T_min   ? 
_exptl.absorpt_correction_type    ? 
_exptl.absorpt_process_details    ? 
_exptl.entry_id                   7W86 
_exptl.crystals_number            1 
_exptl.details                    ? 
_exptl.method                     'X-RAY DIFFRACTION' 
_exptl.method_details             ? 
# 
_exptl_crystal.colour                       ? 
_exptl_crystal.density_diffrn               ? 
_exptl_crystal.density_Matthews             1.86 
_exptl_crystal.density_method               ? 
_exptl_crystal.density_percent_sol          39.06 
_exptl_crystal.description                  ? 
_exptl_crystal.F_000                        ? 
_exptl_crystal.id                           1 
_exptl_crystal.preparation                  ? 
_exptl_crystal.size_max                     ? 
_exptl_crystal.size_mid                     ? 
_exptl_crystal.size_min                     ? 
_exptl_crystal.size_rad                     ? 
_exptl_crystal.colour_lustre                ? 
_exptl_crystal.colour_modifier              ? 
_exptl_crystal.colour_primary               ? 
_exptl_crystal.density_meas                 ? 
_exptl_crystal.density_meas_esd             ? 
_exptl_crystal.density_meas_gt              ? 
_exptl_crystal.density_meas_lt              ? 
_exptl_crystal.density_meas_temp            ? 
_exptl_crystal.density_meas_temp_esd        ? 
_exptl_crystal.density_meas_temp_gt         ? 
_exptl_crystal.density_meas_temp_lt         ? 
_exptl_crystal.pdbx_crystal_image_url       ? 
_exptl_crystal.pdbx_crystal_image_format    ? 
_exptl_crystal.pdbx_mosaicity               ? 
_exptl_crystal.pdbx_mosaicity_esd           ? 
_exptl_crystal.pdbx_mosaic_method           ? 
_exptl_crystal.pdbx_mosaic_block_size       ? 
_exptl_crystal.pdbx_mosaic_block_size_esd   ? 
# 
_exptl_crystal_grow.apparatus       ? 
_exptl_crystal_grow.atmosphere      ? 
_exptl_crystal_grow.crystal_id      1 
_exptl_crystal_grow.details         ? 
_exptl_crystal_grow.method          'VAPOR DIFFUSION, SITTING DROP' 
_exptl_crystal_grow.method_ref      ? 
_exptl_crystal_grow.pH              ? 
_exptl_crystal_grow.pressure        ? 
_exptl_crystal_grow.pressure_esd    ? 
_exptl_crystal_grow.seeding         ? 
_exptl_crystal_grow.seeding_ref     ? 
_exptl_crystal_grow.temp            293 
_exptl_crystal_grow.temp_details    ? 
_exptl_crystal_grow.temp_esd        ? 
_exptl_crystal_grow.time            ? 
_exptl_crystal_grow.pdbx_details    '0.1 M Hepes pH 7.5, 0.1 M Sodium Acetate, 0.2 M Lithium sulfate, 25%(w/v) PEG4000' 
_exptl_crystal_grow.pdbx_pH_range   ? 
# 
_diffrn.ambient_environment              ? 
_diffrn.ambient_temp                     100 
_diffrn.ambient_temp_details             ? 
_diffrn.ambient_temp_esd                 ? 
_diffrn.crystal_id                       1 
_diffrn.crystal_support                  ? 
_diffrn.crystal_treatment                ? 
_diffrn.details                          ? 
_diffrn.id                               1 
_diffrn.ambient_pressure                 ? 
_diffrn.ambient_pressure_esd             ? 
_diffrn.ambient_pressure_gt              ? 
_diffrn.ambient_pressure_lt              ? 
_diffrn.ambient_temp_gt                  ? 
_diffrn.ambient_temp_lt                  ? 
_diffrn.pdbx_serial_crystal_experiment   N 
# 
_diffrn_detector.details                      ? 
_diffrn_detector.detector                     PIXEL 
_diffrn_detector.diffrn_id                    1 
_diffrn_detector.type                         'DECTRIS PILATUS 2M' 
_diffrn_detector.area_resol_mean              ? 
_diffrn_detector.dtime                        ? 
_diffrn_detector.pdbx_frames_total            ? 
_diffrn_detector.pdbx_collection_time_total   ? 
_diffrn_detector.pdbx_collection_date         2017-12-11 
_diffrn_detector.pdbx_frequency               ? 
# 
_diffrn_radiation.collimation                      ? 
_diffrn_radiation.diffrn_id                        1 
_diffrn_radiation.filter_edge                      ? 
_diffrn_radiation.inhomogeneity                    ? 
_diffrn_radiation.monochromator                    ? 
_diffrn_radiation.polarisn_norm                    ? 
_diffrn_radiation.polarisn_ratio                   ? 
_diffrn_radiation.probe                            ? 
_diffrn_radiation.type                             ? 
_diffrn_radiation.xray_symbol                      ? 
_diffrn_radiation.wavelength_id                    1 
_diffrn_radiation.pdbx_monochromatic_or_laue_m_l   M 
_diffrn_radiation.pdbx_wavelength_list             ? 
_diffrn_radiation.pdbx_wavelength                  ? 
_diffrn_radiation.pdbx_diffrn_protocol             'SINGLE WAVELENGTH' 
_diffrn_radiation.pdbx_analyzer                    ? 
_diffrn_radiation.pdbx_scattering_type             x-ray 
# 
_diffrn_radiation_wavelength.id           1 
_diffrn_radiation_wavelength.wavelength   1.28242 
_diffrn_radiation_wavelength.wt           1.0 
# 
_diffrn_source.current                     ? 
_diffrn_source.details                     ? 
_diffrn_source.diffrn_id                   1 
_diffrn_source.power                       ? 
_diffrn_source.size                        ? 
_diffrn_source.source                      SYNCHROTRON 
_diffrn_source.target                      ? 
_diffrn_source.type                        'PHOTON FACTORY BEAMLINE BL-17A' 
_diffrn_source.voltage                     ? 
_diffrn_source.take-off_angle              ? 
_diffrn_source.pdbx_wavelength_list        1.28242 
_diffrn_source.pdbx_wavelength             ? 
_diffrn_source.pdbx_synchrotron_beamline   BL-17A 
_diffrn_source.pdbx_synchrotron_site       'Photon Factory' 
# 
_reflns.B_iso_Wilson_estimate                          ? 
_reflns.entry_id                                       7W86 
_reflns.data_reduction_details                         ? 
_reflns.data_reduction_method                          ? 
_reflns.d_resolution_high                              1.80 
_reflns.d_resolution_low                               45.17 
_reflns.details                                        ? 
_reflns.limit_h_max                                    ? 
_reflns.limit_h_min                                    ? 
_reflns.limit_k_max                                    ? 
_reflns.limit_k_min                                    ? 
_reflns.limit_l_max                                    ? 
_reflns.limit_l_min                                    ? 
_reflns.number_all                                     ? 
_reflns.number_obs                                     10107 
_reflns.observed_criterion                             ? 
_reflns.observed_criterion_F_max                       ? 
_reflns.observed_criterion_F_min                       ? 
_reflns.observed_criterion_I_max                       ? 
_reflns.observed_criterion_I_min                       ? 
_reflns.observed_criterion_sigma_F                     ? 
_reflns.observed_criterion_sigma_I                     ? 
_reflns.percent_possible_obs                           100 
_reflns.R_free_details                                 ? 
_reflns.Rmerge_F_all                                   ? 
_reflns.Rmerge_F_obs                                   ? 
_reflns.Friedel_coverage                               ? 
_reflns.number_gt                                      ? 
_reflns.threshold_expression                           ? 
_reflns.pdbx_redundancy                                6.6 
_reflns.pdbx_Rmerge_I_obs                              ? 
_reflns.pdbx_Rmerge_I_all                              ? 
_reflns.pdbx_Rsym_value                                ? 
_reflns.pdbx_netI_over_av_sigmaI                       ? 
_reflns.pdbx_netI_over_sigmaI                          12.8 
_reflns.pdbx_res_netI_over_av_sigmaI_2                 ? 
_reflns.pdbx_res_netI_over_sigmaI_2                    ? 
_reflns.pdbx_chi_squared                               ? 
_reflns.pdbx_scaling_rejects                           ? 
_reflns.pdbx_d_res_high_opt                            ? 
_reflns.pdbx_d_res_low_opt                             ? 
_reflns.pdbx_d_res_opt_method                          ? 
_reflns.phase_calculation_details                      ? 
_reflns.pdbx_Rrim_I_all                                ? 
_reflns.pdbx_Rpim_I_all                                ? 
_reflns.pdbx_d_opt                                     ? 
_reflns.pdbx_number_measured_all                       ? 
_reflns.pdbx_diffrn_id                                 1 
_reflns.pdbx_ordinal                                   1 
_reflns.pdbx_CC_half                                   0.998 
_reflns.pdbx_CC_star                                   ? 
_reflns.pdbx_R_split                                   ? 
_reflns.pdbx_aniso_diffraction_limit_axis_1_ortho[1]   ? 
_reflns.pdbx_aniso_diffraction_limit_axis_1_ortho[2]   ? 
_reflns.pdbx_aniso_diffraction_limit_axis_1_ortho[3]   ? 
_reflns.pdbx_aniso_diffraction_limit_axis_2_ortho[1]   ? 
_reflns.pdbx_aniso_diffraction_limit_axis_2_ortho[2]   ? 
_reflns.pdbx_aniso_diffraction_limit_axis_2_ortho[3]   ? 
_reflns.pdbx_aniso_diffraction_limit_axis_3_ortho[1]   ? 
_reflns.pdbx_aniso_diffraction_limit_axis_3_ortho[2]   ? 
_reflns.pdbx_aniso_diffraction_limit_axis_3_ortho[3]   ? 
_reflns.pdbx_aniso_diffraction_limit_1                 ? 
_reflns.pdbx_aniso_diffraction_limit_2                 ? 
_reflns.pdbx_aniso_diffraction_limit_3                 ? 
_reflns.pdbx_aniso_B_tensor_eigenvector_1_ortho[1]     ? 
_reflns.pdbx_aniso_B_tensor_eigenvector_1_ortho[2]     ? 
_reflns.pdbx_aniso_B_tensor_eigenvector_1_ortho[3]     ? 
_reflns.pdbx_aniso_B_tensor_eigenvector_2_ortho[1]     ? 
_reflns.pdbx_aniso_B_tensor_eigenvector_2_ortho[2]     ? 
_reflns.pdbx_aniso_B_tensor_eigenvector_2_ortho[3]     ? 
_reflns.pdbx_aniso_B_tensor_eigenvector_3_ortho[1]     ? 
_reflns.pdbx_aniso_B_tensor_eigenvector_3_ortho[2]     ? 
_reflns.pdbx_aniso_B_tensor_eigenvector_3_ortho[3]     ? 
_reflns.pdbx_aniso_B_tensor_eigenvalue_1               ? 
_reflns.pdbx_aniso_B_tensor_eigenvalue_2               ? 
_reflns.pdbx_aniso_B_tensor_eigenvalue_3               ? 
_reflns.pdbx_orthogonalization_convention              ? 
_reflns.pdbx_percent_possible_ellipsoidal              ? 
_reflns.pdbx_percent_possible_spherical                ? 
_reflns.pdbx_percent_possible_ellipsoidal_anomalous    ? 
_reflns.pdbx_percent_possible_spherical_anomalous      ? 
_reflns.pdbx_redundancy_anomalous                      ? 
_reflns.pdbx_CC_half_anomalous                         ? 
_reflns.pdbx_absDiff_over_sigma_anomalous              ? 
_reflns.pdbx_percent_possible_anomalous                ? 
_reflns.pdbx_observed_signal_threshold                 ? 
_reflns.pdbx_signal_type                               ? 
_reflns.pdbx_signal_details                            ? 
_reflns.pdbx_signal_software_id                        ? 
_reflns.pdbx_CC_split_method                           ? 
# 
_reflns_shell.d_res_high                                    1.80 
_reflns_shell.d_res_low                                     1.84 
_reflns_shell.meanI_over_sigI_all                           ? 
_reflns_shell.meanI_over_sigI_obs                           ? 
_reflns_shell.number_measured_all                           ? 
_reflns_shell.number_measured_obs                           ? 
_reflns_shell.number_possible                               ? 
_reflns_shell.number_unique_all                             ? 
_reflns_shell.number_unique_obs                             616 
_reflns_shell.percent_possible_all                          ? 
_reflns_shell.percent_possible_obs                          ? 
_reflns_shell.Rmerge_F_all                                  ? 
_reflns_shell.Rmerge_F_obs                                  ? 
_reflns_shell.Rmerge_I_all                                  ? 
_reflns_shell.Rmerge_I_obs                                  ? 
_reflns_shell.meanI_over_sigI_gt                            ? 
_reflns_shell.meanI_over_uI_all                             ? 
_reflns_shell.meanI_over_uI_gt                              ? 
_reflns_shell.number_measured_gt                            ? 
_reflns_shell.number_unique_gt                              ? 
_reflns_shell.percent_possible_gt                           ? 
_reflns_shell.Rmerge_F_gt                                   ? 
_reflns_shell.Rmerge_I_gt                                   ? 
_reflns_shell.pdbx_redundancy                               ? 
_reflns_shell.pdbx_Rsym_value                               ? 
_reflns_shell.pdbx_chi_squared                              ? 
_reflns_shell.pdbx_netI_over_sigmaI_all                     ? 
_reflns_shell.pdbx_netI_over_sigmaI_obs                     ? 
_reflns_shell.pdbx_Rrim_I_all                               ? 
_reflns_shell.pdbx_Rpim_I_all                               ? 
_reflns_shell.pdbx_rejects                                  ? 
_reflns_shell.pdbx_ordinal                                  1 
_reflns_shell.pdbx_diffrn_id                                1 
_reflns_shell.pdbx_CC_half                                  0.625 
_reflns_shell.pdbx_CC_star                                  ? 
_reflns_shell.pdbx_R_split                                  ? 
_reflns_shell.pdbx_percent_possible_ellipsoidal             ? 
_reflns_shell.pdbx_percent_possible_spherical               ? 
_reflns_shell.pdbx_percent_possible_ellipsoidal_anomalous   ? 
_reflns_shell.pdbx_percent_possible_spherical_anomalous     ? 
_reflns_shell.pdbx_redundancy_anomalous                     ? 
_reflns_shell.pdbx_CC_half_anomalous                        ? 
_reflns_shell.pdbx_absDiff_over_sigma_anomalous             ? 
_reflns_shell.pdbx_percent_possible_anomalous               ? 
# 
_refine.aniso_B[1][1]                            0.00 
_refine.aniso_B[1][2]                            -0.00 
_refine.aniso_B[1][3]                            0.03 
_refine.aniso_B[2][2]                            -0.02 
_refine.aniso_B[2][3]                            -0.00 
_refine.aniso_B[3][3]                            0.01 
_refine.B_iso_max                                ? 
_refine.B_iso_mean                               29.560 
_refine.B_iso_min                                ? 
_refine.correlation_coeff_Fo_to_Fc               0.963 
_refine.correlation_coeff_Fo_to_Fc_free          0.930 
_refine.details                                  'HYDROGENS HAVE BEEN ADDED IN THE RIDING POSITIONS' 
_refine.diff_density_max                         ? 
_refine.diff_density_max_esd                     ? 
_refine.diff_density_min                         ? 
_refine.diff_density_min_esd                     ? 
_refine.diff_density_rms                         ? 
_refine.diff_density_rms_esd                     ? 
_refine.entry_id                                 7W86 
_refine.pdbx_refine_id                           'X-RAY DIFFRACTION' 
_refine.ls_abs_structure_details                 ? 
_refine.ls_abs_structure_Flack                   ? 
_refine.ls_abs_structure_Flack_esd               ? 
_refine.ls_abs_structure_Rogers                  ? 
_refine.ls_abs_structure_Rogers_esd              ? 
_refine.ls_d_res_high                            1.80 
_refine.ls_d_res_low                             36.66 
_refine.ls_extinction_coef                       ? 
_refine.ls_extinction_coef_esd                   ? 
_refine.ls_extinction_expression                 ? 
_refine.ls_extinction_method                     ? 
_refine.ls_goodness_of_fit_all                   ? 
_refine.ls_goodness_of_fit_all_esd               ? 
_refine.ls_goodness_of_fit_obs                   ? 
_refine.ls_goodness_of_fit_obs_esd               ? 
_refine.ls_hydrogen_treatment                    ? 
_refine.ls_matrix_type                           ? 
_refine.ls_number_constraints                    ? 
_refine.ls_number_parameters                     ? 
_refine.ls_number_reflns_all                     ? 
_refine.ls_number_reflns_obs                     9586 
_refine.ls_number_reflns_R_free                  507 
_refine.ls_number_reflns_R_work                  ? 
_refine.ls_number_restraints                     ? 
_refine.ls_percent_reflns_obs                    99.98 
_refine.ls_percent_reflns_R_free                 5.0 
_refine.ls_R_factor_all                          ? 
_refine.ls_R_factor_obs                          0.18029 
_refine.ls_R_factor_R_free                       0.23365 
_refine.ls_R_factor_R_free_error                 ? 
_refine.ls_R_factor_R_free_error_details         ? 
_refine.ls_R_factor_R_work                       0.17729 
_refine.ls_R_Fsqd_factor_obs                     ? 
_refine.ls_R_I_factor_obs                        ? 
_refine.ls_redundancy_reflns_all                 ? 
_refine.ls_redundancy_reflns_obs                 ? 
_refine.ls_restrained_S_all                      ? 
_refine.ls_restrained_S_obs                      ? 
_refine.ls_shift_over_esd_max                    ? 
_refine.ls_shift_over_esd_mean                   ? 
_refine.ls_structure_factor_coef                 ? 
_refine.ls_weighting_details                     ? 
_refine.ls_weighting_scheme                      ? 
_refine.ls_wR_factor_all                         ? 
_refine.ls_wR_factor_obs                         ? 
_refine.ls_wR_factor_R_free                      ? 
_refine.ls_wR_factor_R_work                      ? 
_refine.occupancy_max                            ? 
_refine.occupancy_min                            ? 
_refine.solvent_model_details                    MASK 
_refine.solvent_model_param_bsol                 ? 
_refine.solvent_model_param_ksol                 ? 
_refine.pdbx_R_complete                          ? 
_refine.ls_R_factor_gt                           ? 
_refine.ls_goodness_of_fit_gt                    ? 
_refine.ls_goodness_of_fit_ref                   ? 
_refine.ls_shift_over_su_max                     ? 
_refine.ls_shift_over_su_max_lt                  ? 
_refine.ls_shift_over_su_mean                    ? 
_refine.ls_shift_over_su_mean_lt                 ? 
_refine.pdbx_ls_sigma_I                          ? 
_refine.pdbx_ls_sigma_F                          ? 
_refine.pdbx_ls_sigma_Fsqd                       ? 
_refine.pdbx_data_cutoff_high_absF               ? 
_refine.pdbx_data_cutoff_high_rms_absF           ? 
_refine.pdbx_data_cutoff_low_absF                ? 
_refine.pdbx_isotropic_thermal_model             ? 
_refine.pdbx_ls_cross_valid_method               THROUGHOUT 
_refine.pdbx_method_to_determine_struct          SAD 
_refine.pdbx_starting_model                      ? 
_refine.pdbx_stereochemistry_target_values       'MAXIMUM LIKELIHOOD' 
_refine.pdbx_R_Free_selection_details            RANDOM 
_refine.pdbx_stereochem_target_val_spec_case     ? 
_refine.pdbx_overall_ESU_R                       0.145 
_refine.pdbx_overall_ESU_R_Free                  0.143 
_refine.pdbx_solvent_vdw_probe_radii             1.20 
_refine.pdbx_solvent_ion_probe_radii             0.80 
_refine.pdbx_solvent_shrinkage_radii             0.80 
_refine.pdbx_real_space_R                        ? 
_refine.pdbx_density_correlation                 ? 
_refine.pdbx_pd_number_of_powder_patterns        ? 
_refine.pdbx_pd_number_of_points                 ? 
_refine.pdbx_pd_meas_number_of_points            ? 
_refine.pdbx_pd_proc_ls_prof_R_factor            ? 
_refine.pdbx_pd_proc_ls_prof_wR_factor           ? 
_refine.pdbx_pd_Marquardt_correlation_coeff      ? 
_refine.pdbx_pd_Fsqrd_R_factor                   ? 
_refine.pdbx_pd_ls_matrix_band_width             ? 
_refine.pdbx_overall_phase_error                 ? 
_refine.pdbx_overall_SU_R_free_Cruickshank_DPI   ? 
_refine.pdbx_overall_SU_R_free_Blow_DPI          ? 
_refine.pdbx_overall_SU_R_Blow_DPI               ? 
_refine.pdbx_TLS_residual_ADP_flag               ? 
_refine.pdbx_diffrn_id                           1 
_refine.overall_SU_B                             3.435 
_refine.overall_SU_ML                            0.106 
_refine.overall_SU_R_Cruickshank_DPI             ? 
_refine.overall_SU_R_free                        ? 
_refine.overall_FOM_free_R_set                   ? 
_refine.overall_FOM_work_R_set                   ? 
_refine.pdbx_average_fsc_overall                 ? 
_refine.pdbx_average_fsc_work                    ? 
_refine.pdbx_average_fsc_free                    ? 
# 
_refine_hist.pdbx_refine_id                   'X-RAY DIFFRACTION' 
_refine_hist.cycle_id                         1 
_refine_hist.details                          ? 
_refine_hist.d_res_high                       1.80 
_refine_hist.d_res_low                        36.66 
_refine_hist.number_atoms_solvent             36 
_refine_hist.number_atoms_total               1060 
_refine_hist.number_reflns_all                ? 
_refine_hist.number_reflns_obs                ? 
_refine_hist.number_reflns_R_free             ? 
_refine_hist.number_reflns_R_work             ? 
_refine_hist.R_factor_all                     ? 
_refine_hist.R_factor_obs                     ? 
_refine_hist.R_factor_R_free                  ? 
_refine_hist.R_factor_R_work                  ? 
_refine_hist.pdbx_number_residues_total       ? 
_refine_hist.pdbx_B_iso_mean_ligand           ? 
_refine_hist.pdbx_B_iso_mean_solvent          ? 
_refine_hist.pdbx_number_atoms_protein        940 
_refine_hist.pdbx_number_atoms_nucleic_acid   0 
_refine_hist.pdbx_number_atoms_ligand         84 
_refine_hist.pdbx_number_atoms_lipid          ? 
_refine_hist.pdbx_number_atoms_carb           ? 
_refine_hist.pdbx_pseudo_atom_details         ? 
# 
loop_
_refine_ls_restr.pdbx_refine_id 
_refine_ls_restr.criterion 
_refine_ls_restr.dev_ideal 
_refine_ls_restr.dev_ideal_target 
_refine_ls_restr.number 
_refine_ls_restr.rejects 
_refine_ls_restr.type 
_refine_ls_restr.weight 
_refine_ls_restr.pdbx_restraint_function 
'X-RAY DIFFRACTION' ? 0.009  0.013  1027 ? r_bond_refined_d             ? ? 
'X-RAY DIFFRACTION' ? 0.001  0.015  1024 ? r_bond_other_d               ? ? 
'X-RAY DIFFRACTION' ? 1.524  1.665  1349 ? r_angle_refined_deg          ? ? 
'X-RAY DIFFRACTION' ? 1.314  1.595  2356 ? r_angle_other_deg            ? ? 
'X-RAY DIFFRACTION' ? 5.856  5.000  118  ? r_dihedral_angle_1_deg       ? ? 
'X-RAY DIFFRACTION' ? 30.490 20.741 54   ? r_dihedral_angle_2_deg       ? ? 
'X-RAY DIFFRACTION' ? 16.650 15.000 188  ? r_dihedral_angle_3_deg       ? ? 
'X-RAY DIFFRACTION' ? 20.833 15.000 9    ? r_dihedral_angle_4_deg       ? ? 
'X-RAY DIFFRACTION' ? 0.076  0.200  127  ? r_chiral_restr               ? ? 
'X-RAY DIFFRACTION' ? 0.008  0.020  1083 ? r_gen_planes_refined         ? ? 
'X-RAY DIFFRACTION' ? 0.001  0.020  219  ? r_gen_planes_other           ? ? 
'X-RAY DIFFRACTION' ? ?      ?      ?    ? r_nbd_refined                ? ? 
'X-RAY DIFFRACTION' ? ?      ?      ?    ? r_nbd_other                  ? ? 
'X-RAY DIFFRACTION' ? ?      ?      ?    ? r_nbtor_refined              ? ? 
'X-RAY DIFFRACTION' ? ?      ?      ?    ? r_nbtor_other                ? ? 
'X-RAY DIFFRACTION' ? ?      ?      ?    ? r_xyhbond_nbd_refined        ? ? 
'X-RAY DIFFRACTION' ? ?      ?      ?    ? r_xyhbond_nbd_other          ? ? 
'X-RAY DIFFRACTION' ? ?      ?      ?    ? r_metal_ion_refined          ? ? 
'X-RAY DIFFRACTION' ? ?      ?      ?    ? r_metal_ion_other            ? ? 
'X-RAY DIFFRACTION' ? ?      ?      ?    ? r_symmetry_vdw_refined       ? ? 
'X-RAY DIFFRACTION' ? ?      ?      ?    ? r_symmetry_vdw_other         ? ? 
'X-RAY DIFFRACTION' ? ?      ?      ?    ? r_symmetry_hbond_refined     ? ? 
'X-RAY DIFFRACTION' ? ?      ?      ?    ? r_symmetry_hbond_other       ? ? 
'X-RAY DIFFRACTION' ? ?      ?      ?    ? r_symmetry_metal_ion_refined ? ? 
'X-RAY DIFFRACTION' ? ?      ?      ?    ? r_symmetry_metal_ion_other   ? ? 
'X-RAY DIFFRACTION' ? 2.124  2.600  472  ? r_mcbond_it                  ? ? 
'X-RAY DIFFRACTION' ? 2.104  2.580  468  ? r_mcbond_other               ? ? 
'X-RAY DIFFRACTION' ? 3.109  3.863  585  ? r_mcangle_it                 ? ? 
'X-RAY DIFFRACTION' ? 3.108  3.863  586  ? r_mcangle_other              ? ? 
'X-RAY DIFFRACTION' ? 3.623  3.368  555  ? r_scbond_it                  ? ? 
'X-RAY DIFFRACTION' ? 3.620  3.371  556  ? r_scbond_other               ? ? 
'X-RAY DIFFRACTION' ? ?      ?      ?    ? r_scangle_it                 ? ? 
'X-RAY DIFFRACTION' ? 5.451  4.749  764  ? r_scangle_other              ? ? 
'X-RAY DIFFRACTION' ? 7.086  32.251 1128 ? r_long_range_B_refined       ? ? 
'X-RAY DIFFRACTION' ? 7.084  32.289 1129 ? r_long_range_B_other         ? ? 
'X-RAY DIFFRACTION' ? ?      ?      ?    ? r_rigid_bond_restr           ? ? 
'X-RAY DIFFRACTION' ? ?      ?      ?    ? r_sphericity_free            ? ? 
'X-RAY DIFFRACTION' ? ?      ?      ?    ? r_sphericity_bonded          ? ? 
# 
_refine_ls_shell.pdbx_refine_id                   'X-RAY DIFFRACTION' 
_refine_ls_shell.d_res_high                       1.800 
_refine_ls_shell.d_res_low                        1.847 
_refine_ls_shell.number_reflns_all                ? 
_refine_ls_shell.number_reflns_obs                ? 
_refine_ls_shell.number_reflns_R_free             27 
_refine_ls_shell.number_reflns_R_work             719 
_refine_ls_shell.percent_reflns_obs               100.00 
_refine_ls_shell.percent_reflns_R_free            ? 
_refine_ls_shell.R_factor_all                     ? 
_refine_ls_shell.R_factor_obs                     ? 
_refine_ls_shell.R_factor_R_free                  0.275 
_refine_ls_shell.R_factor_R_free_error            ? 
_refine_ls_shell.R_factor_R_work                  0.288 
_refine_ls_shell.redundancy_reflns_all            ? 
_refine_ls_shell.redundancy_reflns_obs            ? 
_refine_ls_shell.wR_factor_all                    ? 
_refine_ls_shell.wR_factor_obs                    ? 
_refine_ls_shell.wR_factor_R_free                 ? 
_refine_ls_shell.wR_factor_R_work                 ? 
_refine_ls_shell.pdbx_R_complete                  ? 
_refine_ls_shell.pdbx_total_number_of_bins_used   20 
_refine_ls_shell.pdbx_phase_error                 ? 
_refine_ls_shell.pdbx_fsc_work                    ? 
_refine_ls_shell.pdbx_fsc_free                    ? 
# 
_struct.entry_id                     7W86 
_struct.title                        'Crystal structure of the DYW domain of DYW1' 
_struct.pdbx_model_details           ? 
_struct.pdbx_formula_weight          ? 
_struct.pdbx_formula_weight_method   ? 
_struct.pdbx_model_type_details      ? 
_struct.pdbx_CASP_flag               N 
# 
_struct_keywords.entry_id        7W86 
_struct_keywords.text            'RNA editing, post-transcriptional modification, RNA' 
_struct_keywords.pdbx_keywords   RNA 
# 
loop_
_struct_asym.id 
_struct_asym.pdbx_blank_PDB_chainid_flag 
_struct_asym.pdbx_modified 
_struct_asym.entity_id 
_struct_asym.details 
A N N 1 ? 
B N N 2 ? 
C N N 2 ? 
D N N 2 ? 
E N N 3 ? 
F N N 4 ? 
G N N 5 ? 
H N N 6 ? 
I N N 5 ? 
J N N 6 ? 
K N N 4 ? 
L N N 5 ? 
M N N 5 ? 
N N N 5 ? 
O N N 6 ? 
P N N 5 ? 
Q N N 4 ? 
R N N 5 ? 
S N N 5 ? 
T N N 4 ? 
U N N 5 ? 
V N N 5 ? 
W N N 7 ? 
# 
_struct_ref.id                         1 
_struct_ref.db_name                    UNP 
_struct_ref.db_code                    PPR74_ARATH 
_struct_ref.pdbx_db_accession          P0C7R1 
_struct_ref.pdbx_db_isoform            ? 
_struct_ref.entity_id                  1 
_struct_ref.pdbx_seq_one_letter_code   
;KKAIVDRSKAYVKLKSLGKEVRDAGYVPETKYVLHDIDEEAKEKALMHHSERLAIAFGIINTPPGTTIRVMKNLRICGDC
HNFIKILSSIEDREIIVRDNKRFHHFRDGNCSCGDYW
;
_struct_ref.pdbx_align_begin           123 
# 
_struct_ref_seq.align_id                      1 
_struct_ref_seq.ref_id                        1 
_struct_ref_seq.pdbx_PDB_id_code              7W86 
_struct_ref_seq.pdbx_strand_id                A 
_struct_ref_seq.seq_align_beg                 1 
_struct_ref_seq.pdbx_seq_align_beg_ins_code   ? 
_struct_ref_seq.seq_align_end                 117 
_struct_ref_seq.pdbx_seq_align_end_ins_code   ? 
_struct_ref_seq.pdbx_db_accession             P0C7R1 
_struct_ref_seq.db_align_beg                  123 
_struct_ref_seq.pdbx_db_align_beg_ins_code    ? 
_struct_ref_seq.db_align_end                  239 
_struct_ref_seq.pdbx_db_align_end_ins_code    ? 
_struct_ref_seq.pdbx_auth_seq_align_beg       123 
_struct_ref_seq.pdbx_auth_seq_align_end       239 
# 
_pdbx_struct_assembly.id                   1 
_pdbx_struct_assembly.details              author_and_software_defined_assembly 
_pdbx_struct_assembly.method_details       PISA 
_pdbx_struct_assembly.oligomeric_details   monomeric 
_pdbx_struct_assembly.oligomeric_count     1 
# 
loop_
_pdbx_struct_assembly_prop.biol_id 
_pdbx_struct_assembly_prop.type 
_pdbx_struct_assembly_prop.value 
_pdbx_struct_assembly_prop.details 
1 'ABSA (A^2)' 100  ? 
1 MORE         -39  ? 
1 'SSA (A^2)'  7030 ? 
# 
_pdbx_struct_assembly_gen.assembly_id       1 
_pdbx_struct_assembly_gen.oper_expression   1 
_pdbx_struct_assembly_gen.asym_id_list      A,B,C,D,E,F,G,H,I,J,K,L,M,N,O,P,Q,R,S,T,U,V,W 
# 
_pdbx_struct_assembly_auth_evidence.id                     1 
_pdbx_struct_assembly_auth_evidence.assembly_id            1 
_pdbx_struct_assembly_auth_evidence.experimental_support   SAXS 
_pdbx_struct_assembly_auth_evidence.details                ? 
# 
_pdbx_struct_oper_list.id                   1 
_pdbx_struct_oper_list.type                 'identity operation' 
_pdbx_struct_oper_list.name                 1_555 
_pdbx_struct_oper_list.symmetry_operation   x,y,z 
_pdbx_struct_oper_list.matrix[1][1]         1.0000000000 
_pdbx_struct_oper_list.matrix[1][2]         0.0000000000 
_pdbx_struct_oper_list.matrix[1][3]         0.0000000000 
_pdbx_struct_oper_list.vector[1]            0.0000000000 
_pdbx_struct_oper_list.matrix[2][1]         0.0000000000 
_pdbx_struct_oper_list.matrix[2][2]         1.0000000000 
_pdbx_struct_oper_list.matrix[2][3]         0.0000000000 
_pdbx_struct_oper_list.vector[2]            0.0000000000 
_pdbx_struct_oper_list.matrix[3][1]         0.0000000000 
_pdbx_struct_oper_list.matrix[3][2]         0.0000000000 
_pdbx_struct_oper_list.matrix[3][3]         1.0000000000 
_pdbx_struct_oper_list.vector[3]            0.0000000000 
# 
loop_
_struct_conf.conf_type_id 
_struct_conf.id 
_struct_conf.pdbx_PDB_helix_id 
_struct_conf.beg_label_comp_id 
_struct_conf.beg_label_asym_id 
_struct_conf.beg_label_seq_id 
_struct_conf.pdbx_beg_PDB_ins_code 
_struct_conf.end_label_comp_id 
_struct_conf.end_label_asym_id 
_struct_conf.end_label_seq_id 
_struct_conf.pdbx_end_PDB_ins_code 
_struct_conf.beg_auth_comp_id 
_struct_conf.beg_auth_asym_id 
_struct_conf.beg_auth_seq_id 
_struct_conf.end_auth_comp_id 
_struct_conf.end_auth_asym_id 
_struct_conf.end_auth_seq_id 
_struct_conf.pdbx_PDB_helix_class 
_struct_conf.details 
_struct_conf.pdbx_PDB_helix_length 
HELX_P HELX_P1 AA1 LYS A 1  ? ALA A 24 ? LYS A 123 ALA A 146 1 ? 24 
HELX_P HELX_P2 AA2 GLU A 29 ? VAL A 33 ? GLU A 151 VAL A 155 5 ? 5  
HELX_P HELX_P3 AA3 ASP A 38 ? HIS A 48 ? ASP A 160 HIS A 170 1 ? 11 
HELX_P HELX_P4 AA4 HIS A 49 ? THR A 62 ? HIS A 171 THR A 184 1 ? 14 
HELX_P HELX_P5 AA5 CYS A 77 ? GLU A 91 ? CYS A 199 GLU A 213 1 ? 15 
# 
_struct_conf_type.id          HELX_P 
_struct_conf_type.criteria    ? 
_struct_conf_type.reference   ? 
# 
loop_
_struct_conn.id 
_struct_conn.conn_type_id 
_struct_conn.pdbx_leaving_atom_flag 
_struct_conn.pdbx_PDB_id 
_struct_conn.ptnr1_label_asym_id 
_struct_conn.ptnr1_label_comp_id 
_struct_conn.ptnr1_label_seq_id 
_struct_conn.ptnr1_label_atom_id 
_struct_conn.pdbx_ptnr1_label_alt_id 
_struct_conn.pdbx_ptnr1_PDB_ins_code 
_struct_conn.pdbx_ptnr1_standard_comp_id 
_struct_conn.ptnr1_symmetry 
_struct_conn.ptnr2_label_asym_id 
_struct_conn.ptnr2_label_comp_id 
_struct_conn.ptnr2_label_seq_id 
_struct_conn.ptnr2_label_atom_id 
_struct_conn.pdbx_ptnr2_label_alt_id 
_struct_conn.pdbx_ptnr2_PDB_ins_code 
_struct_conn.ptnr1_auth_asym_id 
_struct_conn.ptnr1_auth_comp_id 
_struct_conn.ptnr1_auth_seq_id 
_struct_conn.ptnr2_auth_asym_id 
_struct_conn.ptnr2_auth_comp_id 
_struct_conn.ptnr2_auth_seq_id 
_struct_conn.ptnr2_symmetry 
_struct_conn.pdbx_ptnr3_label_atom_id 
_struct_conn.pdbx_ptnr3_label_seq_id 
_struct_conn.pdbx_ptnr3_label_comp_id 
_struct_conn.pdbx_ptnr3_label_asym_id 
_struct_conn.pdbx_ptnr3_label_alt_id 
_struct_conn.pdbx_ptnr3_PDB_ins_code 
_struct_conn.details 
_struct_conn.pdbx_dist_value 
_struct_conn.pdbx_value_order 
_struct_conn.pdbx_role 
metalc1  metalc ? ? A HIS 35  NE2 ? ? ? 1_555 C ZN  . ZN ? ? A HIS 157 A ZN  302 1_555 ? ? ? ? ? ? ? 1.898 ? ? 
metalc2  metalc ? ? A HIS 49  ND1 ? ? ? 1_555 B ZN  . ZN ? ? A HIS 171 A ZN  301 1_555 ? ? ? ? ? ? ? 2.016 ? ? 
metalc3  metalc ? ? A CYS 77  SG  ? ? ? 1_555 B ZN  . ZN ? ? A CYS 199 A ZN  301 1_555 ? ? ? ? ? ? ? 2.171 ? ? 
metalc4  metalc ? ? A CYS 80  SG  ? ? ? 1_555 B ZN  . ZN ? ? A CYS 202 A ZN  301 1_555 ? ? ? ? ? ? ? 2.290 ? ? 
metalc5  metalc ? ? A HIS 81  NE2 ? ? ? 1_555 D ZN  . ZN ? ? A HIS 203 A ZN  303 1_555 ? ? ? ? ? ? ? 2.053 ? ? 
metalc6  metalc ? ? A HIS 104 ND1 ? ? ? 1_555 D ZN  . ZN ? ? A HIS 226 A ZN  303 1_555 ? ? ? ? ? ? ? 2.014 ? ? 
metalc7  metalc ? ? A HIS 105 NE2 ? ? ? 1_555 C ZN  . ZN ? ? A HIS 227 A ZN  302 2_546 ? ? ? ? ? ? ? 2.132 ? ? 
metalc8  metalc ? ? A CYS 111 SG  ? ? ? 1_555 D ZN  . ZN ? ? A CYS 233 A ZN  303 1_555 ? ? ? ? ? ? ? 2.250 ? ? 
metalc9  metalc ? ? A CYS 113 SG  ? ? ? 1_555 D ZN  . ZN ? ? A CYS 235 A ZN  303 1_555 ? ? ? ? ? ? ? 2.322 ? ? 
metalc10 metalc ? ? B ZN  .   ZN  ? ? ? 1_555 W HOH . O  ? ? A ZN  301 A HOH 401 1_555 ? ? ? ? ? ? ? 2.198 ? ? 
metalc11 metalc ? ? C ZN  .   ZN  ? ? ? 1_555 W HOH . O  ? ? A ZN  302 A HOH 434 1_555 ? ? ? ? ? ? ? 2.271 ? ? 
metalc12 metalc ? ? C ZN  .   ZN  ? ? ? 1_555 W HOH . O  ? ? A ZN  302 A HOH 436 1_555 ? ? ? ? ? ? ? 2.222 ? ? 
# 
_struct_conn_type.id          metalc 
_struct_conn_type.criteria    ? 
_struct_conn_type.reference   ? 
# 
loop_
_pdbx_struct_conn_angle.id 
_pdbx_struct_conn_angle.ptnr1_label_atom_id 
_pdbx_struct_conn_angle.ptnr1_label_alt_id 
_pdbx_struct_conn_angle.ptnr1_label_asym_id 
_pdbx_struct_conn_angle.ptnr1_label_comp_id 
_pdbx_struct_conn_angle.ptnr1_label_seq_id 
_pdbx_struct_conn_angle.ptnr1_auth_atom_id 
_pdbx_struct_conn_angle.ptnr1_auth_asym_id 
_pdbx_struct_conn_angle.ptnr1_auth_comp_id 
_pdbx_struct_conn_angle.ptnr1_auth_seq_id 
_pdbx_struct_conn_angle.ptnr1_PDB_ins_code 
_pdbx_struct_conn_angle.ptnr1_symmetry 
_pdbx_struct_conn_angle.ptnr2_label_atom_id 
_pdbx_struct_conn_angle.ptnr2_label_alt_id 
_pdbx_struct_conn_angle.ptnr2_label_asym_id 
_pdbx_struct_conn_angle.ptnr2_label_comp_id 
_pdbx_struct_conn_angle.ptnr2_label_seq_id 
_pdbx_struct_conn_angle.ptnr2_auth_atom_id 
_pdbx_struct_conn_angle.ptnr2_auth_asym_id 
_pdbx_struct_conn_angle.ptnr2_auth_comp_id 
_pdbx_struct_conn_angle.ptnr2_auth_seq_id 
_pdbx_struct_conn_angle.ptnr2_PDB_ins_code 
_pdbx_struct_conn_angle.ptnr2_symmetry 
_pdbx_struct_conn_angle.ptnr3_label_atom_id 
_pdbx_struct_conn_angle.ptnr3_label_alt_id 
_pdbx_struct_conn_angle.ptnr3_label_asym_id 
_pdbx_struct_conn_angle.ptnr3_label_comp_id 
_pdbx_struct_conn_angle.ptnr3_label_seq_id 
_pdbx_struct_conn_angle.ptnr3_auth_atom_id 
_pdbx_struct_conn_angle.ptnr3_auth_asym_id 
_pdbx_struct_conn_angle.ptnr3_auth_comp_id 
_pdbx_struct_conn_angle.ptnr3_auth_seq_id 
_pdbx_struct_conn_angle.ptnr3_PDB_ins_code 
_pdbx_struct_conn_angle.ptnr3_symmetry 
_pdbx_struct_conn_angle.value 
_pdbx_struct_conn_angle.value_esd 
1  NE2 ? A HIS 35  ? A HIS 157 ? 1_555 ZN ? C ZN . ? A ZN 302 ? 1_555 NE2 ? A HIS 105 ? A HIS 227 ? 1_555 163.1 ? 
2  NE2 ? A HIS 35  ? A HIS 157 ? 1_555 ZN ? C ZN . ? A ZN 302 ? 1_555 O   ? W HOH .   ? A HOH 434 ? 1_555 104.1 ? 
3  NE2 ? A HIS 105 ? A HIS 227 ? 1_555 ZN ? C ZN . ? A ZN 302 ? 1_555 O   ? W HOH .   ? A HOH 434 ? 1_555 81.8  ? 
4  NE2 ? A HIS 35  ? A HIS 157 ? 1_555 ZN ? C ZN . ? A ZN 302 ? 1_555 O   ? W HOH .   ? A HOH 436 ? 1_555 113.6 ? 
5  NE2 ? A HIS 105 ? A HIS 227 ? 1_555 ZN ? C ZN . ? A ZN 302 ? 1_555 O   ? W HOH .   ? A HOH 436 ? 1_555 50.5  ? 
6  O   ? W HOH .   ? A HOH 434 ? 1_555 ZN ? C ZN . ? A ZN 302 ? 1_555 O   ? W HOH .   ? A HOH 436 ? 1_555 115.4 ? 
7  ND1 ? A HIS 49  ? A HIS 171 ? 1_555 ZN ? B ZN . ? A ZN 301 ? 1_555 SG  ? A CYS 77  ? A CYS 199 ? 1_555 111.5 ? 
8  ND1 ? A HIS 49  ? A HIS 171 ? 1_555 ZN ? B ZN . ? A ZN 301 ? 1_555 SG  ? A CYS 80  ? A CYS 202 ? 1_555 107.3 ? 
9  SG  ? A CYS 77  ? A CYS 199 ? 1_555 ZN ? B ZN . ? A ZN 301 ? 1_555 SG  ? A CYS 80  ? A CYS 202 ? 1_555 117.7 ? 
10 ND1 ? A HIS 49  ? A HIS 171 ? 1_555 ZN ? B ZN . ? A ZN 301 ? 1_555 O   ? W HOH .   ? A HOH 401 ? 1_555 106.7 ? 
11 SG  ? A CYS 77  ? A CYS 199 ? 1_555 ZN ? B ZN . ? A ZN 301 ? 1_555 O   ? W HOH .   ? A HOH 401 ? 1_555 108.8 ? 
12 SG  ? A CYS 80  ? A CYS 202 ? 1_555 ZN ? B ZN . ? A ZN 301 ? 1_555 O   ? W HOH .   ? A HOH 401 ? 1_555 104.0 ? 
13 NE2 ? A HIS 81  ? A HIS 203 ? 1_555 ZN ? D ZN . ? A ZN 303 ? 1_555 ND1 ? A HIS 104 ? A HIS 226 ? 1_555 105.0 ? 
14 NE2 ? A HIS 81  ? A HIS 203 ? 1_555 ZN ? D ZN . ? A ZN 303 ? 1_555 SG  ? A CYS 111 ? A CYS 233 ? 1_555 112.6 ? 
15 ND1 ? A HIS 104 ? A HIS 226 ? 1_555 ZN ? D ZN . ? A ZN 303 ? 1_555 SG  ? A CYS 111 ? A CYS 233 ? 1_555 112.5 ? 
16 NE2 ? A HIS 81  ? A HIS 203 ? 1_555 ZN ? D ZN . ? A ZN 303 ? 1_555 SG  ? A CYS 113 ? A CYS 235 ? 1_555 99.6  ? 
17 ND1 ? A HIS 104 ? A HIS 226 ? 1_555 ZN ? D ZN . ? A ZN 303 ? 1_555 SG  ? A CYS 113 ? A CYS 235 ? 1_555 109.6 ? 
18 SG  ? A CYS 111 ? A CYS 233 ? 1_555 ZN ? D ZN . ? A ZN 303 ? 1_555 SG  ? A CYS 113 ? A CYS 235 ? 1_555 116.2 ? 
# 
_struct_sheet.id               AA1 
_struct_sheet.type             ? 
_struct_sheet.number_strands   4 
_struct_sheet.details          ? 
# 
loop_
_struct_sheet_order.sheet_id 
_struct_sheet_order.range_id_1 
_struct_sheet_order.range_id_2 
_struct_sheet_order.offset 
_struct_sheet_order.sense 
AA1 1 2 ? parallel      
AA1 2 3 ? anti-parallel 
AA1 3 4 ? anti-parallel 
# 
loop_
_struct_sheet_range.sheet_id 
_struct_sheet_range.id 
_struct_sheet_range.beg_label_comp_id 
_struct_sheet_range.beg_label_asym_id 
_struct_sheet_range.beg_label_seq_id 
_struct_sheet_range.pdbx_beg_PDB_ins_code 
_struct_sheet_range.end_label_comp_id 
_struct_sheet_range.end_label_asym_id 
_struct_sheet_range.end_label_seq_id 
_struct_sheet_range.pdbx_end_PDB_ins_code 
_struct_sheet_range.beg_auth_comp_id 
_struct_sheet_range.beg_auth_asym_id 
_struct_sheet_range.beg_auth_seq_id 
_struct_sheet_range.end_auth_comp_id 
_struct_sheet_range.end_auth_asym_id 
_struct_sheet_range.end_auth_seq_id 
AA1 1 ILE A 68  ? MET A 71  ? ILE A 190 MET A 193 
AA1 2 ILE A 95  ? ARG A 98  ? ILE A 217 ARG A 220 
AA1 3 PHE A 103 ? ARG A 107 ? PHE A 225 ARG A 229 
AA1 4 ASN A 110 ? CYS A 111 ? ASN A 232 CYS A 233 
# 
loop_
_pdbx_struct_sheet_hbond.sheet_id 
_pdbx_struct_sheet_hbond.range_id_1 
_pdbx_struct_sheet_hbond.range_id_2 
_pdbx_struct_sheet_hbond.range_1_label_atom_id 
_pdbx_struct_sheet_hbond.range_1_label_comp_id 
_pdbx_struct_sheet_hbond.range_1_label_asym_id 
_pdbx_struct_sheet_hbond.range_1_label_seq_id 
_pdbx_struct_sheet_hbond.range_1_PDB_ins_code 
_pdbx_struct_sheet_hbond.range_1_auth_atom_id 
_pdbx_struct_sheet_hbond.range_1_auth_comp_id 
_pdbx_struct_sheet_hbond.range_1_auth_asym_id 
_pdbx_struct_sheet_hbond.range_1_auth_seq_id 
_pdbx_struct_sheet_hbond.range_2_label_atom_id 
_pdbx_struct_sheet_hbond.range_2_label_comp_id 
_pdbx_struct_sheet_hbond.range_2_label_asym_id 
_pdbx_struct_sheet_hbond.range_2_label_seq_id 
_pdbx_struct_sheet_hbond.range_2_PDB_ins_code 
_pdbx_struct_sheet_hbond.range_2_auth_atom_id 
_pdbx_struct_sheet_hbond.range_2_auth_comp_id 
_pdbx_struct_sheet_hbond.range_2_auth_asym_id 
_pdbx_struct_sheet_hbond.range_2_auth_seq_id 
AA1 1 2 N ILE A 68  ? N ILE A 190 O ILE A 96  ? O ILE A 218 
AA1 2 3 N ILE A 95  ? N ILE A 217 O PHE A 106 ? O PHE A 228 
AA1 3 4 N ARG A 107 ? N ARG A 229 O ASN A 110 ? O ASN A 232 
# 
_pdbx_validate_torsion.id              1 
_pdbx_validate_torsion.PDB_model_num   1 
_pdbx_validate_torsion.auth_comp_id    ASP 
_pdbx_validate_torsion.auth_asym_id    A 
_pdbx_validate_torsion.auth_seq_id     221 
_pdbx_validate_torsion.PDB_ins_code    ? 
_pdbx_validate_torsion.label_alt_id    ? 
_pdbx_validate_torsion.phi             -105.80 
_pdbx_validate_torsion.psi             -163.70 
# 
_pdbx_entry_details.entry_id                 7W86 
_pdbx_entry_details.nonpolymer_details       ? 
_pdbx_entry_details.sequence_details         ? 
_pdbx_entry_details.compound_details         ? 
_pdbx_entry_details.source_details           ? 
_pdbx_entry_details.has_ligand_of_interest   Y 
# 
loop_
_chem_comp_atom.comp_id 
_chem_comp_atom.atom_id 
_chem_comp_atom.type_symbol 
_chem_comp_atom.pdbx_aromatic_flag 
_chem_comp_atom.pdbx_stereo_config 
_chem_comp_atom.pdbx_ordinal 
ACT C    C  N N 1   
ACT O    O  N N 2   
ACT OXT  O  N N 3   
ACT CH3  C  N N 4   
ACT H1   H  N N 5   
ACT H2   H  N N 6   
ACT H3   H  N N 7   
ALA N    N  N N 8   
ALA CA   C  N S 9   
ALA C    C  N N 10  
ALA O    O  N N 11  
ALA CB   C  N N 12  
ALA OXT  O  N N 13  
ALA H    H  N N 14  
ALA H2   H  N N 15  
ALA HA   H  N N 16  
ALA HB1  H  N N 17  
ALA HB2  H  N N 18  
ALA HB3  H  N N 19  
ALA HXT  H  N N 20  
ARG N    N  N N 21  
ARG CA   C  N S 22  
ARG C    C  N N 23  
ARG O    O  N N 24  
ARG CB   C  N N 25  
ARG CG   C  N N 26  
ARG CD   C  N N 27  
ARG NE   N  N N 28  
ARG CZ   C  N N 29  
ARG NH1  N  N N 30  
ARG NH2  N  N N 31  
ARG OXT  O  N N 32  
ARG H    H  N N 33  
ARG H2   H  N N 34  
ARG HA   H  N N 35  
ARG HB2  H  N N 36  
ARG HB3  H  N N 37  
ARG HG2  H  N N 38  
ARG HG3  H  N N 39  
ARG HD2  H  N N 40  
ARG HD3  H  N N 41  
ARG HE   H  N N 42  
ARG HH11 H  N N 43  
ARG HH12 H  N N 44  
ARG HH21 H  N N 45  
ARG HH22 H  N N 46  
ARG HXT  H  N N 47  
ASN N    N  N N 48  
ASN CA   C  N S 49  
ASN C    C  N N 50  
ASN O    O  N N 51  
ASN CB   C  N N 52  
ASN CG   C  N N 53  
ASN OD1  O  N N 54  
ASN ND2  N  N N 55  
ASN OXT  O  N N 56  
ASN H    H  N N 57  
ASN H2   H  N N 58  
ASN HA   H  N N 59  
ASN HB2  H  N N 60  
ASN HB3  H  N N 61  
ASN HD21 H  N N 62  
ASN HD22 H  N N 63  
ASN HXT  H  N N 64  
ASP N    N  N N 65  
ASP CA   C  N S 66  
ASP C    C  N N 67  
ASP O    O  N N 68  
ASP CB   C  N N 69  
ASP CG   C  N N 70  
ASP OD1  O  N N 71  
ASP OD2  O  N N 72  
ASP OXT  O  N N 73  
ASP H    H  N N 74  
ASP H2   H  N N 75  
ASP HA   H  N N 76  
ASP HB2  H  N N 77  
ASP HB3  H  N N 78  
ASP HD2  H  N N 79  
ASP HXT  H  N N 80  
CYS N    N  N N 81  
CYS CA   C  N R 82  
CYS C    C  N N 83  
CYS O    O  N N 84  
CYS CB   C  N N 85  
CYS SG   S  N N 86  
CYS OXT  O  N N 87  
CYS H    H  N N 88  
CYS H2   H  N N 89  
CYS HA   H  N N 90  
CYS HB2  H  N N 91  
CYS HB3  H  N N 92  
CYS HG   H  N N 93  
CYS HXT  H  N N 94  
EDO C1   C  N N 95  
EDO O1   O  N N 96  
EDO C2   C  N N 97  
EDO O2   O  N N 98  
EDO H11  H  N N 99  
EDO H12  H  N N 100 
EDO HO1  H  N N 101 
EDO H21  H  N N 102 
EDO H22  H  N N 103 
EDO HO2  H  N N 104 
GLU N    N  N N 105 
GLU CA   C  N S 106 
GLU C    C  N N 107 
GLU O    O  N N 108 
GLU CB   C  N N 109 
GLU CG   C  N N 110 
GLU CD   C  N N 111 
GLU OE1  O  N N 112 
GLU OE2  O  N N 113 
GLU OXT  O  N N 114 
GLU H    H  N N 115 
GLU H2   H  N N 116 
GLU HA   H  N N 117 
GLU HB2  H  N N 118 
GLU HB3  H  N N 119 
GLU HG2  H  N N 120 
GLU HG3  H  N N 121 
GLU HE2  H  N N 122 
GLU HXT  H  N N 123 
GLY N    N  N N 124 
GLY CA   C  N N 125 
GLY C    C  N N 126 
GLY O    O  N N 127 
GLY OXT  O  N N 128 
GLY H    H  N N 129 
GLY H2   H  N N 130 
GLY HA2  H  N N 131 
GLY HA3  H  N N 132 
GLY HXT  H  N N 133 
GOL C1   C  N N 134 
GOL O1   O  N N 135 
GOL C2   C  N N 136 
GOL O2   O  N N 137 
GOL C3   C  N N 138 
GOL O3   O  N N 139 
GOL H11  H  N N 140 
GOL H12  H  N N 141 
GOL HO1  H  N N 142 
GOL H2   H  N N 143 
GOL HO2  H  N N 144 
GOL H31  H  N N 145 
GOL H32  H  N N 146 
GOL HO3  H  N N 147 
HIS N    N  N N 148 
HIS CA   C  N S 149 
HIS C    C  N N 150 
HIS O    O  N N 151 
HIS CB   C  N N 152 
HIS CG   C  Y N 153 
HIS ND1  N  Y N 154 
HIS CD2  C  Y N 155 
HIS CE1  C  Y N 156 
HIS NE2  N  Y N 157 
HIS OXT  O  N N 158 
HIS H    H  N N 159 
HIS H2   H  N N 160 
HIS HA   H  N N 161 
HIS HB2  H  N N 162 
HIS HB3  H  N N 163 
HIS HD1  H  N N 164 
HIS HD2  H  N N 165 
HIS HE1  H  N N 166 
HIS HE2  H  N N 167 
HIS HXT  H  N N 168 
HOH O    O  N N 169 
HOH H1   H  N N 170 
HOH H2   H  N N 171 
ILE N    N  N N 172 
ILE CA   C  N S 173 
ILE C    C  N N 174 
ILE O    O  N N 175 
ILE CB   C  N S 176 
ILE CG1  C  N N 177 
ILE CG2  C  N N 178 
ILE CD1  C  N N 179 
ILE OXT  O  N N 180 
ILE H    H  N N 181 
ILE H2   H  N N 182 
ILE HA   H  N N 183 
ILE HB   H  N N 184 
ILE HG12 H  N N 185 
ILE HG13 H  N N 186 
ILE HG21 H  N N 187 
ILE HG22 H  N N 188 
ILE HG23 H  N N 189 
ILE HD11 H  N N 190 
ILE HD12 H  N N 191 
ILE HD13 H  N N 192 
ILE HXT  H  N N 193 
LEU N    N  N N 194 
LEU CA   C  N S 195 
LEU C    C  N N 196 
LEU O    O  N N 197 
LEU CB   C  N N 198 
LEU CG   C  N N 199 
LEU CD1  C  N N 200 
LEU CD2  C  N N 201 
LEU OXT  O  N N 202 
LEU H    H  N N 203 
LEU H2   H  N N 204 
LEU HA   H  N N 205 
LEU HB2  H  N N 206 
LEU HB3  H  N N 207 
LEU HG   H  N N 208 
LEU HD11 H  N N 209 
LEU HD12 H  N N 210 
LEU HD13 H  N N 211 
LEU HD21 H  N N 212 
LEU HD22 H  N N 213 
LEU HD23 H  N N 214 
LEU HXT  H  N N 215 
LYS N    N  N N 216 
LYS CA   C  N S 217 
LYS C    C  N N 218 
LYS O    O  N N 219 
LYS CB   C  N N 220 
LYS CG   C  N N 221 
LYS CD   C  N N 222 
LYS CE   C  N N 223 
LYS NZ   N  N N 224 
LYS OXT  O  N N 225 
LYS H    H  N N 226 
LYS H2   H  N N 227 
LYS HA   H  N N 228 
LYS HB2  H  N N 229 
LYS HB3  H  N N 230 
LYS HG2  H  N N 231 
LYS HG3  H  N N 232 
LYS HD2  H  N N 233 
LYS HD3  H  N N 234 
LYS HE2  H  N N 235 
LYS HE3  H  N N 236 
LYS HZ1  H  N N 237 
LYS HZ2  H  N N 238 
LYS HZ3  H  N N 239 
LYS HXT  H  N N 240 
MET N    N  N N 241 
MET CA   C  N S 242 
MET C    C  N N 243 
MET O    O  N N 244 
MET CB   C  N N 245 
MET CG   C  N N 246 
MET SD   S  N N 247 
MET CE   C  N N 248 
MET OXT  O  N N 249 
MET H    H  N N 250 
MET H2   H  N N 251 
MET HA   H  N N 252 
MET HB2  H  N N 253 
MET HB3  H  N N 254 
MET HG2  H  N N 255 
MET HG3  H  N N 256 
MET HE1  H  N N 257 
MET HE2  H  N N 258 
MET HE3  H  N N 259 
MET HXT  H  N N 260 
PHE N    N  N N 261 
PHE CA   C  N S 262 
PHE C    C  N N 263 
PHE O    O  N N 264 
PHE CB   C  N N 265 
PHE CG   C  Y N 266 
PHE CD1  C  Y N 267 
PHE CD2  C  Y N 268 
PHE CE1  C  Y N 269 
PHE CE2  C  Y N 270 
PHE CZ   C  Y N 271 
PHE OXT  O  N N 272 
PHE H    H  N N 273 
PHE H2   H  N N 274 
PHE HA   H  N N 275 
PHE HB2  H  N N 276 
PHE HB3  H  N N 277 
PHE HD1  H  N N 278 
PHE HD2  H  N N 279 
PHE HE1  H  N N 280 
PHE HE2  H  N N 281 
PHE HZ   H  N N 282 
PHE HXT  H  N N 283 
PRO N    N  N N 284 
PRO CA   C  N S 285 
PRO C    C  N N 286 
PRO O    O  N N 287 
PRO CB   C  N N 288 
PRO CG   C  N N 289 
PRO CD   C  N N 290 
PRO OXT  O  N N 291 
PRO H    H  N N 292 
PRO HA   H  N N 293 
PRO HB2  H  N N 294 
PRO HB3  H  N N 295 
PRO HG2  H  N N 296 
PRO HG3  H  N N 297 
PRO HD2  H  N N 298 
PRO HD3  H  N N 299 
PRO HXT  H  N N 300 
SER N    N  N N 301 
SER CA   C  N S 302 
SER C    C  N N 303 
SER O    O  N N 304 
SER CB   C  N N 305 
SER OG   O  N N 306 
SER OXT  O  N N 307 
SER H    H  N N 308 
SER H2   H  N N 309 
SER HA   H  N N 310 
SER HB2  H  N N 311 
SER HB3  H  N N 312 
SER HG   H  N N 313 
SER HXT  H  N N 314 
SO4 S    S  N N 315 
SO4 O1   O  N N 316 
SO4 O2   O  N N 317 
SO4 O3   O  N N 318 
SO4 O4   O  N N 319 
THR N    N  N N 320 
THR CA   C  N S 321 
THR C    C  N N 322 
THR O    O  N N 323 
THR CB   C  N R 324 
THR OG1  O  N N 325 
THR CG2  C  N N 326 
THR OXT  O  N N 327 
THR H    H  N N 328 
THR H2   H  N N 329 
THR HA   H  N N 330 
THR HB   H  N N 331 
THR HG1  H  N N 332 
THR HG21 H  N N 333 
THR HG22 H  N N 334 
THR HG23 H  N N 335 
THR HXT  H  N N 336 
TRP N    N  N N 337 
TRP CA   C  N S 338 
TRP C    C  N N 339 
TRP O    O  N N 340 
TRP CB   C  N N 341 
TRP CG   C  Y N 342 
TRP CD1  C  Y N 343 
TRP CD2  C  Y N 344 
TRP NE1  N  Y N 345 
TRP CE2  C  Y N 346 
TRP CE3  C  Y N 347 
TRP CZ2  C  Y N 348 
TRP CZ3  C  Y N 349 
TRP CH2  C  Y N 350 
TRP OXT  O  N N 351 
TRP H    H  N N 352 
TRP H2   H  N N 353 
TRP HA   H  N N 354 
TRP HB2  H  N N 355 
TRP HB3  H  N N 356 
TRP HD1  H  N N 357 
TRP HE1  H  N N 358 
TRP HE3  H  N N 359 
TRP HZ2  H  N N 360 
TRP HZ3  H  N N 361 
TRP HH2  H  N N 362 
TRP HXT  H  N N 363 
TYR N    N  N N 364 
TYR CA   C  N S 365 
TYR C    C  N N 366 
TYR O    O  N N 367 
TYR CB   C  N N 368 
TYR CG   C  Y N 369 
TYR CD1  C  Y N 370 
TYR CD2  C  Y N 371 
TYR CE1  C  Y N 372 
TYR CE2  C  Y N 373 
TYR CZ   C  Y N 374 
TYR OH   O  N N 375 
TYR OXT  O  N N 376 
TYR H    H  N N 377 
TYR H2   H  N N 378 
TYR HA   H  N N 379 
TYR HB2  H  N N 380 
TYR HB3  H  N N 381 
TYR HD1  H  N N 382 
TYR HD2  H  N N 383 
TYR HE1  H  N N 384 
TYR HE2  H  N N 385 
TYR HH   H  N N 386 
TYR HXT  H  N N 387 
VAL N    N  N N 388 
VAL CA   C  N S 389 
VAL C    C  N N 390 
VAL O    O  N N 391 
VAL CB   C  N N 392 
VAL CG1  C  N N 393 
VAL CG2  C  N N 394 
VAL OXT  O  N N 395 
VAL H    H  N N 396 
VAL H2   H  N N 397 
VAL HA   H  N N 398 
VAL HB   H  N N 399 
VAL HG11 H  N N 400 
VAL HG12 H  N N 401 
VAL HG13 H  N N 402 
VAL HG21 H  N N 403 
VAL HG22 H  N N 404 
VAL HG23 H  N N 405 
VAL HXT  H  N N 406 
ZN  ZN   ZN N N 407 
# 
loop_
_chem_comp_bond.comp_id 
_chem_comp_bond.atom_id_1 
_chem_comp_bond.atom_id_2 
_chem_comp_bond.value_order 
_chem_comp_bond.pdbx_aromatic_flag 
_chem_comp_bond.pdbx_stereo_config 
_chem_comp_bond.pdbx_ordinal 
ACT C   O    doub N N 1   
ACT C   OXT  sing N N 2   
ACT C   CH3  sing N N 3   
ACT CH3 H1   sing N N 4   
ACT CH3 H2   sing N N 5   
ACT CH3 H3   sing N N 6   
ALA N   CA   sing N N 7   
ALA N   H    sing N N 8   
ALA N   H2   sing N N 9   
ALA CA  C    sing N N 10  
ALA CA  CB   sing N N 11  
ALA CA  HA   sing N N 12  
ALA C   O    doub N N 13  
ALA C   OXT  sing N N 14  
ALA CB  HB1  sing N N 15  
ALA CB  HB2  sing N N 16  
ALA CB  HB3  sing N N 17  
ALA OXT HXT  sing N N 18  
ARG N   CA   sing N N 19  
ARG N   H    sing N N 20  
ARG N   H2   sing N N 21  
ARG CA  C    sing N N 22  
ARG CA  CB   sing N N 23  
ARG CA  HA   sing N N 24  
ARG C   O    doub N N 25  
ARG C   OXT  sing N N 26  
ARG CB  CG   sing N N 27  
ARG CB  HB2  sing N N 28  
ARG CB  HB3  sing N N 29  
ARG CG  CD   sing N N 30  
ARG CG  HG2  sing N N 31  
ARG CG  HG3  sing N N 32  
ARG CD  NE   sing N N 33  
ARG CD  HD2  sing N N 34  
ARG CD  HD3  sing N N 35  
ARG NE  CZ   sing N N 36  
ARG NE  HE   sing N N 37  
ARG CZ  NH1  sing N N 38  
ARG CZ  NH2  doub N N 39  
ARG NH1 HH11 sing N N 40  
ARG NH1 HH12 sing N N 41  
ARG NH2 HH21 sing N N 42  
ARG NH2 HH22 sing N N 43  
ARG OXT HXT  sing N N 44  
ASN N   CA   sing N N 45  
ASN N   H    sing N N 46  
ASN N   H2   sing N N 47  
ASN CA  C    sing N N 48  
ASN CA  CB   sing N N 49  
ASN CA  HA   sing N N 50  
ASN C   O    doub N N 51  
ASN C   OXT  sing N N 52  
ASN CB  CG   sing N N 53  
ASN CB  HB2  sing N N 54  
ASN CB  HB3  sing N N 55  
ASN CG  OD1  doub N N 56  
ASN CG  ND2  sing N N 57  
ASN ND2 HD21 sing N N 58  
ASN ND2 HD22 sing N N 59  
ASN OXT HXT  sing N N 60  
ASP N   CA   sing N N 61  
ASP N   H    sing N N 62  
ASP N   H2   sing N N 63  
ASP CA  C    sing N N 64  
ASP CA  CB   sing N N 65  
ASP CA  HA   sing N N 66  
ASP C   O    doub N N 67  
ASP C   OXT  sing N N 68  
ASP CB  CG   sing N N 69  
ASP CB  HB2  sing N N 70  
ASP CB  HB3  sing N N 71  
ASP CG  OD1  doub N N 72  
ASP CG  OD2  sing N N 73  
ASP OD2 HD2  sing N N 74  
ASP OXT HXT  sing N N 75  
CYS N   CA   sing N N 76  
CYS N   H    sing N N 77  
CYS N   H2   sing N N 78  
CYS CA  C    sing N N 79  
CYS CA  CB   sing N N 80  
CYS CA  HA   sing N N 81  
CYS C   O    doub N N 82  
CYS C   OXT  sing N N 83  
CYS CB  SG   sing N N 84  
CYS CB  HB2  sing N N 85  
CYS CB  HB3  sing N N 86  
CYS SG  HG   sing N N 87  
CYS OXT HXT  sing N N 88  
EDO C1  O1   sing N N 89  
EDO C1  C2   sing N N 90  
EDO C1  H11  sing N N 91  
EDO C1  H12  sing N N 92  
EDO O1  HO1  sing N N 93  
EDO C2  O2   sing N N 94  
EDO C2  H21  sing N N 95  
EDO C2  H22  sing N N 96  
EDO O2  HO2  sing N N 97  
GLU N   CA   sing N N 98  
GLU N   H    sing N N 99  
GLU N   H2   sing N N 100 
GLU CA  C    sing N N 101 
GLU CA  CB   sing N N 102 
GLU CA  HA   sing N N 103 
GLU C   O    doub N N 104 
GLU C   OXT  sing N N 105 
GLU CB  CG   sing N N 106 
GLU CB  HB2  sing N N 107 
GLU CB  HB3  sing N N 108 
GLU CG  CD   sing N N 109 
GLU CG  HG2  sing N N 110 
GLU CG  HG3  sing N N 111 
GLU CD  OE1  doub N N 112 
GLU CD  OE2  sing N N 113 
GLU OE2 HE2  sing N N 114 
GLU OXT HXT  sing N N 115 
GLY N   CA   sing N N 116 
GLY N   H    sing N N 117 
GLY N   H2   sing N N 118 
GLY CA  C    sing N N 119 
GLY CA  HA2  sing N N 120 
GLY CA  HA3  sing N N 121 
GLY C   O    doub N N 122 
GLY C   OXT  sing N N 123 
GLY OXT HXT  sing N N 124 
GOL C1  O1   sing N N 125 
GOL C1  C2   sing N N 126 
GOL C1  H11  sing N N 127 
GOL C1  H12  sing N N 128 
GOL O1  HO1  sing N N 129 
GOL C2  O2   sing N N 130 
GOL C2  C3   sing N N 131 
GOL C2  H2   sing N N 132 
GOL O2  HO2  sing N N 133 
GOL C3  O3   sing N N 134 
GOL C3  H31  sing N N 135 
GOL C3  H32  sing N N 136 
GOL O3  HO3  sing N N 137 
HIS N   CA   sing N N 138 
HIS N   H    sing N N 139 
HIS N   H2   sing N N 140 
HIS CA  C    sing N N 141 
HIS CA  CB   sing N N 142 
HIS CA  HA   sing N N 143 
HIS C   O    doub N N 144 
HIS C   OXT  sing N N 145 
HIS CB  CG   sing N N 146 
HIS CB  HB2  sing N N 147 
HIS CB  HB3  sing N N 148 
HIS CG  ND1  sing Y N 149 
HIS CG  CD2  doub Y N 150 
HIS ND1 CE1  doub Y N 151 
HIS ND1 HD1  sing N N 152 
HIS CD2 NE2  sing Y N 153 
HIS CD2 HD2  sing N N 154 
HIS CE1 NE2  sing Y N 155 
HIS CE1 HE1  sing N N 156 
HIS NE2 HE2  sing N N 157 
HIS OXT HXT  sing N N 158 
HOH O   H1   sing N N 159 
HOH O   H2   sing N N 160 
ILE N   CA   sing N N 161 
ILE N   H    sing N N 162 
ILE N   H2   sing N N 163 
ILE CA  C    sing N N 164 
ILE CA  CB   sing N N 165 
ILE CA  HA   sing N N 166 
ILE C   O    doub N N 167 
ILE C   OXT  sing N N 168 
ILE CB  CG1  sing N N 169 
ILE CB  CG2  sing N N 170 
ILE CB  HB   sing N N 171 
ILE CG1 CD1  sing N N 172 
ILE CG1 HG12 sing N N 173 
ILE CG1 HG13 sing N N 174 
ILE CG2 HG21 sing N N 175 
ILE CG2 HG22 sing N N 176 
ILE CG2 HG23 sing N N 177 
ILE CD1 HD11 sing N N 178 
ILE CD1 HD12 sing N N 179 
ILE CD1 HD13 sing N N 180 
ILE OXT HXT  sing N N 181 
LEU N   CA   sing N N 182 
LEU N   H    sing N N 183 
LEU N   H2   sing N N 184 
LEU CA  C    sing N N 185 
LEU CA  CB   sing N N 186 
LEU CA  HA   sing N N 187 
LEU C   O    doub N N 188 
LEU C   OXT  sing N N 189 
LEU CB  CG   sing N N 190 
LEU CB  HB2  sing N N 191 
LEU CB  HB3  sing N N 192 
LEU CG  CD1  sing N N 193 
LEU CG  CD2  sing N N 194 
LEU CG  HG   sing N N 195 
LEU CD1 HD11 sing N N 196 
LEU CD1 HD12 sing N N 197 
LEU CD1 HD13 sing N N 198 
LEU CD2 HD21 sing N N 199 
LEU CD2 HD22 sing N N 200 
LEU CD2 HD23 sing N N 201 
LEU OXT HXT  sing N N 202 
LYS N   CA   sing N N 203 
LYS N   H    sing N N 204 
LYS N   H2   sing N N 205 
LYS CA  C    sing N N 206 
LYS CA  CB   sing N N 207 
LYS CA  HA   sing N N 208 
LYS C   O    doub N N 209 
LYS C   OXT  sing N N 210 
LYS CB  CG   sing N N 211 
LYS CB  HB2  sing N N 212 
LYS CB  HB3  sing N N 213 
LYS CG  CD   sing N N 214 
LYS CG  HG2  sing N N 215 
LYS CG  HG3  sing N N 216 
LYS CD  CE   sing N N 217 
LYS CD  HD2  sing N N 218 
LYS CD  HD3  sing N N 219 
LYS CE  NZ   sing N N 220 
LYS CE  HE2  sing N N 221 
LYS CE  HE3  sing N N 222 
LYS NZ  HZ1  sing N N 223 
LYS NZ  HZ2  sing N N 224 
LYS NZ  HZ3  sing N N 225 
LYS OXT HXT  sing N N 226 
MET N   CA   sing N N 227 
MET N   H    sing N N 228 
MET N   H2   sing N N 229 
MET CA  C    sing N N 230 
MET CA  CB   sing N N 231 
MET CA  HA   sing N N 232 
MET C   O    doub N N 233 
MET C   OXT  sing N N 234 
MET CB  CG   sing N N 235 
MET CB  HB2  sing N N 236 
MET CB  HB3  sing N N 237 
MET CG  SD   sing N N 238 
MET CG  HG2  sing N N 239 
MET CG  HG3  sing N N 240 
MET SD  CE   sing N N 241 
MET CE  HE1  sing N N 242 
MET CE  HE2  sing N N 243 
MET CE  HE3  sing N N 244 
MET OXT HXT  sing N N 245 
PHE N   CA   sing N N 246 
PHE N   H    sing N N 247 
PHE N   H2   sing N N 248 
PHE CA  C    sing N N 249 
PHE CA  CB   sing N N 250 
PHE CA  HA   sing N N 251 
PHE C   O    doub N N 252 
PHE C   OXT  sing N N 253 
PHE CB  CG   sing N N 254 
PHE CB  HB2  sing N N 255 
PHE CB  HB3  sing N N 256 
PHE CG  CD1  doub Y N 257 
PHE CG  CD2  sing Y N 258 
PHE CD1 CE1  sing Y N 259 
PHE CD1 HD1  sing N N 260 
PHE CD2 CE2  doub Y N 261 
PHE CD2 HD2  sing N N 262 
PHE CE1 CZ   doub Y N 263 
PHE CE1 HE1  sing N N 264 
PHE CE2 CZ   sing Y N 265 
PHE CE2 HE2  sing N N 266 
PHE CZ  HZ   sing N N 267 
PHE OXT HXT  sing N N 268 
PRO N   CA   sing N N 269 
PRO N   CD   sing N N 270 
PRO N   H    sing N N 271 
PRO CA  C    sing N N 272 
PRO CA  CB   sing N N 273 
PRO CA  HA   sing N N 274 
PRO C   O    doub N N 275 
PRO C   OXT  sing N N 276 
PRO CB  CG   sing N N 277 
PRO CB  HB2  sing N N 278 
PRO CB  HB3  sing N N 279 
PRO CG  CD   sing N N 280 
PRO CG  HG2  sing N N 281 
PRO CG  HG3  sing N N 282 
PRO CD  HD2  sing N N 283 
PRO CD  HD3  sing N N 284 
PRO OXT HXT  sing N N 285 
SER N   CA   sing N N 286 
SER N   H    sing N N 287 
SER N   H2   sing N N 288 
SER CA  C    sing N N 289 
SER CA  CB   sing N N 290 
SER CA  HA   sing N N 291 
SER C   O    doub N N 292 
SER C   OXT  sing N N 293 
SER CB  OG   sing N N 294 
SER CB  HB2  sing N N 295 
SER CB  HB3  sing N N 296 
SER OG  HG   sing N N 297 
SER OXT HXT  sing N N 298 
SO4 S   O1   doub N N 299 
SO4 S   O2   doub N N 300 
SO4 S   O3   sing N N 301 
SO4 S   O4   sing N N 302 
THR N   CA   sing N N 303 
THR N   H    sing N N 304 
THR N   H2   sing N N 305 
THR CA  C    sing N N 306 
THR CA  CB   sing N N 307 
THR CA  HA   sing N N 308 
THR C   O    doub N N 309 
THR C   OXT  sing N N 310 
THR CB  OG1  sing N N 311 
THR CB  CG2  sing N N 312 
THR CB  HB   sing N N 313 
THR OG1 HG1  sing N N 314 
THR CG2 HG21 sing N N 315 
THR CG2 HG22 sing N N 316 
THR CG2 HG23 sing N N 317 
THR OXT HXT  sing N N 318 
TRP N   CA   sing N N 319 
TRP N   H    sing N N 320 
TRP N   H2   sing N N 321 
TRP CA  C    sing N N 322 
TRP CA  CB   sing N N 323 
TRP CA  HA   sing N N 324 
TRP C   O    doub N N 325 
TRP C   OXT  sing N N 326 
TRP CB  CG   sing N N 327 
TRP CB  HB2  sing N N 328 
TRP CB  HB3  sing N N 329 
TRP CG  CD1  doub Y N 330 
TRP CG  CD2  sing Y N 331 
TRP CD1 NE1  sing Y N 332 
TRP CD1 HD1  sing N N 333 
TRP CD2 CE2  doub Y N 334 
TRP CD2 CE3  sing Y N 335 
TRP NE1 CE2  sing Y N 336 
TRP NE1 HE1  sing N N 337 
TRP CE2 CZ2  sing Y N 338 
TRP CE3 CZ3  doub Y N 339 
TRP CE3 HE3  sing N N 340 
TRP CZ2 CH2  doub Y N 341 
TRP CZ2 HZ2  sing N N 342 
TRP CZ3 CH2  sing Y N 343 
TRP CZ3 HZ3  sing N N 344 
TRP CH2 HH2  sing N N 345 
TRP OXT HXT  sing N N 346 
TYR N   CA   sing N N 347 
TYR N   H    sing N N 348 
TYR N   H2   sing N N 349 
TYR CA  C    sing N N 350 
TYR CA  CB   sing N N 351 
TYR CA  HA   sing N N 352 
TYR C   O    doub N N 353 
TYR C   OXT  sing N N 354 
TYR CB  CG   sing N N 355 
TYR CB  HB2  sing N N 356 
TYR CB  HB3  sing N N 357 
TYR CG  CD1  doub Y N 358 
TYR CG  CD2  sing Y N 359 
TYR CD1 CE1  sing Y N 360 
TYR CD1 HD1  sing N N 361 
TYR CD2 CE2  doub Y N 362 
TYR CD2 HD2  sing N N 363 
TYR CE1 CZ   doub Y N 364 
TYR CE1 HE1  sing N N 365 
TYR CE2 CZ   sing Y N 366 
TYR CE2 HE2  sing N N 367 
TYR CZ  OH   sing N N 368 
TYR OH  HH   sing N N 369 
TYR OXT HXT  sing N N 370 
VAL N   CA   sing N N 371 
VAL N   H    sing N N 372 
VAL N   H2   sing N N 373 
VAL CA  C    sing N N 374 
VAL CA  CB   sing N N 375 
VAL CA  HA   sing N N 376 
VAL C   O    doub N N 377 
VAL C   OXT  sing N N 378 
VAL CB  CG1  sing N N 379 
VAL CB  CG2  sing N N 380 
VAL CB  HB   sing N N 381 
VAL CG1 HG11 sing N N 382 
VAL CG1 HG12 sing N N 383 
VAL CG1 HG13 sing N N 384 
VAL CG2 HG21 sing N N 385 
VAL CG2 HG22 sing N N 386 
VAL CG2 HG23 sing N N 387 
VAL OXT HXT  sing N N 388 
# 
loop_
_pdbx_audit_support.funding_organization 
_pdbx_audit_support.country 
_pdbx_audit_support.grant_number 
_pdbx_audit_support.ordinal 
'Ministry of Education, Culture, Sports, Science and Technology (Japan)' Japan ? 1 
'Japan Agency for Medical Research and Development (AMED)'               Japan ? 2 
'Japan Science and Technology'                                           Japan ? 3 
# 
_pdbx_entity_instance_feature.ordinal        1 
_pdbx_entity_instance_feature.comp_id        ZN 
_pdbx_entity_instance_feature.asym_id        ? 
_pdbx_entity_instance_feature.seq_num        ? 
_pdbx_entity_instance_feature.auth_comp_id   ZN 
_pdbx_entity_instance_feature.auth_asym_id   ? 
_pdbx_entity_instance_feature.auth_seq_num   ? 
_pdbx_entity_instance_feature.feature_type   'SUBJECT OF INVESTIGATION' 
_pdbx_entity_instance_feature.details        ? 
# 
_atom_sites.entry_id                    7W86 
_atom_sites.Cartn_transf_matrix[1][1]   ? 
_atom_sites.Cartn_transf_matrix[1][2]   ? 
_atom_sites.Cartn_transf_matrix[1][3]   ? 
_atom_sites.Cartn_transf_matrix[2][1]   ? 
_atom_sites.Cartn_transf_matrix[2][2]   ? 
_atom_sites.Cartn_transf_matrix[2][3]   ? 
_atom_sites.Cartn_transf_matrix[3][1]   ? 
_atom_sites.Cartn_transf_matrix[3][2]   ? 
_atom_sites.Cartn_transf_matrix[3][3]   ? 
_atom_sites.Cartn_transf_vector[1]      ? 
_atom_sites.Cartn_transf_vector[2]      ? 
_atom_sites.Cartn_transf_vector[3]      ? 
_atom_sites.fract_transf_matrix[1][1]   -0.02059973 
_atom_sites.fract_transf_matrix[1][2]   0.01226576 
_atom_sites.fract_transf_matrix[1][3]   -0.01910311 
_atom_sites.fract_transf_matrix[2][1]   -0.01627862 
_atom_sites.fract_transf_matrix[2][2]   -0.01021380 
_atom_sites.fract_transf_matrix[2][3]   0.01099586 
_atom_sites.fract_transf_matrix[3][1]   -0.00495963 
_atom_sites.fract_transf_matrix[3][2]   0.02291488 
_atom_sites.fract_transf_matrix[3][3]   0.01394272 
_atom_sites.fract_transf_vector[1]      -0.048944 
_atom_sites.fract_transf_vector[2]      0.022852 
_atom_sites.fract_transf_vector[3]      0.267050 
_atom_sites.solution_primary            ? 
_atom_sites.solution_secondary          ? 
_atom_sites.solution_hydrogens          ? 
_atom_sites.special_details             ? 
# 
loop_
_atom_type.symbol 
C  
N  
O  
S  
ZN 
# 
loop_
_atom_site.group_PDB 
_atom_site.id 
_atom_site.type_symbol 
_atom_site.label_atom_id 
_atom_site.label_alt_id 
_atom_site.label_comp_id 
_atom_site.label_asym_id 
_atom_site.label_entity_id 
_atom_site.label_seq_id 
_atom_site.pdbx_PDB_ins_code 
_atom_site.Cartn_x 
_atom_site.Cartn_y 
_atom_site.Cartn_z 
_atom_site.occupancy 
_atom_site.B_iso_or_equiv 
_atom_site.pdbx_formal_charge 
_atom_site.auth_seq_id 
_atom_site.auth_comp_id 
_atom_site.auth_asym_id 
_atom_site.auth_atom_id 
_atom_site.pdbx_PDB_model_num 
ATOM   1    N  N   . LYS A 1 1   ? -22.950 -3.556  1.658   1.00 64.88  ? 123 LYS A N   1 
ATOM   2    C  CA  . LYS A 1 1   ? -23.202 -5.031  1.674   1.00 63.58  ? 123 LYS A CA  1 
ATOM   3    C  C   . LYS A 1 1   ? -22.438 -5.691  0.521   1.00 57.63  ? 123 LYS A C   1 
ATOM   4    O  O   . LYS A 1 1   ? -21.497 -6.462  0.798   1.00 52.45  ? 123 LYS A O   1 
ATOM   5    C  CB  . LYS A 1 1   ? -24.702 -5.326  1.596   1.00 68.18  ? 123 LYS A CB  1 
ATOM   6    C  CG  . LYS A 1 1   ? -25.518 -4.844  2.786   1.00 73.19  ? 123 LYS A CG  1 
ATOM   7    C  CD  . LYS A 1 1   ? -27.005 -4.913  2.532   1.00 75.11  ? 123 LYS A CD  1 
ATOM   8    C  CE  . LYS A 1 1   ? -27.818 -4.234  3.610   1.00 73.46  ? 123 LYS A CE  1 
ATOM   9    N  NZ  . LYS A 1 1   ? -29.253 -4.221  3.248   1.00 72.39  ? 123 LYS A NZ  1 
ATOM   10   N  N   . LYS A 1 2   ? -22.824 -5.406  -0.726  1.00 50.65  ? 124 LYS A N   1 
ATOM   11   C  CA  . LYS A 1 2   ? -22.021 -5.766  -1.922  1.00 46.04  ? 124 LYS A CA  1 
ATOM   12   C  C   . LYS A 1 2   ? -20.735 -4.929  -1.909  1.00 39.24  ? 124 LYS A C   1 
ATOM   13   O  O   . LYS A 1 2   ? -19.748 -5.386  -2.518  1.00 37.86  ? 124 LYS A O   1 
ATOM   14   C  CB  . LYS A 1 2   ? -22.803 -5.558  -3.226  1.00 47.53  ? 124 LYS A CB  1 
ATOM   15   C  CG  . LYS A 1 2   ? -23.766 -6.678  -3.597  1.00 51.08  ? 124 LYS A CG  1 
ATOM   16   C  CD  . LYS A 1 2   ? -24.691 -6.338  -4.754  1.00 52.02  ? 124 LYS A CD  1 
ATOM   17   C  CE  . LYS A 1 2   ? -24.170 -6.789  -6.103  1.00 57.66  ? 124 LYS A CE  1 
ATOM   18   N  NZ  . LYS A 1 2   ? -22.731 -6.476  -6.287  1.00 62.78  ? 124 LYS A NZ  1 
ATOM   19   N  N   . ALA A 1 3   ? -20.738 -3.746  -1.271  1.00 32.88  ? 125 ALA A N   1 
ATOM   20   C  CA  . ALA A 1 3   ? -19.524 -2.906  -1.098  1.00 31.22  ? 125 ALA A CA  1 
ATOM   21   C  C   . ALA A 1 3   ? -18.564 -3.626  -0.152  1.00 26.87  ? 125 ALA A C   1 
ATOM   22   O  O   . ALA A 1 3   ? -17.348 -3.493  -0.301  1.00 26.41  ? 125 ALA A O   1 
ATOM   23   C  CB  . ALA A 1 3   ? -19.871 -1.536  -0.570  1.00 34.98  ? 125 ALA A CB  1 
ATOM   24   N  N   . ILE A 1 4   ? -19.105 -4.357  0.810   1.00 27.95  ? 126 ILE A N   1 
ATOM   25   C  CA  . ILE A 1 4   ? -18.281 -5.194  1.733   1.00 33.75  ? 126 ILE A CA  1 
ATOM   26   C  C   . ILE A 1 4   ? -17.547 -6.222  0.871   1.00 31.62  ? 126 ILE A C   1 
ATOM   27   O  O   . ILE A 1 4   ? -16.402 -6.535  1.185   1.00 30.03  ? 126 ILE A O   1 
ATOM   28   C  CB  . ILE A 1 4   ? -19.120 -5.875  2.830   1.00 36.02  ? 126 ILE A CB  1 
ATOM   29   C  CG1 . ILE A 1 4   ? -20.056 -4.890  3.525   1.00 41.74  ? 126 ILE A CG1 1 
ATOM   30   C  CG2 . ILE A 1 4   ? -18.216 -6.580  3.834   1.00 39.68  ? 126 ILE A CG2 1 
ATOM   31   C  CD1 . ILE A 1 4   ? -19.391 -3.621  3.947   1.00 44.98  ? 126 ILE A CD1 1 
ATOM   32   N  N   . VAL A 1 5   ? -18.212 -6.743  -0.168  1.00 31.96  ? 127 VAL A N   1 
ATOM   33   C  CA  . VAL A 1 5   ? -17.593 -7.681  -1.143  1.00 29.16  ? 127 VAL A CA  1 
ATOM   34   C  C   . VAL A 1 5   ? -16.396 -7.005  -1.826  1.00 28.11  ? 127 VAL A C   1 
ATOM   35   O  O   . VAL A 1 5   ? -15.353 -7.673  -1.943  1.00 23.86  ? 127 VAL A O   1 
ATOM   36   C  CB  . VAL A 1 5   ? -18.605 -8.207  -2.176  1.00 35.52  ? 127 VAL A CB  1 
ATOM   37   C  CG1 . VAL A 1 5   ? -17.902 -8.862  -3.350  1.00 37.20  ? 127 VAL A CG1 1 
ATOM   38   C  CG2 . VAL A 1 5   ? -19.588 -9.173  -1.541  1.00 40.44  ? 127 VAL A CG2 1 
ATOM   39   N  N   . ASP A 1 6   ? -16.524 -5.762  -2.322  1.00 28.03  ? 128 ASP A N   1 
ATOM   40   C  CA  . ASP A 1 6   ? -15.366 -5.001  -2.875  1.00 26.62  ? 128 ASP A CA  1 
ATOM   41   C  C   . ASP A 1 6   ? -14.215 -4.975  -1.863  1.00 22.65  ? 128 ASP A C   1 
ATOM   42   O  O   . ASP A 1 6   ? -13.063 -5.186  -2.261  1.00 22.22  ? 128 ASP A O   1 
ATOM   43   C  CB  . ASP A 1 6   ? -15.692 -3.542  -3.200  1.00 27.43  ? 128 ASP A CB  1 
ATOM   44   C  CG  . ASP A 1 6   ? -16.694 -3.361  -4.328  1.00 31.09  ? 128 ASP A CG  1 
ATOM   45   O  OD1 . ASP A 1 6   ? -16.818 -4.251  -5.211  1.00 29.25  ? 128 ASP A OD1 1 
ATOM   46   O  OD2 . ASP A 1 6   ? -17.333 -2.323  -4.314  1.00 32.20  ? 128 ASP A OD2 1 
ATOM   47   N  N   . ARG A 1 7   ? -14.504 -4.673  -0.598  1.00 21.84  ? 129 ARG A N   1 
ATOM   48   C  CA  . ARG A 1 7   ? -13.465 -4.643  0.468   1.00 21.97  ? 129 ARG A CA  1 
ATOM   49   C  C   . ARG A 1 7   ? -12.827 -6.031  0.585   1.00 21.12  ? 129 ARG A C   1 
ATOM   50   O  O   . ARG A 1 7   ? -11.602 -6.079  0.717   1.00 23.55  ? 129 ARG A O   1 
ATOM   51   C  CB  . ARG A 1 7   ? -14.039 -4.258  1.832   1.00 23.43  ? 129 ARG A CB  1 
ATOM   52   C  CG  . ARG A 1 7   ? -14.577 -2.840  1.903   1.00 25.99  ? 129 ARG A CG  1 
ATOM   53   C  CD  . ARG A 1 7   ? -13.499 -1.794  1.689   1.00 27.21  ? 129 ARG A CD  1 
ATOM   54   N  NE  . ARG A 1 7   ? -14.109 -0.483  1.644   1.00 28.74  ? 129 ARG A NE  1 
ATOM   55   C  CZ  . ARG A 1 7   ? -14.694 0.041   0.577   1.00 34.50  ? 129 ARG A CZ  1 
ATOM   56   N  NH1 . ARG A 1 7   ? -14.715 -0.616  -0.577  1.00 36.73  ? 129 ARG A NH1 1 
ATOM   57   N  NH2 . ARG A 1 7   ? -15.248 1.239   0.663   1.00 37.17  ? 129 ARG A NH2 1 
ATOM   58   N  N   . SER A 1 8   ? -13.644 -7.088  0.668   1.00 19.99  ? 130 SER A N   1 
ATOM   59   C  CA  . SER A 1 8   ? -13.171 -8.494  0.774   1.00 20.30  ? 130 SER A CA  1 
ATOM   60   C  C   . SER A 1 8   ? -12.176 -8.770  -0.347  1.00 18.81  ? 130 SER A C   1 
ATOM   61   O  O   . SER A 1 8   ? -11.122 -9.268  -0.054  1.00 17.84  ? 130 SER A O   1 
ATOM   62   C  CB  . SER A 1 8   ? -14.271 -9.515  0.750   1.00 19.33  ? 130 SER A CB  1 
ATOM   63   O  OG  . SER A 1 8   ? -15.015 -9.424  1.944   1.00 25.34  ? 130 SER A OG  1 
ATOM   64   N  N   . LYS A 1 9   ? -12.553 -8.467  -1.581  1.00 18.00  ? 131 LYS A N   1 
ATOM   65   C  CA  . LYS A 1 9   ? -11.669 -8.655  -2.767  1.00 21.93  ? 131 LYS A CA  1 
ATOM   66   C  C   . LYS A 1 9   ? -10.359 -7.866  -2.597  1.00 19.99  ? 131 LYS A C   1 
ATOM   67   O  O   . LYS A 1 9   ? -9.281  -8.414  -2.907  1.00 20.50  ? 131 LYS A O   1 
ATOM   68   C  CB  . LYS A 1 9   ? -12.420 -8.235  -4.028  1.00 21.77  ? 131 LYS A CB  1 
ATOM   69   C  CG  . LYS A 1 9   ? -13.580 -9.115  -4.438  1.00 25.65  ? 131 LYS A CG  1 
ATOM   70   C  CD  . LYS A 1 9   ? -14.339 -8.431  -5.536  1.00 30.71  ? 131 LYS A CD  1 
ATOM   71   C  CE  . LYS A 1 9   ? -14.826 -9.336  -6.627  1.00 34.33  ? 131 LYS A CE  1 
ATOM   72   N  NZ  . LYS A 1 9   ? -15.706 -10.369 -6.063  1.00 37.46  ? 131 LYS A NZ  1 
ATOM   73   N  N   . ALA A 1 10  ? -10.408 -6.651  -2.059  1.00 19.38  ? 132 ALA A N   1 
ATOM   74   C  CA  . ALA A 1 10  ? -9.204  -5.824  -1.832  1.00 20.22  ? 132 ALA A CA  1 
ATOM   75   C  C   . ALA A 1 10  ? -8.325  -6.497  -0.779  1.00 19.84  ? 132 ALA A C   1 
ATOM   76   O  O   . ALA A 1 10  ? -7.121  -6.535  -0.971  1.00 20.45  ? 132 ALA A O   1 
ATOM   77   C  CB  . ALA A 1 10  ? -9.563  -4.423  -1.403  1.00 20.66  ? 132 ALA A CB  1 
ATOM   78   N  N   . TYR A 1 11  ? -8.916  -7.043  0.290   1.00 19.66  ? 133 TYR A N   1 
ATOM   79   C  CA  . TYR A 1 11  ? -8.146  -7.686  1.386   1.00 20.49  ? 133 TYR A CA  1 
ATOM   80   C  C   . TYR A 1 11  ? -7.460  -8.948  0.872   1.00 20.15  ? 133 TYR A C   1 
ATOM   81   O  O   . TYR A 1 11  ? -6.345  -9.240  1.272   1.00 19.51  ? 133 TYR A O   1 
ATOM   82   C  CB  . TYR A 1 11  ? -9.023  -8.005  2.594   1.00 22.67  ? 133 TYR A CB  1 
ATOM   83   C  CG  . TYR A 1 11  ? -9.293  -6.833  3.489   1.00 24.59  ? 133 TYR A CG  1 
ATOM   84   C  CD1 . TYR A 1 11  ? -8.280  -6.275  4.262   1.00 27.50  ? 133 TYR A CD1 1 
ATOM   85   C  CD2 . TYR A 1 11  ? -10.568 -6.294  3.590   1.00 24.34  ? 133 TYR A CD2 1 
ATOM   86   C  CE1 . TYR A 1 11  ? -8.536  -5.206  5.107   1.00 27.04  ? 133 TYR A CE1 1 
ATOM   87   C  CE2 . TYR A 1 11  ? -10.833 -5.221  4.422   1.00 24.68  ? 133 TYR A CE2 1 
ATOM   88   C  CZ  . TYR A 1 11  ? -9.812  -4.687  5.191   1.00 28.84  ? 133 TYR A CZ  1 
ATOM   89   O  OH  . TYR A 1 11  ? -10.072 -3.618  5.990   1.00 29.87  ? 133 TYR A OH  1 
ATOM   90   N  N   . VAL A 1 12  ? -8.118  -9.668  -0.027  1.00 19.97  ? 134 VAL A N   1 
ATOM   91   C  CA  . VAL A 1 12  ? -7.576  -10.896 -0.645  1.00 19.93  ? 134 VAL A CA  1 
ATOM   92   C  C   . VAL A 1 12  ? -6.380  -10.510 -1.525  1.00 21.23  ? 134 VAL A C   1 
ATOM   93   O  O   . VAL A 1 12  ? -5.277  -11.061 -1.321  1.00 21.17  ? 134 VAL A O   1 
ATOM   94   C  CB  . VAL A 1 12  ? -8.647  -11.691 -1.423  1.00 18.80  ? 134 VAL A CB  1 
ATOM   95   C  CG1 . VAL A 1 12  ? -7.986  -12.845 -2.143  1.00 20.21  ? 134 VAL A CG1 1 
ATOM   96   C  CG2 . VAL A 1 12  ? -9.732  -12.219 -0.493  1.00 19.69  ? 134 VAL A CG2 1 
ATOM   97   N  N   . LYS A 1 13  ? -6.558  -9.551  -2.421  1.00 19.24  ? 135 LYS A N   1 
ATOM   98   C  CA  . LYS A 1 13  ? -5.434  -9.077  -3.264  1.00 20.20  ? 135 LYS A CA  1 
ATOM   99   C  C   . LYS A 1 13  ? -4.286  -8.572  -2.379  1.00 19.51  ? 135 LYS A C   1 
ATOM   100  O  O   . LYS A 1 13  ? -3.100  -8.833  -2.674  1.00 19.10  ? 135 LYS A O   1 
ATOM   101  C  CB  . LYS A 1 13  ? -5.908  -8.002  -4.237  1.00 22.58  ? 135 LYS A CB  1 
ATOM   102  C  CG  . LYS A 1 13  ? -4.813  -7.551  -5.197  1.00 25.75  ? 135 LYS A CG  1 
ATOM   103  C  CD  . LYS A 1 13  ? -4.246  -8.639  -6.081  1.00 29.56  ? 135 LYS A CD  1 
ATOM   104  C  CE  . LYS A 1 13  ? -3.108  -8.095  -6.911  1.00 32.93  ? 135 LYS A CE  1 
ATOM   105  N  NZ  . LYS A 1 13  ? -2.643  -9.027  -7.965  1.00 35.28  ? 135 LYS A NZ  1 
ATOM   106  N  N   . LEU A 1 14  ? -4.616  -7.867  -1.302  1.00 21.57  ? 136 LEU A N   1 
ATOM   107  C  CA  . LEU A 1 14  ? -3.610  -7.288  -0.378  1.00 23.66  ? 136 LEU A CA  1 
ATOM   108  C  C   . LEU A 1 14  ? -2.757  -8.409  0.203   1.00 25.30  ? 136 LEU A C   1 
ATOM   109  O  O   . LEU A 1 14  ? -1.523  -8.215  0.360   1.00 26.63  ? 136 LEU A O   1 
ATOM   110  C  CB  . LEU A 1 14  ? -4.358  -6.519  0.724   1.00 24.86  ? 136 LEU A CB  1 
ATOM   111  C  CG  . LEU A 1 14  ? -3.597  -5.420  1.442   1.00 30.36  ? 136 LEU A CG  1 
ATOM   112  C  CD1 . LEU A 1 14  ? -2.706  -4.647  0.485   1.00 28.24  ? 136 LEU A CD1 1 
ATOM   113  C  CD2 . LEU A 1 14  ? -4.562  -4.499  2.175   1.00 30.29  ? 136 LEU A CD2 1 
ATOM   114  N  N   . LYS A 1 15  ? -3.374  -9.522  0.583   1.00 23.78  ? 137 LYS A N   1 
ATOM   115  C  CA  . LYS A 1 15  ? -2.618  -10.665 1.139   1.00 25.57  ? 137 LYS A CA  1 
ATOM   116  C  C   . LYS A 1 15  ? -1.593  -11.126 0.090   1.00 22.85  ? 137 LYS A C   1 
ATOM   117  O  O   . LYS A 1 15  ? -0.423  -11.294 0.444   1.00 24.60  ? 137 LYS A O   1 
ATOM   118  C  CB  . LYS A 1 15  ? -3.555  -11.783 1.598   1.00 26.50  ? 137 LYS A CB  1 
ATOM   119  C  CG  . LYS A 1 15  ? -2.823  -12.889 2.341   1.00 29.75  ? 137 LYS A CG  1 
ATOM   120  C  CD  . LYS A 1 15  ? -3.663  -14.081 2.709   1.00 33.81  ? 137 LYS A CD  1 
ATOM   121  C  CE  . LYS A 1 15  ? -2.871  -15.054 3.568   1.00 38.88  ? 137 LYS A CE  1 
ATOM   122  N  NZ  . LYS A 1 15  ? -3.572  -16.346 3.780   1.00 40.48  ? 137 LYS A NZ  1 
ATOM   123  N  N   . SER A 1 16  ? -2.031  -11.328 -1.148  1.00 24.02  ? 138 SER A N   1 
ATOM   124  C  CA  . SER A 1 16  ? -1.169  -11.740 -2.288  1.00 27.68  ? 138 SER A CA  1 
ATOM   125  C  C   . SER A 1 16  ? -0.025  -10.749 -2.465  1.00 26.21  ? 138 SER A C   1 
ATOM   126  O  O   . SER A 1 16  ? 1.122   -11.189 -2.570  1.00 26.57  ? 138 SER A O   1 
ATOM   127  C  CB  . SER A 1 16  ? -1.933  -11.822 -3.569  1.00 30.29  ? 138 SER A CB  1 
ATOM   128  O  OG  . SER A 1 16  ? -2.766  -12.947 -3.560  1.00 40.20  ? 138 SER A OG  1 
ATOM   129  N  N   . LEU A 1 17  ? -0.358  -9.463  -2.545  1.00 24.35  ? 139 LEU A N   1 
ATOM   130  C  CA  . LEU A 1 17  ? 0.629   -8.373  -2.748  1.00 25.02  ? 139 LEU A CA  1 
ATOM   131  C  C   . LEU A 1 17  ? 1.620   -8.368  -1.592  1.00 22.63  ? 139 LEU A C   1 
ATOM   132  O  O   . LEU A 1 17  ? 2.820   -8.193  -1.856  1.00 25.86  ? 139 LEU A O   1 
ATOM   133  C  CB  . LEU A 1 17  ? -0.094  -7.025  -2.834  1.00 25.71  ? 139 LEU A CB  1 
ATOM   134  C  CG  . LEU A 1 17  ? -0.899  -6.812  -4.109  1.00 28.19  ? 139 LEU A CG  1 
ATOM   135  C  CD1 . LEU A 1 17  ? -1.578  -5.467  -4.092  1.00 31.09  ? 139 LEU A CD1 1 
ATOM   136  C  CD2 . LEU A 1 17  ? -0.024  -6.963  -5.348  1.00 32.55  ? 139 LEU A CD2 1 
ATOM   137  N  N   . GLY A 1 18  ? 1.119   -8.566  -0.372  1.00 22.25  ? 140 GLY A N   1 
ATOM   138  C  CA  . GLY A 1 18  ? 1.901   -8.645  0.874   1.00 22.46  ? 140 GLY A CA  1 
ATOM   139  C  C   . GLY A 1 18  ? 3.006   -9.677  0.753   1.00 24.59  ? 140 GLY A C   1 
ATOM   140  O  O   . GLY A 1 18  ? 4.140   -9.341  1.093   1.00 23.31  ? 140 GLY A O   1 
ATOM   141  N  N   . LYS A 1 19  ? 2.687   -10.886 0.265   1.00 24.08  ? 141 LYS A N   1 
ATOM   142  C  CA  . LYS A 1 19  ? 3.685   -11.971 0.079   1.00 25.53  ? 141 LYS A CA  1 
ATOM   143  C  C   . LYS A 1 19  ? 4.731   -11.545 -0.965  1.00 22.39  ? 141 LYS A C   1 
ATOM   144  O  O   . LYS A 1 19  ? 5.909   -11.678 -0.691  1.00 23.61  ? 141 LYS A O   1 
ATOM   145  C  CB  . LYS A 1 19  ? 3.032   -13.278 -0.378  1.00 32.10  ? 141 LYS A CB  1 
ATOM   146  C  CG  . LYS A 1 19  ? 4.001   -14.459 -0.421  1.00 40.91  ? 141 LYS A CG  1 
ATOM   147  C  CD  . LYS A 1 19  ? 3.776   -15.417 -1.576  1.00 48.27  ? 141 LYS A CD  1 
ATOM   148  C  CE  . LYS A 1 19  ? 4.498   -15.020 -2.847  1.00 49.20  ? 141 LYS A CE  1 
ATOM   149  N  NZ  . LYS A 1 19  ? 3.722   -15.385 -4.057  1.00 51.50  ? 141 LYS A NZ  1 
ATOM   150  N  N   . GLU A 1 20  ? 4.299   -11.031 -2.118  1.00 21.54  ? 142 GLU A N   1 
ATOM   151  C  CA  . GLU A 1 20  ? 5.192   -10.696 -3.261  1.00 21.86  ? 142 GLU A CA  1 
ATOM   152  C  C   . GLU A 1 20  ? 6.099   -9.531  -2.875  1.00 19.84  ? 142 GLU A C   1 
ATOM   153  O  O   . GLU A 1 20  ? 7.296   -9.559  -3.205  1.00 20.91  ? 142 GLU A O   1 
ATOM   154  C  CB  . GLU A 1 20  ? 4.349   -10.363 -4.491  1.00 24.93  ? 142 GLU A CB  1 
ATOM   155  C  CG  . GLU A 1 20  ? 3.595   -11.567 -5.030  1.00 31.20  ? 142 GLU A CG  1 
ATOM   156  C  CD  . GLU A 1 20  ? 2.325   -11.269 -5.815  1.00 37.54  ? 142 GLU A CD  1 
ATOM   157  O  OE1 . GLU A 1 20  ? 2.059   -10.082 -6.102  1.00 44.83  ? 142 GLU A OE1 1 
ATOM   158  O  OE2 . GLU A 1 20  ? 1.590   -12.228 -6.129  1.00 43.23  ? 142 GLU A OE2 1 
ATOM   159  N  N   . VAL A 1 21  ? 5.546   -8.526  -2.182  1.00 20.22  ? 143 VAL A N   1 
ATOM   160  C  CA  . VAL A 1 21  ? 6.322   -7.329  -1.789  1.00 20.24  ? 143 VAL A CA  1 
ATOM   161  C  C   . VAL A 1 21  ? 7.324   -7.766  -0.717  1.00 21.81  ? 143 VAL A C   1 
ATOM   162  O  O   . VAL A 1 21  ? 8.473   -7.350  -0.805  1.00 20.20  ? 143 VAL A O   1 
ATOM   163  C  CB  . VAL A 1 21  ? 5.383   -6.200  -1.350  1.00 19.97  ? 143 VAL A CB  1 
ATOM   164  C  CG1 . VAL A 1 21  ? 6.109   -5.072  -0.665  1.00 21.25  ? 143 VAL A CG1 1 
ATOM   165  C  CG2 . VAL A 1 21  ? 4.587   -5.719  -2.537  1.00 18.40  ? 143 VAL A CG2 1 
ATOM   166  N  N   . ARG A 1 22  ? 6.924   -8.639  0.208   1.00 22.80  ? 144 ARG A N   1 
ATOM   167  C  CA  . ARG A 1 22  ? 7.897   -9.294  1.143   1.00 25.96  ? 144 ARG A CA  1 
ATOM   168  C  C   . ARG A 1 22  ? 9.014   -9.999  0.360   1.00 25.95  ? 144 ARG A C   1 
ATOM   169  O  O   . ARG A 1 22  ? 10.182  -9.819  0.720   1.00 28.03  ? 144 ARG A O   1 
ATOM   170  C  CB  . ARG A 1 22  ? 7.208   -10.280 2.090   1.00 30.42  ? 144 ARG A CB  1 
ATOM   171  C  CG  . ARG A 1 22  ? 6.551   -9.605  3.288   1.00 35.87  ? 144 ARG A CG  1 
ATOM   172  C  CD  . ARG A 1 22  ? 6.046   -10.616 4.307   1.00 42.24  ? 144 ARG A CD  1 
ATOM   173  N  NE  . ARG A 1 22  ? 5.417   -9.930  5.423   1.00 49.62  ? 144 ARG A NE  1 
ATOM   174  C  CZ  . ARG A 1 22  ? 4.159   -9.492  5.437   1.00 54.57  ? 144 ARG A CZ  1 
ATOM   175  N  NH1 . ARG A 1 22  ? 3.371   -9.697  4.390   1.00 56.30  ? 144 ARG A NH1 1 
ATOM   176  N  NH2 . ARG A 1 22  ? 3.688   -8.863  6.504   1.00 50.81  ? 144 ARG A NH2 1 
ATOM   177  N  N   . ASP A 1 23  ? 8.687   -10.769 -0.668  1.00 26.71  ? 145 ASP A N   1 
ATOM   178  C  CA  . ASP A 1 23  ? 9.706   -11.487 -1.488  1.00 28.09  ? 145 ASP A CA  1 
ATOM   179  C  C   . ASP A 1 23  ? 10.628  -10.469 -2.170  1.00 26.75  ? 145 ASP A C   1 
ATOM   180  O  O   . ASP A 1 23  ? 11.795  -10.777 -2.431  1.00 30.45  ? 145 ASP A O   1 
ATOM   181  C  CB  . ASP A 1 23  ? 9.028   -12.396 -2.499  1.00 27.94  ? 145 ASP A CB  1 
ATOM   182  C  CG  . ASP A 1 23  ? 8.402   -13.617 -1.854  1.00 31.06  ? 145 ASP A CG  1 
ATOM   183  O  OD1 . ASP A 1 23  ? 8.692   -13.882 -0.678  1.00 30.64  ? 145 ASP A OD1 1 
ATOM   184  O  OD2 . ASP A 1 23  ? 7.552   -14.205 -2.491  1.00 34.29  ? 145 ASP A OD2 1 
ATOM   185  N  N   . ALA A 1 24  ? 10.123  -9.278  -2.445  1.00 23.73  ? 146 ALA A N   1 
ATOM   186  C  CA  . ALA A 1 24  ? 10.852  -8.195  -3.129  1.00 22.93  ? 146 ALA A CA  1 
ATOM   187  C  C   . ALA A 1 24  ? 11.698  -7.378  -2.156  1.00 26.93  ? 146 ALA A C   1 
ATOM   188  O  O   . ALA A 1 24  ? 12.372  -6.476  -2.654  1.00 30.40  ? 146 ALA A O   1 
ATOM   189  C  CB  . ALA A 1 24  ? 9.893   -7.312  -3.876  1.00 23.31  ? 146 ALA A CB  1 
ATOM   190  N  N   . GLY A 1 25  ? 11.625  -7.651  -0.847  1.00 27.60  ? 147 GLY A N   1 
ATOM   191  C  CA  . GLY A 1 25  ? 12.507  -7.064  0.180   1.00 28.93  ? 147 GLY A CA  1 
ATOM   192  C  C   . GLY A 1 25  ? 11.785  -6.205  1.206   1.00 27.85  ? 147 GLY A C   1 
ATOM   193  O  O   . GLY A 1 25  ? 12.468  -5.660  2.096   1.00 29.52  ? 147 GLY A O   1 
ATOM   194  N  N   . TYR A 1 26  ? 10.466  -6.056  1.140   1.00 25.51  ? 148 TYR A N   1 
ATOM   195  C  CA  . TYR A 1 26  ? 9.708   -5.347  2.213   1.00 22.99  ? 148 TYR A CA  1 
ATOM   196  C  C   . TYR A 1 26  ? 9.807   -6.118  3.530   1.00 23.53  ? 148 TYR A C   1 
ATOM   197  O  O   . TYR A 1 26  ? 9.537   -7.334  3.585   1.00 22.72  ? 148 TYR A O   1 
ATOM   198  C  CB  . TYR A 1 26  ? 8.240   -5.153  1.837   1.00 23.14  ? 148 TYR A CB  1 
ATOM   199  C  CG  . TYR A 1 26  ? 7.341   -4.687  2.952   1.00 21.71  ? 148 TYR A CG  1 
ATOM   200  C  CD1 . TYR A 1 26  ? 7.408   -3.394  3.457   1.00 19.07  ? 148 TYR A CD1 1 
ATOM   201  C  CD2 . TYR A 1 26  ? 6.365   -5.544  3.451   1.00 19.84  ? 148 TYR A CD2 1 
ATOM   202  C  CE1 . TYR A 1 26  ? 6.553   -2.991  4.474   1.00 19.76  ? 148 TYR A CE1 1 
ATOM   203  C  CE2 . TYR A 1 26  ? 5.490   -5.148  4.447   1.00 20.46  ? 148 TYR A CE2 1 
ATOM   204  C  CZ  . TYR A 1 26  ? 5.593   -3.870  4.970   1.00 19.21  ? 148 TYR A CZ  1 
ATOM   205  O  OH  . TYR A 1 26  ? 4.676   -3.543  5.929   1.00 19.23  ? 148 TYR A OH  1 
ATOM   206  N  N   . VAL A 1 27  ? 10.206  -5.404  4.576   1.00 23.52  ? 149 VAL A N   1 
ATOM   207  C  CA  . VAL A 1 27  ? 10.210  -5.911  5.974   1.00 26.64  ? 149 VAL A CA  1 
ATOM   208  C  C   . VAL A 1 27  ? 9.365   -4.970  6.806   1.00 23.46  ? 149 VAL A C   1 
ATOM   209  O  O   . VAL A 1 27  ? 9.735   -3.807  6.986   1.00 24.74  ? 149 VAL A O   1 
ATOM   210  C  CB  . VAL A 1 27  ? 11.650  -6.014  6.505   1.00 27.31  ? 149 VAL A CB  1 
ATOM   211  C  CG1 . VAL A 1 27  ? 11.657  -6.397  7.978   1.00 30.07  ? 149 VAL A CG1 1 
ATOM   212  C  CG2 . VAL A 1 27  ? 12.453  -6.993  5.664   1.00 26.53  ? 149 VAL A CG2 1 
ATOM   213  N  N   . PRO A 1 28  ? 8.204   -5.440  7.322   1.00 25.77  ? 150 PRO A N   1 
ATOM   214  C  CA  . PRO A 1 28  ? 7.274   -4.576  8.043   1.00 28.21  ? 150 PRO A CA  1 
ATOM   215  C  C   . PRO A 1 28  ? 7.862   -4.057  9.358   1.00 32.84  ? 150 PRO A C   1 
ATOM   216  O  O   . PRO A 1 28  ? 8.390   -4.847  10.121  1.00 32.89  ? 150 PRO A O   1 
ATOM   217  C  CB  . PRO A 1 28  ? 6.057   -5.455  8.320   1.00 31.20  ? 150 PRO A CB  1 
ATOM   218  C  CG  . PRO A 1 28  ? 6.549   -6.872  8.177   1.00 30.00  ? 150 PRO A CG  1 
ATOM   219  C  CD  . PRO A 1 28  ? 7.737   -6.827  7.251   1.00 26.02  ? 150 PRO A CD  1 
ATOM   220  N  N   . GLU A 1 29  ? 7.796   -2.744  9.573   1.00 31.72  ? 151 GLU A N   1 
ATOM   221  C  CA  . GLU A 1 29  ? 8.379   -2.091  10.772  1.00 33.82  ? 151 GLU A CA  1 
ATOM   222  C  C   . GLU A 1 29  ? 7.262   -2.007  11.815  1.00 34.65  ? 151 GLU A C   1 
ATOM   223  O  O   . GLU A 1 29  ? 6.539   -1.002  11.838  1.00 34.63  ? 151 GLU A O   1 
ATOM   224  C  CB  . GLU A 1 29  ? 9.028   -0.764  10.378  1.00 38.14  ? 151 GLU A CB  1 
ATOM   225  C  CG  . GLU A 1 29  ? 10.514  -0.890  10.090  1.00 47.57  ? 151 GLU A CG  1 
ATOM   226  C  CD  . GLU A 1 29  ? 11.392  -0.892  11.337  1.00 56.39  ? 151 GLU A CD  1 
ATOM   227  O  OE1 . GLU A 1 29  ? 11.963  -1.954  11.656  1.00 64.99  ? 151 GLU A OE1 1 
ATOM   228  O  OE2 . GLU A 1 29  ? 11.518  0.173   11.989  1.00 67.31  ? 151 GLU A OE2 1 
ATOM   229  N  N   . THR A 1 30  ? 7.086   -3.092  12.564  1.00 32.47  ? 152 THR A N   1 
ATOM   230  C  CA  . THR A 1 30  ? 5.959   -3.325  13.503  1.00 38.16  ? 152 THR A CA  1 
ATOM   231  C  C   . THR A 1 30  ? 6.224   -2.665  14.853  1.00 44.11  ? 152 THR A C   1 
ATOM   232  O  O   . THR A 1 30  ? 5.265   -2.595  15.638  1.00 42.75  ? 152 THR A O   1 
ATOM   233  C  CB  . THR A 1 30  ? 5.700   -4.815  13.720  1.00 39.07  ? 152 THR A CB  1 
ATOM   234  O  OG1 . THR A 1 30  ? 6.922   -5.364  14.208  1.00 40.16  ? 152 THR A OG1 1 
ATOM   235  C  CG2 . THR A 1 30  ? 5.225   -5.510  12.466  1.00 38.19  ? 152 THR A CG2 1 
ATOM   236  N  N   . LYS A 1 31  ? 7.449   -2.185  15.100  1.00 48.70  ? 153 LYS A N   1 
ATOM   237  C  CA  . LYS A 1 31  ? 7.810   -1.451  16.349  1.00 52.54  ? 153 LYS A CA  1 
ATOM   238  C  C   . LYS A 1 31  ? 6.919   -0.208  16.453  1.00 48.85  ? 153 LYS A C   1 
ATOM   239  O  O   . LYS A 1 31  ? 6.752   0.330   17.573  1.00 53.65  ? 153 LYS A O   1 
ATOM   240  C  CB  . LYS A 1 31  ? 9.306   -1.103  16.385  1.00 53.75  ? 153 LYS A CB  1 
ATOM   241  C  CG  . LYS A 1 31  ? 9.820   -0.204  15.264  1.00 56.95  ? 153 LYS A CG  1 
ATOM   242  C  CD  . LYS A 1 31  ? 11.230  0.333   15.482  1.00 57.52  ? 153 LYS A CD  1 
ATOM   243  C  CE  . LYS A 1 31  ? 12.254  -0.739  15.792  1.00 58.20  ? 153 LYS A CE  1 
ATOM   244  N  NZ  . LYS A 1 31  ? 12.183  -1.863  14.830  1.00 57.82  ? 153 LYS A NZ  1 
ATOM   245  N  N   . TYR A 1 32  ? 6.365   0.211   15.318  1.00 41.99  ? 154 TYR A N   1 
ATOM   246  C  CA  . TYR A 1 32  ? 5.436   1.356   15.152  1.00 41.06  ? 154 TYR A CA  1 
ATOM   247  C  C   . TYR A 1 32  ? 4.033   1.067   15.713  1.00 40.80  ? 154 TYR A C   1 
ATOM   248  O  O   . TYR A 1 32  ? 3.346   1.999   16.153  1.00 41.46  ? 154 TYR A O   1 
ATOM   249  C  CB  . TYR A 1 32  ? 5.251   1.619   13.658  1.00 38.71  ? 154 TYR A CB  1 
ATOM   250  N  N   . VAL A 1 33  ? 3.581   -0.183  15.622  1.00 37.03  ? 155 VAL A N   1 
ATOM   251  C  CA  . VAL A 1 33  ? 2.179   -0.584  15.943  1.00 35.23  ? 155 VAL A CA  1 
ATOM   252  C  C   . VAL A 1 33  ? 2.071   -0.644  17.470  1.00 37.39  ? 155 VAL A C   1 
ATOM   253  O  O   . VAL A 1 33  ? 2.555   -1.624  18.055  1.00 34.63  ? 155 VAL A O   1 
ATOM   254  C  CB  . VAL A 1 33  ? 1.835   -1.922  15.267  1.00 34.91  ? 155 VAL A CB  1 
ATOM   255  C  CG1 . VAL A 1 33  ? 0.439   -2.410  15.626  1.00 34.41  ? 155 VAL A CG1 1 
ATOM   256  C  CG2 . VAL A 1 33  ? 1.997   -1.842  13.758  1.00 33.75  ? 155 VAL A CG2 1 
ATOM   257  N  N   . LEU A 1 34  ? 1.483   0.381   18.092  1.00 35.62  ? 156 LEU A N   1 
ATOM   258  C  CA  . LEU A 1 34  ? 1.531   0.560   19.565  1.00 39.99  ? 156 LEU A CA  1 
ATOM   259  C  C   . LEU A 1 34  ? 0.310   -0.121  20.166  1.00 37.75  ? 156 LEU A C   1 
ATOM   260  O  O   . LEU A 1 34  ? -0.551  0.607   20.693  1.00 35.53  ? 156 LEU A O   1 
ATOM   261  C  CB  . LEU A 1 34  ? 1.560   2.054   19.899  1.00 43.22  ? 156 LEU A CB  1 
ATOM   262  C  CG  . LEU A 1 34  ? 2.695   2.847   19.262  1.00 48.01  ? 156 LEU A CG  1 
ATOM   263  C  CD1 . LEU A 1 34  ? 2.850   4.185   19.974  1.00 51.33  ? 156 LEU A CD1 1 
ATOM   264  C  CD2 . LEU A 1 34  ? 4.005   2.059   19.291  1.00 48.25  ? 156 LEU A CD2 1 
ATOM   265  N  N   . HIS A 1 35  ? 0.222   -1.444  20.005  1.00 34.04  ? 157 HIS A N   1 
ATOM   266  C  CA  . HIS A 1 35  ? -0.850  -2.325  20.547  1.00 34.79  ? 157 HIS A CA  1 
ATOM   267  C  C   . HIS A 1 35  ? -0.196  -3.578  21.137  1.00 36.97  ? 157 HIS A C   1 
ATOM   268  O  O   . HIS A 1 35  ? 0.781   -4.096  20.540  1.00 37.17  ? 157 HIS A O   1 
ATOM   269  C  CB  . HIS A 1 35  ? -1.924  -2.660  19.489  1.00 30.52  ? 157 HIS A CB  1 
ATOM   270  C  CG  . HIS A 1 35  ? -2.536  -1.448  18.871  1.00 29.77  ? 157 HIS A CG  1 
ATOM   271  N  ND1 . HIS A 1 35  ? -3.583  -0.756  19.469  1.00 28.41  ? 157 HIS A ND1 1 
ATOM   272  C  CD2 . HIS A 1 35  ? -2.203  -0.759  17.761  1.00 29.34  ? 157 HIS A CD2 1 
ATOM   273  C  CE1 . HIS A 1 35  ? -3.893  0.284   18.730  1.00 26.87  ? 157 HIS A CE1 1 
ATOM   274  N  NE2 . HIS A 1 35  ? -3.061  0.305   17.655  1.00 29.46  ? 157 HIS A NE2 1 
ATOM   275  N  N   . ASP A 1 36  ? -0.690  -4.005  22.302  1.00 40.94  ? 158 ASP A N   1 
ATOM   276  C  CA  . ASP A 1 36  ? -0.239  -5.213  23.037  1.00 40.59  ? 158 ASP A CA  1 
ATOM   277  C  C   . ASP A 1 36  ? -0.820  -6.432  22.340  1.00 37.91  ? 158 ASP A C   1 
ATOM   278  O  O   . ASP A 1 36  ? -1.780  -7.009  22.859  1.00 41.99  ? 158 ASP A O   1 
ATOM   279  C  CB  . ASP A 1 36  ? -0.658  -5.142  24.505  1.00 47.00  ? 158 ASP A CB  1 
ATOM   280  C  CG  . ASP A 1 36  ? 0.128   -4.077  25.246  1.00 52.35  ? 158 ASP A CG  1 
ATOM   281  O  OD1 . ASP A 1 36  ? 1.104   -3.575  24.659  1.00 55.18  ? 158 ASP A OD1 1 
ATOM   282  O  OD2 . ASP A 1 36  ? -0.249  -3.752  26.390  1.00 63.48  ? 158 ASP A OD2 1 
ATOM   283  N  N   . ILE A 1 37  ? -0.278  -6.752  21.166  1.00 34.16  ? 159 ILE A N   1 
ATOM   284  C  CA  . ILE A 1 37  ? -0.755  -7.854  20.294  1.00 30.25  ? 159 ILE A CA  1 
ATOM   285  C  C   . ILE A 1 37  ? 0.474   -8.529  19.699  1.00 29.59  ? 159 ILE A C   1 
ATOM   286  O  O   . ILE A 1 37  ? 1.568   -7.948  19.768  1.00 29.56  ? 159 ILE A O   1 
ATOM   287  C  CB  . ILE A 1 37  ? -1.704  -7.346  19.189  1.00 31.53  ? 159 ILE A CB  1 
ATOM   288  C  CG1 . ILE A 1 37  ? -0.999  -6.462  18.158  1.00 31.20  ? 159 ILE A CG1 1 
ATOM   289  C  CG2 . ILE A 1 37  ? -2.888  -6.615  19.804  1.00 33.69  ? 159 ILE A CG2 1 
ATOM   290  C  CD1 . ILE A 1 37  ? -1.920  -5.934  17.072  1.00 31.26  ? 159 ILE A CD1 1 
ATOM   291  N  N   . ASP A 1 38  ? 0.239   -9.703  19.131  1.00 29.83  ? 160 ASP A N   1 
ATOM   292  C  CA  . ASP A 1 38  ? 1.276   -10.585 18.566  1.00 32.58  ? 160 ASP A CA  1 
ATOM   293  C  C   . ASP A 1 38  ? 1.837   -9.922  17.309  1.00 31.67  ? 160 ASP A C   1 
ATOM   294  O  O   . ASP A 1 38  ? 1.180   -9.016  16.709  1.00 28.39  ? 160 ASP A O   1 
ATOM   295  C  CB  . ASP A 1 38  ? 0.713   -11.972 18.273  1.00 33.60  ? 160 ASP A CB  1 
ATOM   296  C  CG  . ASP A 1 38  ? -0.546  -11.920 17.441  1.00 35.11  ? 160 ASP A CG  1 
ATOM   297  O  OD1 . ASP A 1 38  ? -1.589  -11.541 17.997  1.00 41.52  ? 160 ASP A OD1 1 
ATOM   298  O  OD2 . ASP A 1 38  ? -0.463  -12.211 16.248  1.00 34.76  ? 160 ASP A OD2 1 
ATOM   299  N  N   . GLU A 1 39  ? 2.997   -10.389 16.898  1.00 30.65  ? 161 GLU A N   1 
ATOM   300  C  CA  . GLU A 1 39  ? 3.686   -9.878  15.690  1.00 30.97  ? 161 GLU A CA  1 
ATOM   301  C  C   . GLU A 1 39  ? 2.817   -10.060 14.439  1.00 27.75  ? 161 GLU A C   1 
ATOM   302  O  O   . GLU A 1 39  ? 2.754   -9.098  13.666  1.00 28.50  ? 161 GLU A O   1 
ATOM   303  C  CB  . GLU A 1 39  ? 5.037   -10.554 15.520  1.00 32.04  ? 161 GLU A CB  1 
ATOM   304  C  CG  . GLU A 1 39  ? 5.883   -9.864  14.477  1.00 35.89  ? 161 GLU A CG  1 
ATOM   305  C  CD  . GLU A 1 39  ? 6.291   -8.451  14.832  1.00 35.67  ? 161 GLU A CD  1 
ATOM   306  O  OE1 . GLU A 1 39  ? 6.783   -7.752  13.940  1.00 44.15  ? 161 GLU A OE1 1 
ATOM   307  O  OE2 . GLU A 1 39  ? 6.131   -8.055  16.001  1.00 43.50  ? 161 GLU A OE2 1 
ATOM   308  N  N   . GLU A 1 40  ? 2.191   -11.221 14.230  1.00 28.70  ? 162 GLU A N   1 
ATOM   309  C  CA  . GLU A 1 40  ? 1.337   -11.445 13.033  1.00 32.05  ? 162 GLU A CA  1 
ATOM   310  C  C   . GLU A 1 40  ? 0.255   -10.347 12.995  1.00 33.42  ? 162 GLU A C   1 
ATOM   311  O  O   . GLU A 1 40  ? 0.152   -9.694  11.966  1.00 32.91  ? 162 GLU A O   1 
ATOM   312  C  CB  . GLU A 1 40  ? 0.707   -12.841 12.978  1.00 35.00  ? 162 GLU A CB  1 
ATOM   313  C  CG  . GLU A 1 40  ? -0.159  -13.048 11.745  1.00 37.92  ? 162 GLU A CG  1 
ATOM   314  C  CD  . GLU A 1 40  ? -0.471  -14.486 11.350  1.00 46.22  ? 162 GLU A CD  1 
ATOM   315  O  OE1 . GLU A 1 40  ? -1.347  -14.686 10.484  1.00 51.70  ? 162 GLU A OE1 1 
ATOM   316  O  OE2 . GLU A 1 40  ? 0.150   -15.405 11.901  1.00 51.57  ? 162 GLU A OE2 1 
ATOM   317  N  N   . ALA A 1 41  ? -0.472  -10.108 14.093  1.00 28.44  ? 163 ALA A N   1 
ATOM   318  C  CA  . ALA A 1 41  ? -1.538  -9.078  14.151  1.00 29.39  ? 163 ALA A CA  1 
ATOM   319  C  C   . ALA A 1 41  ? -0.940  -7.693  13.850  1.00 28.19  ? 163 ALA A C   1 
ATOM   320  O  O   . ALA A 1 41  ? -1.619  -6.935  13.099  1.00 25.62  ? 163 ALA A O   1 
ATOM   321  C  CB  . ALA A 1 41  ? -2.275  -9.112  15.471  1.00 29.71  ? 163 ALA A CB  1 
ATOM   322  N  N   . LYS A 1 42  ? 0.267   -7.372  14.353  1.00 24.85  ? 164 LYS A N   1 
ATOM   323  C  CA  . LYS A 1 42  ? 0.917   -6.055  14.083  1.00 27.10  ? 164 LYS A CA  1 
ATOM   324  C  C   . LYS A 1 42  ? 1.196   -5.912  12.578  1.00 27.19  ? 164 LYS A C   1 
ATOM   325  O  O   . LYS A 1 42  ? 0.979   -4.803  12.010  1.00 22.96  ? 164 LYS A O   1 
ATOM   326  C  CB  . LYS A 1 42  ? 2.231   -5.863  14.843  1.00 28.14  ? 164 LYS A CB  1 
ATOM   327  C  CG  . LYS A 1 42  ? 2.113   -5.664  16.351  1.00 29.40  ? 164 LYS A CG  1 
ATOM   328  C  CD  . LYS A 1 42  ? 3.435   -5.285  16.976  1.00 31.25  ? 164 LYS A CD  1 
ATOM   329  C  CE  . LYS A 1 42  ? 3.372   -5.121  18.476  1.00 34.46  ? 164 LYS A CE  1 
ATOM   330  N  NZ  . LYS A 1 42  ? 4.536   -4.342  18.960  1.00 37.91  ? 164 LYS A NZ  1 
ATOM   331  N  N   . GLU A 1 43  ? 1.718   -6.968  11.954  1.00 26.39  ? 165 GLU A N   1 
ATOM   332  C  CA  . GLU A 1 43  ? 2.018   -6.976  10.498  1.00 26.50  ? 165 GLU A CA  1 
ATOM   333  C  C   . GLU A 1 43  ? 0.703   -6.788  9.728   1.00 24.58  ? 165 GLU A C   1 
ATOM   334  O  O   . GLU A 1 43  ? 0.694   -5.963  8.801   1.00 22.41  ? 165 GLU A O   1 
ATOM   335  C  CB  . GLU A 1 43  ? 2.795   -8.240  10.108  1.00 28.02  ? 165 GLU A CB  1 
ATOM   336  C  CG  . GLU A 1 43  ? 4.188   -8.261  10.725  1.00 31.05  ? 165 GLU A CG  1 
ATOM   337  C  CD  . GLU A 1 43  ? 5.091   -9.403  10.285  1.00 37.70  ? 165 GLU A CD  1 
ATOM   338  O  OE1 . GLU A 1 43  ? 4.726   -10.083 9.301   1.00 35.34  ? 165 GLU A OE1 1 
ATOM   339  O  OE2 . GLU A 1 43  ? 6.156   -9.597  10.921  1.00 36.82  ? 165 GLU A OE2 1 
ATOM   340  N  N   . LYS A 1 44  ? -0.376  -7.453  10.151  1.00 26.65  ? 166 LYS A N   1 
ATOM   341  C  CA  . LYS A 1 44  ? -1.724  -7.290  9.529   1.00 29.52  ? 166 LYS A CA  1 
ATOM   342  C  C   . LYS A 1 44  ? -2.209  -5.844  9.684   1.00 27.68  ? 166 LYS A C   1 
ATOM   343  O  O   . LYS A 1 44  ? -2.803  -5.323  8.732   1.00 27.81  ? 166 LYS A O   1 
ATOM   344  C  CB  . LYS A 1 44  ? -2.753  -8.249  10.133  1.00 33.27  ? 166 LYS A CB  1 
ATOM   345  C  CG  . LYS A 1 44  ? -2.380  -9.728  10.103  1.00 40.47  ? 166 LYS A CG  1 
ATOM   346  C  CD  . LYS A 1 44  ? -2.130  -10.295 8.730   1.00 45.23  ? 166 LYS A CD  1 
ATOM   347  C  CE  . LYS A 1 44  ? -3.396  -10.542 7.937   1.00 49.64  ? 166 LYS A CE  1 
ATOM   348  N  NZ  . LYS A 1 44  ? -3.318  -11.795 7.141   1.00 50.99  ? 166 LYS A NZ  1 
ATOM   349  N  N   . ALA A 1 45  ? -2.018  -5.229  10.854  1.00 28.48  ? 167 ALA A N   1 
ATOM   350  C  CA  . ALA A 1 45  ? -2.463  -3.850  11.164  1.00 28.20  ? 167 ALA A CA  1 
ATOM   351  C  C   . ALA A 1 45  ? -1.813  -2.872  10.174  1.00 27.05  ? 167 ALA A C   1 
ATOM   352  O  O   . ALA A 1 45  ? -2.510  -1.939  9.749   1.00 29.47  ? 167 ALA A O   1 
ATOM   353  C  CB  . ALA A 1 45  ? -2.147  -3.507  12.612  1.00 27.01  ? 167 ALA A CB  1 
ATOM   354  N  N   . LEU A 1 46  ? -0.541  -3.099  9.809   1.00 23.52  ? 168 LEU A N   1 
ATOM   355  C  CA  . LEU A 1 46  ? 0.226   -2.272  8.841   1.00 23.39  ? 168 LEU A CA  1 
ATOM   356  C  C   . LEU A 1 46  ? -0.228  -2.590  7.411   1.00 21.23  ? 168 LEU A C   1 
ATOM   357  O  O   . LEU A 1 46  ? -0.471  -1.637  6.666   1.00 21.09  ? 168 LEU A O   1 
ATOM   358  C  CB  . LEU A 1 46  ? 1.729   -2.537  8.990   1.00 26.75  ? 168 LEU A CB  1 
ATOM   359  C  CG  . LEU A 1 46  ? 2.404   -1.907  10.194  1.00 28.10  ? 168 LEU A CG  1 
ATOM   360  C  CD1 . LEU A 1 46  ? 3.805   -2.473  10.344  1.00 29.91  ? 168 LEU A CD1 1 
ATOM   361  C  CD2 . LEU A 1 46  ? 2.405   -0.391  10.077  1.00 29.67  ? 168 LEU A CD2 1 
ATOM   362  N  N   . MET A 1 47  ? -0.395  -3.865  7.077   1.00 21.65  ? 169 MET A N   1 
ATOM   363  C  CA  . MET A 1 47  ? -0.814  -4.289  5.726   1.00 22.68  ? 169 MET A CA  1 
ATOM   364  C  C   . MET A 1 47  ? -2.167  -3.668  5.422   1.00 22.80  ? 169 MET A C   1 
ATOM   365  O  O   . MET A 1 47  ? -2.404  -3.395  4.251   1.00 22.47  ? 169 MET A O   1 
ATOM   366  C  CB  . MET A 1 47  ? -0.925  -5.809  5.576   1.00 24.34  ? 169 MET A CB  1 
ATOM   367  C  CG  . MET A 1 47  ? 0.394   -6.503  5.303   1.00 28.26  ? 169 MET A CG  1 
ATOM   368  S  SD  . MET A 1 47  ? 1.250   -5.899  3.799   1.00 26.52  ? 169 MET A SD  1 
ATOM   369  C  CE  . MET A 1 47  ? -0.059  -5.960  2.596   1.00 26.12  ? 169 MET A CE  1 
ATOM   370  N  N   . HIS A 1 48  ? -3.020  -3.465  6.443   1.00 22.53  ? 170 HIS A N   1 
ATOM   371  C  CA  . HIS A 1 48  ? -4.429  -3.017  6.273   1.00 22.58  ? 170 HIS A CA  1 
ATOM   372  C  C   . HIS A 1 48  ? -4.546  -1.487  6.304   1.00 22.90  ? 170 HIS A C   1 
ATOM   373  O  O   . HIS A 1 48  ? -5.684  -0.982  6.145   1.00 24.10  ? 170 HIS A O   1 
ATOM   374  C  CB  . HIS A 1 48  ? -5.322  -3.701  7.320   1.00 22.37  ? 170 HIS A CB  1 
ATOM   375  C  CG  . HIS A 1 48  ? -5.429  -5.171  7.115   1.00 24.32  ? 170 HIS A CG  1 
ATOM   376  N  ND1 . HIS A 1 48  ? -5.848  -6.028  8.118   1.00 23.53  ? 170 HIS A ND1 1 
ATOM   377  C  CD2 . HIS A 1 48  ? -5.101  -5.953  6.064   1.00 25.66  ? 170 HIS A CD2 1 
ATOM   378  C  CE1 . HIS A 1 48  ? -5.816  -7.267  7.671   1.00 24.47  ? 170 HIS A CE1 1 
ATOM   379  N  NE2 . HIS A 1 48  ? -5.380  -7.250  6.410   1.00 25.01  ? 170 HIS A NE2 1 
ATOM   380  N  N   . HIS A 1 49  ? -3.438  -0.746  6.417   1.00 22.34  ? 171 HIS A N   1 
ATOM   381  C  CA  . HIS A 1 49  ? -3.466  0.715   6.146   1.00 22.53  ? 171 HIS A CA  1 
ATOM   382  C  C   . HIS A 1 49  ? -4.252  0.949   4.856   1.00 23.54  ? 171 HIS A C   1 
ATOM   383  O  O   . HIS A 1 49  ? -4.032  0.220   3.858   1.00 23.35  ? 171 HIS A O   1 
ATOM   384  C  CB  . HIS A 1 49  ? -2.091  1.353   6.165   1.00 21.95  ? 171 HIS A CB  1 
ATOM   385  C  CG  . HIS A 1 49  ? -1.601  1.546   7.554   1.00 22.89  ? 171 HIS A CG  1 
ATOM   386  N  ND1 . HIS A 1 49  ? -0.578  2.423   7.870   1.00 23.24  ? 171 HIS A ND1 1 
ATOM   387  C  CD2 . HIS A 1 49  ? -2.031  1.000   8.717   1.00 24.87  ? 171 HIS A CD2 1 
ATOM   388  C  CE1 . HIS A 1 49  ? -0.363  2.378   9.178   1.00 25.45  ? 171 HIS A CE1 1 
ATOM   389  N  NE2 . HIS A 1 49  ? -1.252  1.497   9.730   1.00 23.92  ? 171 HIS A NE2 1 
ATOM   390  N  N   . SER A 1 50  ? -5.138  1.932   4.897   1.00 20.99  ? 172 SER A N   1 
ATOM   391  C  CA  . SER A 1 50  ? -6.229  2.085   3.905   1.00 23.44  ? 172 SER A CA  1 
ATOM   392  C  C   . SER A 1 50  ? -5.649  2.402   2.524   1.00 20.97  ? 172 SER A C   1 
ATOM   393  O  O   . SER A 1 50  ? -6.278  2.004   1.529   1.00 20.28  ? 172 SER A O   1 
ATOM   394  C  CB  . SER A 1 50  ? -7.235  3.121   4.394   1.00 24.83  ? 172 SER A CB  1 
ATOM   395  O  OG  . SER A 1 50  ? -6.673  4.419   4.333   1.00 32.65  ? 172 SER A OG  1 
ATOM   396  N  N   . GLU A 1 51  ? -4.498  3.066   2.435   1.00 21.24  ? 173 GLU A N   1 
ATOM   397  C  CA  . GLU A 1 51  ? -3.867  3.354   1.122   1.00 21.26  ? 173 GLU A CA  1 
ATOM   398  C  C   . GLU A 1 51  ? -3.472  2.018   0.455   1.00 20.25  ? 173 GLU A C   1 
ATOM   399  O  O   . GLU A 1 51  ? -3.610  1.914   -0.742  1.00 19.24  ? 173 GLU A O   1 
ATOM   400  C  CB  . GLU A 1 51  ? -2.730  4.377   1.183   1.00 23.82  ? 173 GLU A CB  1 
ATOM   401  C  CG  . GLU A 1 51  ? -1.587  4.064   2.108   1.00 23.97  ? 173 GLU A CG  1 
ATOM   402  C  CD  . GLU A 1 51  ? -1.739  4.659   3.499   1.00 26.86  ? 173 GLU A CD  1 
ATOM   403  O  OE1 . GLU A 1 51  ? -0.816  5.412   3.932   1.00 30.28  ? 173 GLU A OE1 1 
ATOM   404  O  OE2 . GLU A 1 51  ? -2.739  4.328   4.162   1.00 22.95  ? 173 GLU A OE2 1 
ATOM   405  N  N   . ARG A 1 52  ? -3.027  1.016   1.205   1.00 18.80  ? 174 ARG A N   1 
ATOM   406  C  CA  . ARG A 1 52  ? -2.686  -0.315  0.625   1.00 18.69  ? 174 ARG A CA  1 
ATOM   407  C  C   . ARG A 1 52  ? -3.947  -0.990  0.115   1.00 18.14  ? 174 ARG A C   1 
ATOM   408  O  O   . ARG A 1 52  ? -3.911  -1.569  -0.986  1.00 18.16  ? 174 ARG A O   1 
ATOM   409  C  CB  . ARG A 1 52  ? -1.983  -1.152  1.681   1.00 19.84  ? 174 ARG A CB  1 
ATOM   410  C  CG  . ARG A 1 52  ? -0.678  -0.544  2.134   1.00 21.17  ? 174 ARG A CG  1 
ATOM   411  C  CD  . ARG A 1 52  ? 0.171   -1.528  2.926   1.00 20.07  ? 174 ARG A CD  1 
ATOM   412  N  NE  . ARG A 1 52  ? 0.961   -0.822  3.888   1.00 20.54  ? 174 ARG A NE  1 
ATOM   413  C  CZ  . ARG A 1 52  ? 1.918   -1.360  4.644   1.00 20.07  ? 174 ARG A CZ  1 
ATOM   414  N  NH1 . ARG A 1 52  ? 2.212   -2.649  4.546   1.00 19.24  ? 174 ARG A NH1 1 
ATOM   415  N  NH2 . ARG A 1 52  ? 2.526   -0.596  5.541   1.00 20.68  ? 174 ARG A NH2 1 
ATOM   416  N  N   . LEU A 1 53  ? -5.037  -0.898  0.895   1.00 18.94  ? 175 LEU A N   1 
ATOM   417  C  CA  . LEU A 1 53  ? -6.312  -1.566  0.574   1.00 20.81  ? 175 LEU A CA  1 
ATOM   418  C  C   . LEU A 1 53  ? -6.865  -0.926  -0.706  1.00 19.72  ? 175 LEU A C   1 
ATOM   419  O  O   . LEU A 1 53  ? -7.277  -1.671  -1.619  1.00 20.86  ? 175 LEU A O   1 
ATOM   420  C  CB  . LEU A 1 53  ? -7.252  -1.443  1.778   1.00 20.95  ? 175 LEU A CB  1 
ATOM   421  C  CG  . LEU A 1 53  ? -8.511  -2.295  1.673   1.00 22.88  ? 175 LEU A CG  1 
ATOM   422  C  CD1 . LEU A 1 53  ? -8.156  -3.767  1.794   1.00 25.17  ? 175 LEU A CD1 1 
ATOM   423  C  CD2 . LEU A 1 53  ? -9.508  -1.870  2.737   1.00 23.98  ? 175 LEU A CD2 1 
ATOM   424  N  N   . ALA A 1 54  ? -6.737  0.391   -0.823  1.00 18.19  ? 176 ALA A N   1 
ATOM   425  C  CA  . ALA A 1 54  ? -7.250  1.167   -1.970  1.00 20.63  ? 176 ALA A CA  1 
ATOM   426  C  C   . ALA A 1 54  ? -6.406  0.827   -3.214  1.00 18.91  ? 176 ALA A C   1 
ATOM   427  O  O   . ALA A 1 54  ? -6.958  0.682   -4.316  1.00 18.59  ? 176 ALA A O   1 
ATOM   428  C  CB  . ALA A 1 54  ? -7.200  2.638   -1.611  1.00 21.26  ? 176 ALA A CB  1 
ATOM   429  N  N   . ILE A 1 55  ? -5.099  0.662   -3.043  1.00 18.22  ? 177 ILE A N   1 
ATOM   430  C  CA  . ILE A 1 55  ? -4.183  0.308   -4.173  1.00 18.39  ? 177 ILE A CA  1 
ATOM   431  C  C   . ILE A 1 55  ? -4.518  -1.106  -4.643  1.00 18.18  ? 177 ILE A C   1 
ATOM   432  O  O   . ILE A 1 55  ? -4.689  -1.302  -5.871  1.00 19.56  ? 177 ILE A O   1 
ATOM   433  C  CB  . ILE A 1 55  ? -2.695  0.449   -3.778  1.00 17.50  ? 177 ILE A CB  1 
ATOM   434  C  CG1 . ILE A 1 55  ? -2.285  1.920   -3.683  1.00 17.26  ? 177 ILE A CG1 1 
ATOM   435  C  CG2 . ILE A 1 55  ? -1.785  -0.271  -4.754  1.00 17.17  ? 177 ILE A CG2 1 
ATOM   436  C  CD1 . ILE A 1 55  ? -1.006  2.123   -2.894  1.00 18.13  ? 177 ILE A CD1 1 
ATOM   437  N  N   . ALA A 1 56  ? -4.672  -2.042  -3.709  1.00 19.50  ? 178 ALA A N   1 
ATOM   438  C  CA  . ALA A 1 56  ? -5.012  -3.445  -4.029  1.00 19.11  ? 178 ALA A CA  1 
ATOM   439  C  C   . ALA A 1 56  ? -6.333  -3.467  -4.798  1.00 18.62  ? 178 ALA A C   1 
ATOM   440  O  O   . ALA A 1 56  ? -6.457  -4.183  -5.770  1.00 20.50  ? 178 ALA A O   1 
ATOM   441  C  CB  . ALA A 1 56  ? -5.100  -4.278  -2.785  1.00 19.77  ? 178 ALA A CB  1 
ATOM   442  N  N   . PHE A 1 57  ? -7.305  -2.689  -4.366  1.00 19.36  ? 179 PHE A N   1 
ATOM   443  C  CA  . PHE A 1 57  ? -8.599  -2.602  -5.079  1.00 21.24  ? 179 PHE A CA  1 
ATOM   444  C  C   . PHE A 1 57  ? -8.441  -2.032  -6.493  1.00 21.41  ? 179 PHE A C   1 
ATOM   445  O  O   . PHE A 1 57  ? -9.015  -2.591  -7.478  1.00 21.18  ? 179 PHE A O   1 
ATOM   446  C  CB  . PHE A 1 57  ? -9.616  -1.779  -4.300  1.00 22.20  ? 179 PHE A CB  1 
ATOM   447  C  CG  . PHE A 1 57  ? -10.967 -2.026  -4.895  1.00 23.81  ? 179 PHE A CG  1 
ATOM   448  C  CD1 . PHE A 1 57  ? -11.566 -3.268  -4.742  1.00 24.85  ? 179 PHE A CD1 1 
ATOM   449  C  CD2 . PHE A 1 57  ? -11.546 -1.085  -5.729  1.00 28.28  ? 179 PHE A CD2 1 
ATOM   450  C  CE1 . PHE A 1 57  ? -12.778 -3.542  -5.353  1.00 29.05  ? 179 PHE A CE1 1 
ATOM   451  C  CE2 . PHE A 1 57  ? -12.750 -1.364  -6.348  1.00 30.80  ? 179 PHE A CE2 1 
ATOM   452  C  CZ  . PHE A 1 57  ? -13.361 -2.590  -6.158  1.00 28.81  ? 179 PHE A CZ  1 
ATOM   453  N  N   . GLY A 1 58  ? -7.695  -0.933  -6.617  1.00 22.04  ? 180 GLY A N   1 
ATOM   454  C  CA  . GLY A 1 58  ? -7.353  -0.359  -7.924  1.00 21.77  ? 180 GLY A CA  1 
ATOM   455  C  C   . GLY A 1 58  ? -6.758  -1.413  -8.839  1.00 22.59  ? 180 GLY A C   1 
ATOM   456  O  O   . GLY A 1 58  ? -7.119  -1.429  -10.007 1.00 24.20  ? 180 GLY A O   1 
ATOM   457  N  N   . ILE A 1 59  ? -5.847  -2.252  -8.334  1.00 22.27  ? 181 ILE A N   1 
ATOM   458  C  CA  . ILE A 1 59  ? -5.121  -3.258  -9.162  1.00 24.42  ? 181 ILE A CA  1 
ATOM   459  C  C   . ILE A 1 59  ? -6.129  -4.307  -9.654  1.00 26.72  ? 181 ILE A C   1 
ATOM   460  O  O   . ILE A 1 59  ? -6.143  -4.597  -10.857 1.00 25.74  ? 181 ILE A O   1 
ATOM   461  C  CB  . ILE A 1 59  ? -3.912  -3.831  -8.396  1.00 24.80  ? 181 ILE A CB  1 
ATOM   462  C  CG1 . ILE A 1 59  ? -2.828  -2.758  -8.257  1.00 21.82  ? 181 ILE A CG1 1 
ATOM   463  C  CG2 . ILE A 1 59  ? -3.373  -5.096  -9.047  1.00 28.12  ? 181 ILE A CG2 1 
ATOM   464  C  CD1 . ILE A 1 59  ? -1.722  -3.089  -7.310  1.00 22.30  ? 181 ILE A CD1 1 
ATOM   465  N  N   . ILE A 1 60  ? -7.024  -4.812  -8.801  1.00 24.49  ? 182 ILE A N   1 
ATOM   466  C  CA  . ILE A 1 60  ? -7.971  -5.873  -9.268  1.00 26.48  ? 182 ILE A CA  1 
ATOM   467  C  C   . ILE A 1 60  ? -9.069  -5.256  -10.153 1.00 26.18  ? 182 ILE A C   1 
ATOM   468  O  O   . ILE A 1 60  ? -9.601  -5.989  -11.032 1.00 27.13  ? 182 ILE A O   1 
ATOM   469  C  CB  . ILE A 1 60  ? -8.475  -6.722  -8.092  1.00 25.97  ? 182 ILE A CB  1 
ATOM   470  C  CG1 . ILE A 1 60  ? -9.307  -5.945  -7.088  1.00 30.74  ? 182 ILE A CG1 1 
ATOM   471  C  CG2 . ILE A 1 60  ? -7.314  -7.395  -7.406  1.00 29.05  ? 182 ILE A CG2 1 
ATOM   472  C  CD1 . ILE A 1 60  ? -9.617  -6.751  -5.858  1.00 32.03  ? 182 ILE A CD1 1 
ATOM   473  N  N   . ASN A 1 61  ? -9.314  -3.957  -10.027 1.00 26.86  ? 183 ASN A N   1 
ATOM   474  C  CA  . ASN A 1 61  ? -10.440 -3.246  -10.683 1.00 27.99  ? 183 ASN A CA  1 
ATOM   475  C  C   . ASN A 1 61  ? -10.026 -2.628  -12.026 1.00 29.57  ? 183 ASN A C   1 
ATOM   476  O  O   . ASN A 1 61  ? -10.896 -2.100  -12.699 1.00 28.37  ? 183 ASN A O   1 
ATOM   477  C  CB  . ASN A 1 61  ? -11.017 -2.189  -9.745  1.00 32.99  ? 183 ASN A CB  1 
ATOM   478  C  CG  . ASN A 1 61  ? -12.435 -1.816  -10.099 1.00 37.32  ? 183 ASN A CG  1 
ATOM   479  O  OD1 . ASN A 1 61  ? -13.293 -2.691  -10.197 1.00 40.21  ? 183 ASN A OD1 1 
ATOM   480  N  ND2 . ASN A 1 61  ? -12.687 -0.528  -10.283 1.00 40.40  ? 183 ASN A ND2 1 
ATOM   481  N  N   . THR A 1 62  ? -8.751  -2.646  -12.417 1.00 24.49  ? 184 THR A N   1 
ATOM   482  C  CA  . THR A 1 62  ? -8.317  -1.931  -13.651 1.00 25.42  ? 184 THR A CA  1 
ATOM   483  C  C   . THR A 1 62  ? -7.426  -2.839  -14.477 1.00 25.56  ? 184 THR A C   1 
ATOM   484  O  O   . THR A 1 62  ? -6.813  -3.777  -13.960 1.00 25.01  ? 184 THR A O   1 
ATOM   485  C  CB  . THR A 1 62  ? -7.600  -0.604  -13.361 1.00 25.63  ? 184 THR A CB  1 
ATOM   486  O  OG1 . THR A 1 62  ? -6.494  -0.905  -12.515 1.00 23.05  ? 184 THR A OG1 1 
ATOM   487  C  CG2 . THR A 1 62  ? -8.496  0.451   -12.755 1.00 25.72  ? 184 THR A CG2 1 
ATOM   488  N  N   . PRO A 1 63  ? -7.367  -2.603  -15.798 1.00 28.11  ? 185 PRO A N   1 
ATOM   489  C  CA  . PRO A 1 63  ? -6.503  -3.377  -16.672 1.00 28.28  ? 185 PRO A CA  1 
ATOM   490  C  C   . PRO A 1 63  ? -5.047  -3.288  -16.238 1.00 26.69  ? 185 PRO A C   1 
ATOM   491  O  O   . PRO A 1 63  ? -4.605  -2.272  -15.700 1.00 25.66  ? 185 PRO A O   1 
ATOM   492  C  CB  . PRO A 1 63  ? -6.700  -2.732  -18.042 1.00 29.81  ? 185 PRO A CB  1 
ATOM   493  C  CG  . PRO A 1 63  ? -8.073  -2.138  -17.962 1.00 31.53  ? 185 PRO A CG  1 
ATOM   494  C  CD  . PRO A 1 63  ? -8.197  -1.645  -16.537 1.00 31.84  ? 185 PRO A CD  1 
ATOM   495  N  N   . PRO A 1 64  ? -4.276  -4.362  -16.466 1.00 28.64  ? 186 PRO A N   1 
ATOM   496  C  CA  . PRO A 1 64  ? -2.835  -4.359  -16.230 1.00 28.82  ? 186 PRO A CA  1 
ATOM   497  C  C   . PRO A 1 64  ? -2.183  -3.092  -16.800 1.00 28.92  ? 186 PRO A C   1 
ATOM   498  O  O   . PRO A 1 64  ? -2.548  -2.645  -17.867 1.00 26.59  ? 186 PRO A O   1 
ATOM   499  C  CB  . PRO A 1 64  ? -2.378  -5.633  -16.959 1.00 32.15  ? 186 PRO A CB  1 
ATOM   500  C  CG  . PRO A 1 64  ? -3.553  -6.567  -16.800 1.00 32.17  ? 186 PRO A CG  1 
ATOM   501  C  CD  . PRO A 1 64  ? -4.763  -5.672  -16.941 1.00 31.05  ? 186 PRO A CD  1 
ATOM   502  N  N   . GLY A 1 65  ? -1.289  -2.492  -16.019 1.00 24.44  ? 187 GLY A N   1 
ATOM   503  C  CA  . GLY A 1 65  ? -0.521  -1.309  -16.436 1.00 24.72  ? 187 GLY A CA  1 
ATOM   504  C  C   . GLY A 1 65  ? -1.219  0.004   -16.132 1.00 25.14  ? 187 GLY A C   1 
ATOM   505  O  O   . GLY A 1 65  ? -0.556  1.014   -16.270 1.00 25.95  ? 187 GLY A O   1 
ATOM   506  N  N   . THR A 1 66  ? -2.514  0.001   -15.767 1.00 24.20  ? 188 THR A N   1 
ATOM   507  C  CA  . THR A 1 66  ? -3.336  1.203   -15.486 1.00 22.82  ? 188 THR A CA  1 
ATOM   508  C  C   . THR A 1 66  ? -2.739  1.930   -14.281 1.00 22.14  ? 188 THR A C   1 
ATOM   509  O  O   . THR A 1 66  ? -2.545  1.297   -13.218 1.00 19.82  ? 188 THR A O   1 
ATOM   510  C  CB  . THR A 1 66  ? -4.802  0.849   -15.217 1.00 24.06  ? 188 THR A CB  1 
ATOM   511  O  OG1 . THR A 1 66  ? -5.304  0.117   -16.337 1.00 25.67  ? 188 THR A OG1 1 
ATOM   512  C  CG2 . THR A 1 66  ? -5.690  2.054   -14.997 1.00 27.28  ? 188 THR A CG2 1 
ATOM   513  N  N   . THR A 1 67  ? -2.492  3.222   -14.427 1.00 20.37  ? 189 THR A N   1 
ATOM   514  C  CA  . THR A 1 67  ? -2.123  4.094   -13.292 1.00 22.13  ? 189 THR A CA  1 
ATOM   515  C  C   . THR A 1 67  ? -3.186  4.024   -12.181 1.00 21.20  ? 189 THR A C   1 
ATOM   516  O  O   . THR A 1 67  ? -4.394  4.101   -12.470 1.00 22.24  ? 189 THR A O   1 
ATOM   517  C  CB  . THR A 1 67  ? -1.890  5.526   -13.772 1.00 22.67  ? 189 THR A CB  1 
ATOM   518  O  OG1 . THR A 1 67  ? -0.826  5.402   -14.716 1.00 21.94  ? 189 THR A OG1 1 
ATOM   519  C  CG2 . THR A 1 67  ? -1.526  6.452   -12.637 1.00 24.71  ? 189 THR A CG2 1 
ATOM   520  N  N   . ILE A 1 68  ? -2.723  3.835   -10.947 1.00 19.27  ? 190 ILE A N   1 
ATOM   521  C  CA  . ILE A 1 68  ? -3.542  3.775   -9.718  1.00 22.06  ? 190 ILE A CA  1 
ATOM   522  C  C   . ILE A 1 68  ? -3.440  5.150   -9.072  1.00 23.94  ? 190 ILE A C   1 
ATOM   523  O  O   . ILE A 1 68  ? -2.336  5.659   -8.989  1.00 25.31  ? 190 ILE A O   1 
ATOM   524  C  CB  . ILE A 1 68  ? -3.024  2.671   -8.768  1.00 23.12  ? 190 ILE A CB  1 
ATOM   525  C  CG1 . ILE A 1 68  ? -2.988  1.295   -9.436  1.00 23.63  ? 190 ILE A CG1 1 
ATOM   526  C  CG2 . ILE A 1 68  ? -3.859  2.640   -7.515  1.00 23.51  ? 190 ILE A CG2 1 
ATOM   527  C  CD1 . ILE A 1 68  ? -4.305  0.866   -9.906  1.00 23.78  ? 190 ILE A CD1 1 
ATOM   528  N  N   . ARG A 1 69  ? -4.574  5.705   -8.665  1.00 23.13  ? 191 ARG A N   1 
ATOM   529  C  CA  . ARG A 1 69  ? -4.673  7.052   -8.065  1.00 25.07  ? 191 ARG A CA  1 
ATOM   530  C  C   . ARG A 1 69  ? -5.504  6.896   -6.811  1.00 23.83  ? 191 ARG A C   1 
ATOM   531  O  O   . ARG A 1 69  ? -6.631  6.428   -6.907  1.00 25.06  ? 191 ARG A O   1 
ATOM   532  C  CB  . ARG A 1 69  ? -5.301  8.046   -9.035  1.00 26.37  ? 191 ARG A CB  1 
ATOM   533  C  CG  . ARG A 1 69  ? -4.516  8.237   -10.312 1.00 27.89  ? 191 ARG A CG  1 
ATOM   534  C  CD  . ARG A 1 69  ? -5.332  9.062   -11.296 1.00 30.88  ? 191 ARG A CD  1 
ATOM   535  N  NE  . ARG A 1 69  ? -4.726  8.935   -12.605 1.00 30.52  ? 191 ARG A NE  1 
ATOM   536  C  CZ  . ARG A 1 69  ? -3.710  9.655   -13.050 1.00 37.87  ? 191 ARG A CZ  1 
ATOM   537  N  NH1 . ARG A 1 69  ? -3.180  10.619  -12.308 1.00 39.90  ? 191 ARG A NH1 1 
ATOM   538  N  NH2 . ARG A 1 69  ? -3.226  9.398   -14.253 1.00 40.63  ? 191 ARG A NH2 1 
ATOM   539  N  N   . VAL A 1 70  ? -4.881  7.132   -5.668  1.00 23.18  ? 192 VAL A N   1 
ATOM   540  C  CA  . VAL A 1 70  ? -5.500  6.979   -4.333  1.00 23.87  ? 192 VAL A CA  1 
ATOM   541  C  C   . VAL A 1 70  ? -5.358  8.335   -3.648  1.00 24.93  ? 192 VAL A C   1 
ATOM   542  O  O   . VAL A 1 70  ? -4.343  9.018   -3.906  1.00 23.55  ? 192 VAL A O   1 
ATOM   543  C  CB  . VAL A 1 70  ? -4.801  5.857   -3.540  1.00 27.08  ? 192 VAL A CB  1 
ATOM   544  C  CG1 . VAL A 1 70  ? -5.170  5.911   -2.074  1.00 29.28  ? 192 VAL A CG1 1 
ATOM   545  C  CG2 . VAL A 1 70  ? -5.111  4.490   -4.133  1.00 28.66  ? 192 VAL A CG2 1 
ATOM   546  N  N   . MET A 1 71  ? -6.363  8.725   -2.876  1.00 28.68  ? 193 MET A N   1 
ATOM   547  C  CA  . MET A 1 71  ? -6.389  9.979   -2.082  1.00 36.07  ? 193 MET A CA  1 
ATOM   548  C  C   . MET A 1 71  ? -6.593  9.587   -0.617  1.00 40.42  ? 193 MET A C   1 
ATOM   549  O  O   . MET A 1 71  ? -7.524  8.792   -0.336  1.00 43.53  ? 193 MET A O   1 
ATOM   550  C  CB  . MET A 1 71  ? -7.515  10.901  -2.562  1.00 43.06  ? 193 MET A CB  1 
ATOM   551  C  CG  . MET A 1 71  ? -8.183  11.723  -1.455  1.00 53.99  ? 193 MET A CG  1 
ATOM   552  S  SD  . MET A 1 71  ? -7.631  13.446  -1.357  1.00 71.86  ? 193 MET A SD  1 
ATOM   553  C  CE  . MET A 1 71  ? -6.604  13.397  0.112   1.00 68.26  ? 193 MET A CE  1 
ATOM   554  N  N   . LYS A 1 72  ? -5.724  10.087  0.268   1.00 38.65  ? 194 LYS A N   1 
ATOM   555  C  CA  A LYS A 1 72  ? -5.824  9.878   1.737   0.50 39.57  ? 194 LYS A CA  1 
ATOM   556  C  CA  B LYS A 1 72  ? -5.820  9.877   1.737   0.50 42.09  ? 194 LYS A CA  1 
ATOM   557  C  C   . LYS A 1 72  ? -5.677  11.242  2.419   1.00 39.84  ? 194 LYS A C   1 
ATOM   558  O  O   . LYS A 1 72  ? -4.741  11.958  2.072   1.00 41.39  ? 194 LYS A O   1 
ATOM   559  C  CB  A LYS A 1 72  ? -4.750  8.897   2.219   0.50 38.91  ? 194 LYS A CB  1 
ATOM   560  C  CB  B LYS A 1 72  ? -4.749  8.881   2.199   0.50 44.87  ? 194 LYS A CB  1 
ATOM   561  C  CG  A LYS A 1 72  ? -4.961  8.335   3.621   0.50 37.22  ? 194 LYS A CG  1 
ATOM   562  C  CG  B LYS A 1 72  ? -5.246  7.796   3.148   0.50 46.97  ? 194 LYS A CG  1 
ATOM   563  C  CD  A LYS A 1 72  ? -3.749  7.598   4.171   0.50 36.74  ? 194 LYS A CD  1 
ATOM   564  C  CD  B LYS A 1 72  ? -4.793  7.953   4.581   0.50 49.29  ? 194 LYS A CD  1 
ATOM   565  C  CE  A LYS A 1 72  ? -2.454  7.966   3.479   0.50 38.06  ? 194 LYS A CE  1 
ATOM   566  C  CE  B LYS A 1 72  ? -5.943  7.874   5.560   0.50 50.01  ? 194 LYS A CE  1 
ATOM   567  N  NZ  A LYS A 1 72  ? -2.592  9.181   2.645   0.50 42.70  ? 194 LYS A NZ  1 
ATOM   568  N  NZ  B LYS A 1 72  ? -6.932  8.935   5.265   0.50 48.72  ? 194 LYS A NZ  1 
ATOM   569  N  N   . ASN A 1 73  ? -6.590  11.586  3.326   1.00 40.76  ? 195 ASN A N   1 
ATOM   570  C  CA  . ASN A 1 73  ? -6.607  12.930  3.973   1.00 44.11  ? 195 ASN A CA  1 
ATOM   571  C  C   . ASN A 1 73  ? -5.478  13.027  5.006   1.00 40.43  ? 195 ASN A C   1 
ATOM   572  O  O   . ASN A 1 73  ? -5.278  14.120  5.539   1.00 41.83  ? 195 ASN A O   1 
ATOM   573  C  CB  . ASN A 1 73  ? -7.946  13.244  4.646   1.00 53.49  ? 195 ASN A CB  1 
ATOM   574  C  CG  . ASN A 1 73  ? -9.116  12.583  3.953   1.00 62.19  ? 195 ASN A CG  1 
ATOM   575  O  OD1 . ASN A 1 73  ? -9.722  11.657  4.496   1.00 75.86  ? 195 ASN A OD1 1 
ATOM   576  N  ND2 . ASN A 1 73  ? -9.415  13.022  2.740   1.00 63.15  ? 195 ASN A ND2 1 
ATOM   577  N  N   . LEU A 1 74  ? -4.778  11.925  5.283   1.00 35.50  ? 196 LEU A N   1 
ATOM   578  C  CA  . LEU A 1 74  ? -3.726  11.837  6.323   1.00 35.22  ? 196 LEU A CA  1 
ATOM   579  C  C   . LEU A 1 74  ? -2.376  11.573  5.643   1.00 34.89  ? 196 LEU A C   1 
ATOM   580  O  O   . LEU A 1 74  ? -2.337  11.090  4.479   1.00 34.25  ? 196 LEU A O   1 
ATOM   581  C  CB  . LEU A 1 74  ? -4.070  10.711  7.309   1.00 40.67  ? 196 LEU A CB  1 
ATOM   582  C  CG  . LEU A 1 74  ? -5.167  10.966  8.354   1.00 42.26  ? 196 LEU A CG  1 
ATOM   583  C  CD1 . LEU A 1 74  ? -4.978  12.286  9.087   1.00 43.22  ? 196 LEU A CD1 1 
ATOM   584  C  CD2 . LEU A 1 74  ? -6.556  10.887  7.753   1.00 45.47  ? 196 LEU A CD2 1 
ATOM   585  N  N   . ARG A 1 75  ? -1.303  11.860  6.365   1.00 31.34  ? 197 ARG A N   1 
ATOM   586  C  CA  . ARG A 1 75  ? 0.080   11.620  5.904   1.00 32.37  ? 197 ARG A CA  1 
ATOM   587  C  C   . ARG A 1 75  ? 0.288   10.107  5.704   1.00 29.13  ? 197 ARG A C   1 
ATOM   588  O  O   . ARG A 1 75  ? -0.211  9.326   6.518   1.00 28.99  ? 197 ARG A O   1 
ATOM   589  C  CB  . ARG A 1 75  ? 1.015   12.202  6.965   1.00 34.05  ? 197 ARG A CB  1 
ATOM   590  C  CG  . ARG A 1 75  ? 2.493   12.094  6.646   1.00 35.59  ? 197 ARG A CG  1 
ATOM   591  C  CD  . ARG A 1 75  ? 3.313   12.609  7.813   1.00 33.46  ? 197 ARG A CD  1 
ATOM   592  N  NE  . ARG A 1 75  ? 4.723   12.564  7.461   1.00 33.57  ? 197 ARG A NE  1 
ATOM   593  C  CZ  . ARG A 1 75  ? 5.489   11.488  7.588   1.00 39.56  ? 197 ARG A CZ  1 
ATOM   594  N  NH1 . ARG A 1 75  ? 4.990   10.358  8.076   1.00 36.99  ? 197 ARG A NH1 1 
ATOM   595  N  NH2 . ARG A 1 75  ? 6.760   11.549  7.228   1.00 39.38  ? 197 ARG A NH2 1 
ATOM   596  N  N   . ILE A 1 76  ? 1.008   9.704   4.663   1.00 26.44  ? 198 ILE A N   1 
ATOM   597  C  CA  . ILE A 1 76  ? 1.358   8.272   4.422   1.00 26.43  ? 198 ILE A CA  1 
ATOM   598  C  C   . ILE A 1 76  ? 2.435   7.922   5.452   1.00 23.95  ? 198 ILE A C   1 
ATOM   599  O  O   . ILE A 1 76  ? 3.408   8.652   5.490   1.00 23.73  ? 198 ILE A O   1 
ATOM   600  C  CB  . ILE A 1 76  ? 1.888   8.055   2.988   1.00 29.62  ? 198 ILE A CB  1 
ATOM   601  C  CG1 . ILE A 1 76  ? 0.923   8.579   1.923   1.00 33.78  ? 198 ILE A CG1 1 
ATOM   602  C  CG2 . ILE A 1 76  ? 2.233   6.590   2.750   1.00 29.43  ? 198 ILE A CG2 1 
ATOM   603  C  CD1 . ILE A 1 76  ? 1.506   8.608   0.520   1.00 36.75  ? 198 ILE A CD1 1 
ATOM   604  N  N   . CYS A 1 77  ? 2.296   6.834   6.209   1.00 21.66  ? 199 CYS A N   1 
ATOM   605  C  CA  . CYS A 1 77  ? 3.310   6.438   7.225   1.00 21.63  ? 199 CYS A CA  1 
ATOM   606  C  C   . CYS A 1 77  ? 4.565   5.936   6.514   1.00 23.48  ? 199 CYS A C   1 
ATOM   607  O  O   . CYS A 1 77  ? 4.497   5.574   5.302   1.00 20.90  ? 199 CYS A O   1 
ATOM   608  C  CB  . CYS A 1 77  ? 2.745   5.447   8.234   1.00 24.15  ? 199 CYS A CB  1 
ATOM   609  S  SG  . CYS A 1 77  ? 2.621   3.729   7.660   1.00 24.33  ? 199 CYS A SG  1 
ATOM   610  N  N   . GLY A 1 78  ? 5.696   5.943   7.212   1.00 21.18  ? 200 GLY A N   1 
ATOM   611  C  CA  . GLY A 1 78  ? 6.970   5.462   6.644   1.00 23.13  ? 200 GLY A CA  1 
ATOM   612  C  C   . GLY A 1 78  ? 6.831   4.041   6.115   1.00 23.27  ? 200 GLY A C   1 
ATOM   613  O  O   . GLY A 1 78  ? 7.423   3.725   5.076   1.00 21.51  ? 200 GLY A O   1 
ATOM   614  N  N   . ASP A 1 79  ? 6.122   3.181   6.849   1.00 23.55  ? 201 ASP A N   1 
ATOM   615  C  CA  . ASP A 1 79  ? 6.005   1.746   6.464   1.00 22.57  ? 201 ASP A CA  1 
ATOM   616  C  C   . ASP A 1 79  ? 5.210   1.623   5.153   1.00 19.31  ? 201 ASP A C   1 
ATOM   617  O  O   . ASP A 1 79  ? 5.606   0.854   4.280   1.00 19.61  ? 201 ASP A O   1 
ATOM   618  C  CB  . ASP A 1 79  ? 5.388   0.907   7.570   1.00 23.60  ? 201 ASP A CB  1 
ATOM   619  C  CG  . ASP A 1 79  ? 5.632   -0.572  7.335   1.00 23.78  ? 201 ASP A CG  1 
ATOM   620  O  OD1 . ASP A 1 79  ? 6.779   -1.043  7.613   1.00 23.65  ? 201 ASP A OD1 1 
ATOM   621  O  OD2 . ASP A 1 79  ? 4.689   -1.237  6.875   1.00 23.06  ? 201 ASP A OD2 1 
ATOM   622  N  N   . CYS A 1 80  ? 4.116   2.340   5.013   1.00 19.11  ? 202 CYS A N   1 
ATOM   623  C  CA  . CYS A 1 80  ? 3.345   2.334   3.746   1.00 18.79  ? 202 CYS A CA  1 
ATOM   624  C  C   . CYS A 1 80  ? 4.209   2.869   2.615   1.00 19.31  ? 202 CYS A C   1 
ATOM   625  O  O   . CYS A 1 80  ? 4.182   2.313   1.508   1.00 18.05  ? 202 CYS A O   1 
ATOM   626  C  CB  . CYS A 1 80  ? 2.082   3.166   3.846   1.00 19.34  ? 202 CYS A CB  1 
ATOM   627  S  SG  . CYS A 1 80  ? 0.746   2.281   4.664   1.00 21.13  ? 202 CYS A SG  1 
ATOM   628  N  N   . HIS A 1 81  ? 4.948   3.927   2.869   1.00 19.39  ? 203 HIS A N   1 
ATOM   629  C  CA  . HIS A 1 81  ? 5.823   4.530   1.830   1.00 19.75  ? 203 HIS A CA  1 
ATOM   630  C  C   . HIS A 1 81  ? 6.821   3.478   1.329   1.00 18.04  ? 203 HIS A C   1 
ATOM   631  O  O   . HIS A 1 81  ? 6.978   3.309   0.139   1.00 18.00  ? 203 HIS A O   1 
ATOM   632  C  CB  . HIS A 1 81  ? 6.458   5.805   2.365   1.00 18.99  ? 203 HIS A CB  1 
ATOM   633  C  CG  . HIS A 1 81  ? 6.958   6.689   1.285   1.00 19.76  ? 203 HIS A CG  1 
ATOM   634  N  ND1 . HIS A 1 81  ? 8.237   6.605   0.777   1.00 20.20  ? 203 HIS A ND1 1 
ATOM   635  C  CD2 . HIS A 1 81  ? 6.306   7.613   0.541   1.00 18.24  ? 203 HIS A CD2 1 
ATOM   636  C  CE1 . HIS A 1 81  ? 8.368   7.491   -0.198  1.00 21.62  ? 203 HIS A CE1 1 
ATOM   637  N  NE2 . HIS A 1 81  ? 7.209   8.143   -0.327  1.00 20.02  ? 203 HIS A NE2 1 
ATOM   638  N  N   . ASN A 1 82  ? 7.422   2.703   2.226   1.00 19.13  ? 204 ASN A N   1 
ATOM   639  C  CA  . ASN A 1 82  ? 8.363   1.631   1.822   1.00 18.83  ? 204 ASN A CA  1 
ATOM   640  C  C   . ASN A 1 82  ? 7.626   0.538   1.030   1.00 18.12  ? 204 ASN A C   1 
ATOM   641  O  O   . ASN A 1 82  ? 8.163   0.039   0.024   1.00 18.29  ? 204 ASN A O   1 
ATOM   642  C  CB  . ASN A 1 82  ? 8.998   1.016   3.063   1.00 21.11  ? 204 ASN A CB  1 
ATOM   643  C  CG  . ASN A 1 82  ? 9.997   1.921   3.721   1.00 24.93  ? 204 ASN A CG  1 
ATOM   644  O  OD1 . ASN A 1 82  ? 10.562  2.804   3.072   1.00 34.30  ? 204 ASN A OD1 1 
ATOM   645  N  ND2 . ASN A 1 82  ? 10.301  1.631   4.973   1.00 29.41  ? 204 ASN A ND2 1 
ATOM   646  N  N   . PHE A 1 83  ? 6.492   0.094   1.555   1.00 17.90  ? 205 PHE A N   1 
ATOM   647  C  CA  . PHE A 1 83  ? 5.669   -0.992  0.977   1.00 17.91  ? 205 PHE A CA  1 
ATOM   648  C  C   . PHE A 1 83  ? 5.300   -0.599  -0.459  1.00 18.24  ? 205 PHE A C   1 
ATOM   649  O  O   . PHE A 1 83  ? 5.483   -1.360  -1.418  1.00 17.57  ? 205 PHE A O   1 
ATOM   650  C  CB  . PHE A 1 83  ? 4.379   -1.176  1.767   1.00 19.04  ? 205 PHE A CB  1 
ATOM   651  C  CG  . PHE A 1 83  ? 3.502   -2.226  1.158   1.00 18.00  ? 205 PHE A CG  1 
ATOM   652  C  CD1 . PHE A 1 83  ? 3.679   -3.548  1.488   1.00 18.73  ? 205 PHE A CD1 1 
ATOM   653  C  CD2 . PHE A 1 83  ? 2.530   -1.899  0.221   1.00 20.47  ? 205 PHE A CD2 1 
ATOM   654  C  CE1 . PHE A 1 83  ? 2.904   -4.531  0.896   1.00 19.23  ? 205 PHE A CE1 1 
ATOM   655  C  CE2 . PHE A 1 83  ? 1.750   -2.886  -0.365  1.00 19.89  ? 205 PHE A CE2 1 
ATOM   656  C  CZ  . PHE A 1 83  ? 1.944   -4.199  -0.036  1.00 19.43  ? 205 PHE A CZ  1 
ATOM   657  N  N   . ILE A 1 84  ? 4.812   0.620   -0.614  1.00 16.82  ? 206 ILE A N   1 
ATOM   658  C  CA  . ILE A 1 84  ? 4.327   1.048   -1.961  1.00 18.32  ? 206 ILE A CA  1 
ATOM   659  C  C   . ILE A 1 84  ? 5.531   1.265   -2.896  1.00 16.78  ? 206 ILE A C   1 
ATOM   660  O  O   . ILE A 1 84  ? 5.421   0.935   -4.083  1.00 16.26  ? 206 ILE A O   1 
ATOM   661  C  CB  . ILE A 1 84  ? 3.378   2.249   -1.872  1.00 18.40  ? 206 ILE A CB  1 
ATOM   662  C  CG1 . ILE A 1 84  ? 2.213   1.943   -0.937  1.00 21.08  ? 206 ILE A CG1 1 
ATOM   663  C  CG2 . ILE A 1 84  ? 2.870   2.623   -3.257  1.00 20.26  ? 206 ILE A CG2 1 
ATOM   664  C  CD1 . ILE A 1 84  ? 1.476   3.173   -0.441  1.00 20.31  ? 206 ILE A CD1 1 
ATOM   665  N  N   . LYS A 1 85  ? 6.646   1.790   -2.402  1.00 18.51  ? 207 LYS A N   1 
ATOM   666  C  CA  . LYS A 1 85  ? 7.877   1.884   -3.237  1.00 19.82  ? 207 LYS A CA  1 
ATOM   667  C  C   . LYS A 1 85  ? 8.232   0.493   -3.764  1.00 21.61  ? 207 LYS A C   1 
ATOM   668  O  O   . LYS A 1 85  ? 8.416   0.316   -4.987  1.00 20.73  ? 207 LYS A O   1 
ATOM   669  C  CB  . LYS A 1 85  ? 9.068   2.398   -2.436  1.00 22.83  ? 207 LYS A CB  1 
ATOM   670  C  CG  . LYS A 1 85  ? 9.218   3.904   -2.349  1.00 25.52  ? 207 LYS A CG  1 
ATOM   671  C  CD  . LYS A 1 85  ? 10.313  4.282   -1.389  1.00 27.40  ? 207 LYS A CD  1 
ATOM   672  C  CE  . LYS A 1 85  ? 11.681  3.831   -1.861  1.00 29.57  ? 207 LYS A CE  1 
ATOM   673  N  NZ  . LYS A 1 85  ? 12.765  4.388   -1.010  1.00 28.69  ? 207 LYS A NZ  1 
ATOM   674  N  N   . ILE A 1 86  ? 8.315   -0.475  -2.856  1.00 19.83  ? 208 ILE A N   1 
ATOM   675  C  CA  . ILE A 1 86  ? 8.698   -1.858  -3.241  1.00 20.54  ? 208 ILE A CA  1 
ATOM   676  C  C   . ILE A 1 86  ? 7.639   -2.428  -4.190  1.00 18.72  ? 208 ILE A C   1 
ATOM   677  O  O   . ILE A 1 86  ? 8.047   -3.041  -5.204  1.00 18.47  ? 208 ILE A O   1 
ATOM   678  C  CB  . ILE A 1 86  ? 8.967   -2.704  -1.994  1.00 20.99  ? 208 ILE A CB  1 
ATOM   679  C  CG1 . ILE A 1 86  ? 10.167  -2.124  -1.243  1.00 20.10  ? 208 ILE A CG1 1 
ATOM   680  C  CG2 . ILE A 1 86  ? 9.134   -4.166  -2.401  1.00 20.90  ? 208 ILE A CG2 1 
ATOM   681  C  CD1 . ILE A 1 86  ? 10.335  -2.653  0.180   1.00 21.49  ? 208 ILE A CD1 1 
ATOM   682  N  N   . LEU A 1 87  ? 6.345   -2.206  -3.932  1.00 17.19  ? 209 LEU A N   1 
ATOM   683  C  CA  . LEU A 1 87  ? 5.281   -2.701  -4.828  1.00 18.24  ? 209 LEU A CA  1 
ATOM   684  C  C   . LEU A 1 87  ? 5.492   -2.101  -6.221  1.00 17.31  ? 209 LEU A C   1 
ATOM   685  O  O   . LEU A 1 87  ? 5.329   -2.818  -7.205  1.00 16.03  ? 209 LEU A O   1 
ATOM   686  C  CB  . LEU A 1 87  ? 3.904   -2.333  -4.269  1.00 17.98  ? 209 LEU A CB  1 
ATOM   687  C  CG  . LEU A 1 87  ? 2.742   -2.652  -5.193  1.00 18.10  ? 209 LEU A CG  1 
ATOM   688  C  CD1 . LEU A 1 87  ? 2.641   -4.154  -5.481  1.00 20.00  ? 209 LEU A CD1 1 
ATOM   689  C  CD2 . LEU A 1 87  ? 1.442   -2.109  -4.596  1.00 19.60  ? 209 LEU A CD2 1 
ATOM   690  N  N   . SER A 1 88  ? 5.792   -0.808  -6.305  1.00 16.67  ? 210 SER A N   1 
ATOM   691  C  CA  . SER A 1 88  ? 6.024   -0.140  -7.615  1.00 18.95  ? 210 SER A CA  1 
ATOM   692  C  C   . SER A 1 88  ? 7.225   -0.766  -8.352  1.00 17.60  ? 210 SER A C   1 
ATOM   693  O  O   . SER A 1 88  ? 7.307   -0.613  -9.574  1.00 18.80  ? 210 SER A O   1 
ATOM   694  C  CB  . SER A 1 88  ? 6.170   1.351   -7.467  1.00 18.71  ? 210 SER A CB  1 
ATOM   695  O  OG  . SER A 1 88  ? 7.462   1.715   -7.041  1.00 18.49  ? 210 SER A OG  1 
ATOM   696  N  N   . SER A 1 89  ? 8.143   -1.445  -7.660  1.00 18.65  ? 211 SER A N   1 
ATOM   697  C  CA  . SER A 1 89  ? 9.288   -2.107  -8.319  1.00 19.59  ? 211 SER A CA  1 
ATOM   698  C  C   . SER A 1 89  ? 8.854   -3.423  -8.981  1.00 20.74  ? 211 SER A C   1 
ATOM   699  O  O   . SER A 1 89  ? 9.592   -3.892  -9.845  1.00 22.00  ? 211 SER A O   1 
ATOM   700  C  CB  . SER A 1 89  ? 10.443  -2.294  -7.370  1.00 19.88  ? 211 SER A CB  1 
ATOM   701  O  OG  . SER A 1 89  ? 10.262  -3.439  -6.557  1.00 18.93  ? 211 SER A OG  1 
ATOM   702  N  N   . ILE A 1 90  ? 7.725   -4.020  -8.605  1.00 18.70  ? 212 ILE A N   1 
ATOM   703  C  CA  . ILE A 1 90  ? 7.326   -5.367  -9.131  1.00 20.07  ? 212 ILE A CA  1 
ATOM   704  C  C   . ILE A 1 90  ? 5.987   -5.309  -9.879  1.00 20.87  ? 212 ILE A C   1 
ATOM   705  O  O   . ILE A 1 90  ? 5.640   -6.300  -10.500 1.00 19.89  ? 212 ILE A O   1 
ATOM   706  C  CB  . ILE A 1 90  ? 7.290   -6.425  -8.023  1.00 22.31  ? 212 ILE A CB  1 
ATOM   707  C  CG1 . ILE A 1 90  ? 6.249   -6.102  -6.949  1.00 23.34  ? 212 ILE A CG1 1 
ATOM   708  C  CG2 . ILE A 1 90  ? 8.667   -6.657  -7.406  1.00 20.98  ? 212 ILE A CG2 1 
ATOM   709  C  CD1 . ILE A 1 90  ? 6.046   -7.254  -5.982  1.00 25.18  ? 212 ILE A CD1 1 
ATOM   710  N  N   . GLU A 1 91  ? 5.222   -4.229  -9.737  1.00 20.49  ? 213 GLU A N   1 
ATOM   711  C  CA  . GLU A 1 91  ? 3.967   -3.997  -10.490 1.00 21.29  ? 213 GLU A CA  1 
ATOM   712  C  C   . GLU A 1 91  ? 4.229   -2.894  -11.514 1.00 22.41  ? 213 GLU A C   1 
ATOM   713  O  O   . GLU A 1 91  ? 4.647   -1.779  -11.091 1.00 19.42  ? 213 GLU A O   1 
ATOM   714  C  CB  . GLU A 1 91  ? 2.865   -3.638  -9.491  1.00 24.23  ? 213 GLU A CB  1 
ATOM   715  C  CG  . GLU A 1 91  ? 1.518   -3.395  -10.137 1.00 28.23  ? 213 GLU A CG  1 
ATOM   716  C  CD  . GLU A 1 91  ? 0.811   -4.642  -10.636 1.00 31.26  ? 213 GLU A CD  1 
ATOM   717  O  OE1 . GLU A 1 91  ? 1.273   -5.741  -10.319 1.00 40.37  ? 213 GLU A OE1 1 
ATOM   718  O  OE2 . GLU A 1 91  ? -0.180  -4.515  -11.355 1.00 32.39  ? 213 GLU A OE2 1 
ATOM   719  N  N   . ASP A 1 92  ? 3.943   -3.155  -12.801 1.00 20.01  ? 214 ASP A N   1 
ATOM   720  C  CA  . ASP A 1 92  ? 4.273   -2.231  -13.917 1.00 23.71  ? 214 ASP A CA  1 
ATOM   721  C  C   . ASP A 1 92  ? 3.154   -1.183  -14.038 1.00 21.50  ? 214 ASP A C   1 
ATOM   722  O  O   . ASP A 1 92  ? 2.598   -0.961  -15.151 1.00 21.87  ? 214 ASP A O   1 
ATOM   723  C  CB  . ASP A 1 92  ? 4.573   -3.010  -15.194 1.00 26.36  ? 214 ASP A CB  1 
ATOM   724  C  CG  . ASP A 1 92  ? 3.391   -3.804  -15.716 1.00 33.03  ? 214 ASP A CG  1 
ATOM   725  O  OD1 . ASP A 1 92  ? 2.636   -4.338  -14.880 1.00 29.39  ? 214 ASP A OD1 1 
ATOM   726  O  OD2 . ASP A 1 92  ? 3.188   -3.798  -16.969 1.00 40.28  ? 214 ASP A OD2 1 
ATOM   727  N  N   . ARG A 1 93  ? 2.872   -0.528  -12.924 1.00 18.83  ? 215 ARG A N   1 
ATOM   728  C  CA  . ARG A 1 93  ? 1.904   0.580   -12.827 1.00 19.17  ? 215 ARG A CA  1 
ATOM   729  C  C   . ARG A 1 93  ? 2.589   1.737   -12.138 1.00 19.10  ? 215 ARG A C   1 
ATOM   730  O  O   . ARG A 1 93  ? 3.304   1.525   -11.133 1.00 21.48  ? 215 ARG A O   1 
ATOM   731  C  CB  . ARG A 1 93  ? 0.662   0.202   -12.020 1.00 19.34  ? 215 ARG A CB  1 
ATOM   732  C  CG  . ARG A 1 93  ? -0.157  -0.923  -12.638 1.00 19.57  ? 215 ARG A CG  1 
ATOM   733  C  CD  . ARG A 1 93  ? -1.058  -1.505  -11.588 1.00 19.05  ? 215 ARG A CD  1 
ATOM   734  N  NE  . ARG A 1 93  ? -1.900  -2.580  -12.035 1.00 20.25  ? 215 ARG A NE  1 
ATOM   735  C  CZ  . ARG A 1 93  ? -3.144  -2.462  -12.500 1.00 20.44  ? 215 ARG A CZ  1 
ATOM   736  N  NH1 . ARG A 1 93  ? -3.720  -1.279  -12.635 1.00 20.37  ? 215 ARG A NH1 1 
ATOM   737  N  NH2 . ARG A 1 93  ? -3.824  -3.558  -12.796 1.00 23.04  ? 215 ARG A NH2 1 
ATOM   738  N  N   . GLU A 1 94  ? 2.289   2.931   -12.611 1.00 20.92  ? 216 GLU A N   1 
ATOM   739  C  CA  . GLU A 1 94  ? 2.478   4.140   -11.788 1.00 22.36  ? 216 GLU A CA  1 
ATOM   740  C  C   . GLU A 1 94  ? 1.406   4.095   -10.696 1.00 22.18  ? 216 GLU A C   1 
ATOM   741  O  O   . GLU A 1 94  ? 0.233   3.839   -10.999 1.00 20.29  ? 216 GLU A O   1 
ATOM   742  C  CB  . GLU A 1 94  ? 2.443   5.403   -12.647 1.00 21.76  ? 216 GLU A CB  1 
ATOM   743  C  CG  . GLU A 1 94  ? 2.548   6.655   -11.801 1.00 27.38  ? 216 GLU A CG  1 
ATOM   744  C  CD  . GLU A 1 94  ? 2.748   7.949   -12.569 1.00 32.54  ? 216 GLU A CD  1 
ATOM   745  O  OE1 . GLU A 1 94  ? 2.442   7.958   -13.779 1.00 35.84  ? 216 GLU A OE1 1 
ATOM   746  O  OE2 . GLU A 1 94  ? 3.252   8.922   -11.959 1.00 33.62  ? 216 GLU A OE2 1 
ATOM   747  N  N   . ILE A 1 95  ? 1.836   4.268   -9.448  1.00 19.96  ? 217 ILE A N   1 
ATOM   748  C  CA  . ILE A 1 95  ? 0.936   4.328   -8.287  1.00 19.90  ? 217 ILE A CA  1 
ATOM   749  C  C   . ILE A 1 95  ? 1.089   5.716   -7.685  1.00 20.76  ? 217 ILE A C   1 
ATOM   750  O  O   . ILE A 1 95  ? 2.169   6.075   -7.263  1.00 19.56  ? 217 ILE A O   1 
ATOM   751  C  CB  . ILE A 1 95  ? 1.226   3.205   -7.277  1.00 20.34  ? 217 ILE A CB  1 
ATOM   752  C  CG1 . ILE A 1 95  ? 1.233   1.827   -7.950  1.00 24.02  ? 217 ILE A CG1 1 
ATOM   753  C  CG2 . ILE A 1 95  ? 0.236   3.280   -6.141  1.00 21.03  ? 217 ILE A CG2 1 
ATOM   754  C  CD1 . ILE A 1 95  ? 1.809   0.738   -7.092  1.00 22.38  ? 217 ILE A CD1 1 
ATOM   755  N  N   . ILE A 1 96  ? 0.003   6.472   -7.686  1.00 21.19  ? 218 ILE A N   1 
ATOM   756  C  CA  . ILE A 1 96  ? 0.031   7.870   -7.183  1.00 21.60  ? 218 ILE A CA  1 
ATOM   757  C  C   . ILE A 1 96  ? -0.819  7.886   -5.912  1.00 22.94  ? 218 ILE A C   1 
ATOM   758  O  O   . ILE A 1 96  ? -2.018  7.539   -5.984  1.00 22.77  ? 218 ILE A O   1 
ATOM   759  C  CB  . ILE A 1 96  ? -0.469  8.842   -8.260  1.00 22.01  ? 218 ILE A CB  1 
ATOM   760  C  CG1 . ILE A 1 96  ? 0.359   8.726   -9.542  1.00 22.68  ? 218 ILE A CG1 1 
ATOM   761  C  CG2 . ILE A 1 96  ? -0.476  10.248  -7.705  1.00 22.50  ? 218 ILE A CG2 1 
ATOM   762  C  CD1 . ILE A 1 96  ? -0.326  9.296   -10.776 1.00 22.36  ? 218 ILE A CD1 1 
ATOM   763  N  N   . VAL A 1 97  ? -0.201  8.235   -4.787  1.00 20.52  ? 219 VAL A N   1 
ATOM   764  C  CA  . VAL A 1 97  ? -0.937  8.434   -3.519  1.00 21.64  ? 219 VAL A CA  1 
ATOM   765  C  C   . VAL A 1 97  ? -0.893  9.928   -3.229  1.00 23.14  ? 219 VAL A C   1 
ATOM   766  O  O   . VAL A 1 97  ? 0.204   10.449  -3.028  1.00 22.57  ? 219 VAL A O   1 
ATOM   767  C  CB  . VAL A 1 97  ? -0.385  7.641   -2.331  1.00 21.23  ? 219 VAL A CB  1 
ATOM   768  C  CG1 . VAL A 1 97  ? -1.139  8.004   -1.066  1.00 22.83  ? 219 VAL A CG1 1 
ATOM   769  C  CG2 . VAL A 1 97  ? -0.463  6.137   -2.587  1.00 22.32  ? 219 VAL A CG2 1 
ATOM   770  N  N   . ARG A 1 98  ? -2.051  10.560  -3.260  1.00 23.31  ? 220 ARG A N   1 
ATOM   771  C  CA  . ARG A 1 98  ? -2.199  11.949  -2.783  1.00 25.99  ? 220 ARG A CA  1 
ATOM   772  C  C   . ARG A 1 98  ? -2.486  11.904  -1.292  1.00 24.30  ? 220 ARG A C   1 
ATOM   773  O  O   . ARG A 1 98  ? -3.531  11.361  -0.905  1.00 25.52  ? 220 ARG A O   1 
ATOM   774  C  CB  . ARG A 1 98  ? -3.283  12.726  -3.526  1.00 30.33  ? 220 ARG A CB  1 
ATOM   775  C  CG  . ARG A 1 98  ? -3.125  14.220  -3.273  1.00 32.48  ? 220 ARG A CG  1 
ATOM   776  C  CD  . ARG A 1 98  ? -4.380  14.968  -2.943  1.00 40.41  ? 220 ARG A CD  1 
ATOM   777  N  NE  . ARG A 1 98  ? -5.300  14.962  -4.055  1.00 47.85  ? 220 ARG A NE  1 
ATOM   778  C  CZ  . ARG A 1 98  ? -6.013  16.013  -4.472  1.00 56.16  ? 220 ARG A CZ  1 
ATOM   779  N  NH1 . ARG A 1 98  ? -5.893  17.201  -3.898  1.00 56.72  ? 220 ARG A NH1 1 
ATOM   780  N  NH2 . ARG A 1 98  ? -6.844  15.868  -5.490  1.00 60.31  ? 220 ARG A NH2 1 
ATOM   781  N  N   . ASP A 1 99  ? -1.581  12.463  -0.483  1.00 25.90  ? 221 ASP A N   1 
ATOM   782  C  CA  . ASP A 1 99  ? -1.800  12.598  0.977   1.00 26.63  ? 221 ASP A CA  1 
ATOM   783  C  C   . ASP A 1 99  ? -2.109  14.077  1.284   1.00 29.70  ? 221 ASP A C   1 
ATOM   784  O  O   . ASP A 1 99  ? -2.394  14.842  0.338   1.00 28.73  ? 221 ASP A O   1 
ATOM   785  C  CB  . ASP A 1 99  ? -0.630  12.012  1.782   1.00 25.83  ? 221 ASP A CB  1 
ATOM   786  C  CG  . ASP A 1 99  ? 0.682   12.758  1.729   1.00 27.51  ? 221 ASP A CG  1 
ATOM   787  O  OD1 . ASP A 1 99  ? 0.733   13.823  1.102   1.00 25.70  ? 221 ASP A OD1 1 
ATOM   788  O  OD2 . ASP A 1 99  ? 1.669   12.248  2.339   1.00 27.80  ? 221 ASP A OD2 1 
ATOM   789  N  N   . ASN A 1 100 ? -2.009  14.472  2.553   1.00 32.17  ? 222 ASN A N   1 
ATOM   790  C  CA  . ASN A 1 100 ? -2.388  15.828  3.028   1.00 32.26  ? 222 ASN A CA  1 
ATOM   791  C  C   . ASN A 1 100 ? -1.453  16.870  2.419   1.00 35.47  ? 222 ASN A C   1 
ATOM   792  O  O   . ASN A 1 100 ? -1.848  18.050  2.403   1.00 38.79  ? 222 ASN A O   1 
ATOM   793  C  CB  . ASN A 1 100 ? -2.415  15.915  4.563   1.00 33.03  ? 222 ASN A CB  1 
ATOM   794  C  CG  . ASN A 1 100 ? -1.102  15.545  5.224   1.00 34.22  ? 222 ASN A CG  1 
ATOM   795  O  OD1 . ASN A 1 100 ? -0.379  14.676  4.747   1.00 31.85  ? 222 ASN A OD1 1 
ATOM   796  N  ND2 . ASN A 1 100 ? -0.751  16.236  6.297   1.00 34.78  ? 222 ASN A ND2 1 
ATOM   797  N  N   . LYS A 1 101 ? -0.260  16.493  1.954   1.00 32.06  ? 223 LYS A N   1 
ATOM   798  C  CA  . LYS A 1 101 ? 0.759   17.483  1.512   1.00 35.41  ? 223 LYS A CA  1 
ATOM   799  C  C   . LYS A 1 101 ? 1.099   17.337  0.028   1.00 35.19  ? 223 LYS A C   1 
ATOM   800  O  O   . LYS A 1 101 ? 1.437   18.365  -0.602  1.00 35.46  ? 223 LYS A O   1 
ATOM   801  C  CB  . LYS A 1 101 ? 1.997   17.384  2.404   1.00 36.18  ? 223 LYS A CB  1 
ATOM   802  C  CG  . LYS A 1 101 ? 1.768   17.864  3.834   1.00 36.41  ? 223 LYS A CG  1 
ATOM   803  C  CD  . LYS A 1 101 ? 1.607   19.370  3.922   1.00 39.04  ? 223 LYS A CD  1 
ATOM   804  C  CE  . LYS A 1 101 ? 0.887   19.863  5.156   1.00 42.23  ? 223 LYS A CE  1 
ATOM   805  N  NZ  . LYS A 1 101 ? 0.628   21.318  5.048   1.00 40.42  ? 223 LYS A NZ  1 
ATOM   806  N  N   . ARG A 1 102 ? 1.083   16.127  -0.537  1.00 31.34  ? 224 ARG A N   1 
ATOM   807  C  CA  . ARG A 1 102 ? 1.608   15.986  -1.911  1.00 29.74  ? 224 ARG A CA  1 
ATOM   808  C  C   . ARG A 1 102 ? 1.038   14.785  -2.645  1.00 24.42  ? 224 ARG A C   1 
ATOM   809  O  O   . ARG A 1 102 ? 0.367   13.940  -2.026  1.00 26.30  ? 224 ARG A O   1 
ATOM   810  C  CB  . ARG A 1 102 ? 3.114   15.786  -1.855  1.00 35.78  ? 224 ARG A CB  1 
ATOM   811  C  CG  . ARG A 1 102 ? 3.521   14.531  -1.104  1.00 37.56  ? 224 ARG A CG  1 
ATOM   812  C  CD  . ARG A 1 102 ? 5.018   14.523  -0.941  1.00 43.76  ? 224 ARG A CD  1 
ATOM   813  N  NE  . ARG A 1 102 ? 5.421   15.605  -0.052  1.00 48.02  ? 224 ARG A NE  1 
ATOM   814  C  CZ  . ARG A 1 102 ? 6.516   16.343  -0.188  1.00 47.22  ? 224 ARG A CZ  1 
ATOM   815  N  NH1 . ARG A 1 102 ? 7.341   16.153  -1.202  1.00 47.96  ? 224 ARG A NH1 1 
ATOM   816  N  NH2 . ARG A 1 102 ? 6.779   17.282  0.697   1.00 49.63  ? 224 ARG A NH2 1 
ATOM   817  N  N   . PHE A 1 103 ? 1.391   14.740  -3.921  1.00 26.68  ? 225 PHE A N   1 
ATOM   818  C  CA  . PHE A 1 103 ? 1.275   13.581  -4.826  1.00 24.76  ? 225 PHE A CA  1 
ATOM   819  C  C   . PHE A 1 103 ? 2.568   12.780  -4.728  1.00 24.15  ? 225 PHE A C   1 
ATOM   820  O  O   . PHE A 1 103 ? 3.628   13.244  -5.186  1.00 29.44  ? 225 PHE A O   1 
ATOM   821  C  CB  . PHE A 1 103 ? 0.994   14.090  -6.231  1.00 25.39  ? 225 PHE A CB  1 
ATOM   822  C  CG  . PHE A 1 103 ? -0.350  14.750  -6.297  1.00 28.97  ? 225 PHE A CG  1 
ATOM   823  C  CD1 . PHE A 1 103 ? -1.488  13.990  -6.494  1.00 27.89  ? 225 PHE A CD1 1 
ATOM   824  C  CD2 . PHE A 1 103 ? -0.487  16.119  -6.097  1.00 29.82  ? 225 PHE A CD2 1 
ATOM   825  C  CE1 . PHE A 1 103 ? -2.734  14.591  -6.578  1.00 28.47  ? 225 PHE A CE1 1 
ATOM   826  C  CE2 . PHE A 1 103 ? -1.741  16.710  -6.161  1.00 30.12  ? 225 PHE A CE2 1 
ATOM   827  C  CZ  . PHE A 1 103 ? -2.861  15.943  -6.387  1.00 28.98  ? 225 PHE A CZ  1 
ATOM   828  N  N   . HIS A 1 104 ? 2.492   11.604  -4.111  1.00 21.42  ? 226 HIS A N   1 
ATOM   829  C  CA  . HIS A 1 104 ? 3.605   10.640  -4.173  1.00 20.53  ? 226 HIS A CA  1 
ATOM   830  C  C   . HIS A 1 104 ? 3.428   9.835   -5.455  1.00 20.95  ? 226 HIS A C   1 
ATOM   831  O  O   . HIS A 1 104 ? 2.479   9.053   -5.494  1.00 22.98  ? 226 HIS A O   1 
ATOM   832  C  CB  . HIS A 1 104 ? 3.601   9.700   -2.969  1.00 22.45  ? 226 HIS A CB  1 
ATOM   833  C  CG  . HIS A 1 104 ? 3.762   10.372  -1.652  1.00 22.07  ? 226 HIS A CG  1 
ATOM   834  N  ND1 . HIS A 1 104 ? 4.991   10.401  -0.956  1.00 20.30  ? 226 HIS A ND1 1 
ATOM   835  C  CD2 . HIS A 1 104 ? 2.853   10.988  -0.876  1.00 21.42  ? 226 HIS A CD2 1 
ATOM   836  C  CE1 . HIS A 1 104 ? 4.779   10.996  0.200   1.00 21.97  ? 226 HIS A CE1 1 
ATOM   837  N  NE2 . HIS A 1 104 ? 3.491   11.344  0.272   1.00 22.71  ? 226 HIS A NE2 1 
ATOM   838  N  N   . HIS A 1 105 ? 4.271   10.054  -6.449  1.00 23.70  ? 227 HIS A N   1 
ATOM   839  C  CA  . HIS A 1 105 ? 4.339   9.225   -7.678  1.00 21.41  ? 227 HIS A CA  1 
ATOM   840  C  C   . HIS A 1 105 ? 5.318   8.089   -7.441  1.00 19.36  ? 227 HIS A C   1 
ATOM   841  O  O   . HIS A 1 105 ? 6.516   8.343   -7.536  1.00 18.70  ? 227 HIS A O   1 
ATOM   842  C  CB  . HIS A 1 105 ? 4.791   10.031  -8.899  1.00 23.33  ? 227 HIS A CB  1 
ATOM   843  C  CG  . HIS A 1 105 ? 3.808   11.052  -9.338  1.00 25.18  ? 227 HIS A CG  1 
ATOM   844  N  ND1 . HIS A 1 105 ? 3.102   10.931  -10.519 1.00 26.53  ? 227 HIS A ND1 1 
ATOM   845  C  CD2 . HIS A 1 105 ? 3.460   12.235  -8.802  1.00 28.13  ? 227 HIS A CD2 1 
ATOM   846  C  CE1 . HIS A 1 105 ? 2.309   11.979  -10.651 1.00 27.21  ? 227 HIS A CE1 1 
ATOM   847  N  NE2 . HIS A 1 105 ? 2.506   12.778  -9.609  1.00 27.75  ? 227 HIS A NE2 1 
ATOM   848  N  N   . PHE A 1 106 ? 4.814   6.876   -7.220  1.00 19.68  ? 228 PHE A N   1 
ATOM   849  C  CA  . PHE A 1 106 ? 5.646   5.667   -7.064  1.00 19.11  ? 228 PHE A CA  1 
ATOM   850  C  C   . PHE A 1 106 ? 5.794   5.036   -8.445  1.00 20.69  ? 228 PHE A C   1 
ATOM   851  O  O   . PHE A 1 106 ? 4.809   4.662   -9.076  1.00 18.79  ? 228 PHE A O   1 
ATOM   852  C  CB  . PHE A 1 106 ? 5.075   4.694   -6.034  1.00 19.88  ? 228 PHE A CB  1 
ATOM   853  C  CG  . PHE A 1 106 ? 4.835   5.253   -4.656  1.00 19.25  ? 228 PHE A CG  1 
ATOM   854  C  CD1 . PHE A 1 106 ? 3.612   5.809   -4.323  1.00 19.38  ? 228 PHE A CD1 1 
ATOM   855  C  CD2 . PHE A 1 106 ? 5.800   5.147   -3.663  1.00 19.97  ? 228 PHE A CD2 1 
ATOM   856  C  CE1 . PHE A 1 106 ? 3.359   6.271   -3.040  1.00 20.52  ? 228 PHE A CE1 1 
ATOM   857  C  CE2 . PHE A 1 106 ? 5.552   5.641   -2.390  1.00 19.81  ? 228 PHE A CE2 1 
ATOM   858  C  CZ  . PHE A 1 106 ? 4.334   6.193   -2.078  1.00 19.64  ? 228 PHE A CZ  1 
ATOM   859  N  N   . ARG A 1 107 ? 7.028   4.970   -8.907  1.00 21.81  ? 229 ARG A N   1 
ATOM   860  C  CA  . ARG A 1 107 ? 7.360   4.365   -10.216 1.00 26.73  ? 229 ARG A CA  1 
ATOM   861  C  C   . ARG A 1 107 ? 8.668   3.620   -10.033 1.00 23.50  ? 229 ARG A C   1 
ATOM   862  O  O   . ARG A 1 107 ? 9.634   4.261   -9.569  1.00 24.29  ? 229 ARG A O   1 
ATOM   863  C  CB  . ARG A 1 107 ? 7.567   5.432   -11.292 1.00 31.83  ? 229 ARG A CB  1 
ATOM   864  C  CG  . ARG A 1 107 ? 6.304   6.066   -11.855 1.00 36.72  ? 229 ARG A CG  1 
ATOM   865  C  CD  . ARG A 1 107 ? 6.638   7.072   -12.962 1.00 41.86  ? 229 ARG A CD  1 
ATOM   866  N  NE  . ARG A 1 107 ? 7.972   6.847   -13.530 1.00 49.89  ? 229 ARG A NE  1 
ATOM   867  C  CZ  . ARG A 1 107 ? 8.254   6.410   -14.759 1.00 52.62  ? 229 ARG A CZ  1 
ATOM   868  N  NH1 . ARG A 1 107 ? 7.300   6.148   -15.638 1.00 58.51  ? 229 ARG A NH1 1 
ATOM   869  N  NH2 . ARG A 1 107 ? 9.516   6.230   -15.108 1.00 54.29  ? 229 ARG A NH2 1 
ATOM   870  N  N   . ASP A 1 108 ? 8.702   2.364   -10.456 1.00 24.81  ? 230 ASP A N   1 
ATOM   871  C  CA  . ASP A 1 108 ? 9.953   1.590   -10.610 1.00 26.74  ? 230 ASP A CA  1 
ATOM   872  C  C   . ASP A 1 108 ? 10.723  1.558   -9.286  1.00 24.85  ? 230 ASP A C   1 
ATOM   873  O  O   . ASP A 1 108 ? 11.959  1.618   -9.365  1.00 26.16  ? 230 ASP A O   1 
ATOM   874  C  CB  . ASP A 1 108 ? 10.880  2.241   -11.639 1.00 32.02  ? 230 ASP A CB  1 
ATOM   875  C  CG  . ASP A 1 108 ? 10.374  2.203   -13.059 1.00 37.41  ? 230 ASP A CG  1 
ATOM   876  O  OD1 . ASP A 1 108 ? 9.200   2.532   -13.259 1.00 46.78  ? 230 ASP A OD1 1 
ATOM   877  O  OD2 . ASP A 1 108 ? 11.174  1.836   -13.948 1.00 51.08  ? 230 ASP A OD2 1 
ATOM   878  N  N   . GLY A 1 109 ? 10.053  1.571   -8.127  1.00 20.82  ? 231 GLY A N   1 
ATOM   879  C  CA  . GLY A 1 109 ? 10.742  1.416   -6.835  1.00 22.09  ? 231 GLY A CA  1 
ATOM   880  C  C   . GLY A 1 109 ? 11.152  2.746   -6.223  1.00 23.21  ? 231 GLY A C   1 
ATOM   881  O  O   . GLY A 1 109 ? 11.789  2.731   -5.166  1.00 24.21  ? 231 GLY A O   1 
ATOM   882  N  N   . ASN A 1 110 ? 10.774  3.859   -6.837  1.00 22.01  ? 232 ASN A N   1 
ATOM   883  C  CA  . ASN A 1 110 ? 11.137  5.201   -6.340  1.00 24.78  ? 232 ASN A CA  1 
ATOM   884  C  C   . ASN A 1 110 ? 9.854   5.997   -6.143  1.00 22.39  ? 232 ASN A C   1 
ATOM   885  O  O   . ASN A 1 110 ? 8.861   5.732   -6.841  1.00 24.79  ? 232 ASN A O   1 
ATOM   886  C  CB  . ASN A 1 110 ? 12.042  5.964   -7.304  1.00 27.73  ? 232 ASN A CB  1 
ATOM   887  C  CG  . ASN A 1 110 ? 13.296  5.204   -7.651  1.00 34.24  ? 232 ASN A CG  1 
ATOM   888  O  OD1 . ASN A 1 110 ? 13.534  4.891   -8.818  1.00 40.78  ? 232 ASN A OD1 1 
ATOM   889  N  ND2 . ASN A 1 110 ? 14.090  4.907   -6.641  1.00 36.07  ? 232 ASN A ND2 1 
ATOM   890  N  N   . CYS A 1 111 ? 9.890   6.972   -5.249  1.00 21.43  ? 233 CYS A N   1 
ATOM   891  C  CA  . CYS A 1 111 ? 8.844   7.993   -5.154  1.00 21.46  ? 233 CYS A CA  1 
ATOM   892  C  C   . CYS A 1 111 ? 9.432   9.356   -5.572  1.00 23.97  ? 233 CYS A C   1 
ATOM   893  O  O   . CYS A 1 111 ? 10.570  9.635   -5.214  1.00 24.38  ? 233 CYS A O   1 
ATOM   894  C  CB  . CYS A 1 111 ? 8.282   8.109   -3.752  1.00 22.56  ? 233 CYS A CB  1 
ATOM   895  S  SG  . CYS A 1 111 ? 6.799   9.147   -3.740  1.00 21.77  ? 233 CYS A SG  1 
ATOM   896  N  N   . SER A 1 112 ? 8.629   10.148  -6.265  1.00 22.50  ? 234 SER A N   1 
ATOM   897  C  CA  . SER A 1 112 ? 8.914   11.543  -6.674  1.00 24.12  ? 234 SER A CA  1 
ATOM   898  C  C   . SER A 1 112 ? 9.263   12.437  -5.463  1.00 27.42  ? 234 SER A C   1 
ATOM   899  O  O   . SER A 1 112 ? 9.990   13.425  -5.683  1.00 29.39  ? 234 SER A O   1 
ATOM   900  C  CB  . SER A 1 112 ? 7.752   12.069  -7.479  1.00 23.12  ? 234 SER A CB  1 
ATOM   901  O  OG  . SER A 1 112 ? 6.549   12.060  -6.742  1.00 22.88  ? 234 SER A OG  1 
ATOM   902  N  N   . CYS A 1 113 ? 8.840   12.094  -4.236  1.00 26.40  ? 235 CYS A N   1 
ATOM   903  C  CA  . CYS A 1 113 ? 9.154   12.900  -3.017  1.00 27.42  ? 235 CYS A CA  1 
ATOM   904  C  C   . CYS A 1 113 ? 10.586  12.608  -2.552  1.00 27.48  ? 235 CYS A C   1 
ATOM   905  O  O   . CYS A 1 113 ? 11.087  13.353  -1.705  1.00 27.56  ? 235 CYS A O   1 
ATOM   906  C  CB  . CYS A 1 113 ? 8.132   12.666  -1.906  1.00 27.06  ? 235 CYS A CB  1 
ATOM   907  S  SG  . CYS A 1 113 ? 8.447   11.201  -0.887  1.00 25.42  ? 235 CYS A SG  1 
ATOM   908  N  N   . GLY A 1 114 ? 11.252  11.590  -3.092  1.00 25.52  ? 236 GLY A N   1 
ATOM   909  C  CA  . GLY A 1 114 ? 12.629  11.257  -2.676  1.00 28.20  ? 236 GLY A CA  1 
ATOM   910  C  C   . GLY A 1 114 ? 12.686  10.837  -1.220  1.00 29.00  ? 236 GLY A C   1 
ATOM   911  O  O   . GLY A 1 114 ? 13.786  10.944  -0.625  1.00 25.81  ? 236 GLY A O   1 
ATOM   912  N  N   . ASP A 1 115 ? 11.566  10.332  -0.680  1.00 26.45  ? 237 ASP A N   1 
ATOM   913  C  CA  . ASP A 1 115 ? 11.420  9.805   0.698   1.00 27.58  ? 237 ASP A CA  1 
ATOM   914  C  C   . ASP A 1 115 ? 11.610  10.933  1.716   1.00 27.80  ? 237 ASP A C   1 
ATOM   915  O  O   . ASP A 1 115 ? 11.981  10.650  2.867   1.00 30.32  ? 237 ASP A O   1 
ATOM   916  C  CB  . ASP A 1 115 ? 12.405  8.678   1.003   1.00 30.87  ? 237 ASP A CB  1 
ATOM   917  C  CG  . ASP A 1 115 ? 12.254  7.463   0.105   1.00 32.32  ? 237 ASP A CG  1 
ATOM   918  O  OD1 . ASP A 1 115 ? 11.267  7.387   -0.637  1.00 30.03  ? 237 ASP A OD1 1 
ATOM   919  O  OD2 . ASP A 1 115 ? 13.151  6.620   0.139   1.00 36.12  ? 237 ASP A OD2 1 
ATOM   920  N  N   . TYR A 1 116 ? 11.278  12.157  1.337   1.00 27.75  ? 238 TYR A N   1 
ATOM   921  C  CA  . TYR A 1 116 ? 11.329  13.332  2.241   1.00 26.74  ? 238 TYR A CA  1 
ATOM   922  C  C   . TYR A 1 116 ? 9.965   13.994  2.166   1.00 25.14  ? 238 TYR A C   1 
ATOM   923  O  O   . TYR A 1 116 ? 9.746   14.754  1.247   1.00 24.72  ? 238 TYR A O   1 
ATOM   924  C  CB  . TYR A 1 116 ? 12.484  14.265  1.866   1.00 26.95  ? 238 TYR A CB  1 
ATOM   925  C  CG  . TYR A 1 116 ? 12.790  15.294  2.924   1.00 28.71  ? 238 TYR A CG  1 
ATOM   926  C  CD1 . TYR A 1 116 ? 13.554  14.969  4.030   1.00 30.75  ? 238 TYR A CD1 1 
ATOM   927  C  CD2 . TYR A 1 116 ? 12.287  16.579  2.846   1.00 29.94  ? 238 TYR A CD2 1 
ATOM   928  C  CE1 . TYR A 1 116 ? 13.825  15.902  5.020   1.00 31.69  ? 238 TYR A CE1 1 
ATOM   929  C  CE2 . TYR A 1 116 ? 12.552  17.524  3.824   1.00 29.91  ? 238 TYR A CE2 1 
ATOM   930  C  CZ  . TYR A 1 116 ? 13.344  17.195  4.901   1.00 29.59  ? 238 TYR A CZ  1 
ATOM   931  O  OH  . TYR A 1 116 ? 13.606  18.120  5.875   1.00 27.55  ? 238 TYR A OH  1 
ATOM   932  N  N   . TRP A 1 117 ? 9.096   13.706  3.131   1.00 24.97  ? 239 TRP A N   1 
ATOM   933  C  CA  . TRP A 1 117 ? 7.709   14.224  3.144   1.00 26.05  ? 239 TRP A CA  1 
ATOM   934  C  C   . TRP A 1 117 ? 7.237   14.315  4.589   1.00 28.16  ? 239 TRP A C   1 
ATOM   935  O  O   . TRP A 1 117 ? 7.796   13.645  5.491   1.00 29.61  ? 239 TRP A O   1 
ATOM   936  C  CB  . TRP A 1 117 ? 6.801   13.310  2.300   1.00 24.66  ? 239 TRP A CB  1 
ATOM   937  C  CG  . TRP A 1 117 ? 6.349   12.085  3.034   1.00 23.59  ? 239 TRP A CG  1 
ATOM   938  C  CD1 . TRP A 1 117 ? 5.157   11.925  3.670   1.00 24.41  ? 239 TRP A CD1 1 
ATOM   939  C  CD2 . TRP A 1 117 ? 7.062   10.847  3.224   1.00 21.36  ? 239 TRP A CD2 1 
ATOM   940  N  NE1 . TRP A 1 117 ? 5.085   10.685  4.237   1.00 25.07  ? 239 TRP A NE1 1 
ATOM   941  C  CE2 . TRP A 1 117 ? 6.245   10.013  4.016   1.00 22.26  ? 239 TRP A CE2 1 
ATOM   942  C  CE3 . TRP A 1 117 ? 8.319   10.371  2.848   1.00 23.61  ? 239 TRP A CE3 1 
ATOM   943  C  CZ2 . TRP A 1 117 ? 6.626   8.726   4.412   1.00 23.95  ? 239 TRP A CZ2 1 
ATOM   944  C  CZ3 . TRP A 1 117 ? 8.716   9.112   3.258   1.00 24.49  ? 239 TRP A CZ3 1 
ATOM   945  C  CH2 . TRP A 1 117 ? 7.877   8.302   4.023   1.00 23.14  ? 239 TRP A CH2 1 
ATOM   946  O  OXT . TRP A 1 117 ? 6.259   15.028  4.830   1.00 32.88  ? 239 TRP A OXT 1 
HETATM 947  ZN ZN  . ZN  B 2 .   ? 0.720   3.390   6.669   1.00 25.65  ? 301 ZN  A ZN  1 
HETATM 948  ZN ZN  . ZN  C 2 .   ? -2.775  1.526   16.230  1.00 28.98  ? 302 ZN  A ZN  1 
HETATM 949  ZN ZN  . ZN  D 2 .   ? 6.788   9.725   -1.566  1.00 23.06  ? 303 ZN  A ZN  1 
HETATM 950  S  S   . SO4 E 3 .   ? -1.959  18.531  -2.250  1.00 107.76 ? 304 SO4 A S   1 
HETATM 951  O  O1  . SO4 E 3 .   ? -0.875  18.435  -3.194  1.00 109.24 ? 304 SO4 A O1  1 
HETATM 952  O  O2  . SO4 E 3 .   ? -2.283  17.219  -1.751  1.00 95.01  ? 304 SO4 A O2  1 
HETATM 953  O  O3  . SO4 E 3 .   ? -3.108  19.095  -2.903  1.00 102.69 ? 304 SO4 A O3  1 
HETATM 954  O  O4  . SO4 E 3 .   ? -1.566  19.379  -1.155  1.00 106.97 ? 304 SO4 A O4  1 
HETATM 955  C  C1  . GOL F 4 .   ? 9.830   10.903  6.112   1.00 47.64  ? 305 GOL A C1  1 
HETATM 956  O  O1  . GOL F 4 .   ? 10.445  11.867  5.258   1.00 39.36  ? 305 GOL A O1  1 
HETATM 957  C  C2  . GOL F 4 .   ? 10.838  10.021  6.826   1.00 52.84  ? 305 GOL A C2  1 
HETATM 958  O  O2  . GOL F 4 .   ? 12.146  10.255  6.304   1.00 58.33  ? 305 GOL A O2  1 
HETATM 959  C  C3  . GOL F 4 .   ? 10.849  10.213  8.332   1.00 56.83  ? 305 GOL A C3  1 
HETATM 960  O  O3  . GOL F 4 .   ? 11.695  9.262   8.982   1.00 61.24  ? 305 GOL A O3  1 
HETATM 961  C  C1  . EDO G 5 .   ? 6.117   15.576  -5.807  1.00 52.80  ? 306 EDO A C1  1 
HETATM 962  O  O1  . EDO G 5 .   ? 5.558   14.690  -6.756  1.00 48.44  ? 306 EDO A O1  1 
HETATM 963  C  C2  . EDO G 5 .   ? 6.051   15.077  -4.410  1.00 55.43  ? 306 EDO A C2  1 
HETATM 964  O  O2  . EDO G 5 .   ? 7.097   15.593  -3.593  1.00 55.79  ? 306 EDO A O2  1 
HETATM 965  C  C   . ACT H 6 .   ? -8.952  6.590   1.278   1.00 66.43  ? 307 ACT A C   1 
HETATM 966  O  O   . ACT H 6 .   ? -8.584  5.579   0.634   1.00 59.98  ? 307 ACT A O   1 
HETATM 967  O  OXT . ACT H 6 .   ? -8.390  7.002   2.321   1.00 64.58  ? 307 ACT A OXT 1 
HETATM 968  C  CH3 . ACT H 6 .   ? -10.161 7.369   0.754   1.00 66.37  ? 307 ACT A CH3 1 
HETATM 969  C  C1  . EDO I 5 .   ? -4.736  -9.752  4.786   1.00 55.59  ? 308 EDO A C1  1 
HETATM 970  O  O1  . EDO I 5 .   ? -5.816  -9.616  3.888   1.00 52.31  ? 308 EDO A O1  1 
HETATM 971  C  C2  . EDO I 5 .   ? -3.571  -8.927  4.404   1.00 52.82  ? 308 EDO A C2  1 
HETATM 972  O  O2  . EDO I 5 .   ? -2.380  -9.334  5.043   1.00 57.69  ? 308 EDO A O2  1 
HETATM 973  C  C   . ACT J 6 .   ? -4.513  -14.904 -1.037  1.00 54.17  ? 309 ACT A C   1 
HETATM 974  O  O   . ACT J 6 .   ? -5.589  -15.235 -0.480  1.00 43.60  ? 309 ACT A O   1 
HETATM 975  O  OXT . ACT J 6 .   ? -4.333  -13.808 -1.632  1.00 52.71  ? 309 ACT A OXT 1 
HETATM 976  C  CH3 . ACT J 6 .   ? -3.343  -15.885 -0.984  1.00 54.64  ? 309 ACT A CH3 1 
HETATM 977  C  C1  . GOL K 4 .   ? 9.307   8.426   -9.386  1.00 42.13  ? 310 GOL A C1  1 
HETATM 978  O  O1  . GOL K 4 .   ? 7.982   8.853   -9.666  1.00 43.17  ? 310 GOL A O1  1 
HETATM 979  C  C2  . GOL K 4 .   ? 10.184  8.588   -10.608 1.00 50.40  ? 310 GOL A C2  1 
HETATM 980  O  O2  . GOL K 4 .   ? 10.147  9.946   -11.048 1.00 45.35  ? 310 GOL A O2  1 
HETATM 981  C  C3  . GOL K 4 .   ? 11.609  8.132   -10.372 1.00 49.89  ? 310 GOL A C3  1 
HETATM 982  O  O3  . GOL K 4 .   ? 11.759  6.759   -10.726 1.00 54.48  ? 310 GOL A O3  1 
HETATM 983  C  C1  . EDO L 5 .   ? 13.366  6.812   -3.857  1.00 42.77  ? 311 EDO A C1  1 
HETATM 984  O  O1  . EDO L 5 .   ? 12.070  7.036   -3.371  1.00 33.84  ? 311 EDO A O1  1 
HETATM 985  C  C2  . EDO L 5 .   ? 14.177  8.045   -3.923  1.00 45.68  ? 311 EDO A C2  1 
HETATM 986  O  O2  . EDO L 5 .   ? 13.753  8.928   -4.944  1.00 48.68  ? 311 EDO A O2  1 
HETATM 987  C  C1  . EDO M 5 .   ? 3.370   17.399  8.284   1.00 47.33  ? 312 EDO A C1  1 
HETATM 988  O  O1  . EDO M 5 .   ? 3.155   18.657  8.895   1.00 48.41  ? 312 EDO A O1  1 
HETATM 989  C  C2  . EDO M 5 .   ? 2.119   16.882  7.710   1.00 49.76  ? 312 EDO A C2  1 
HETATM 990  O  O2  . EDO M 5 .   ? 2.242   15.557  7.297   1.00 51.16  ? 312 EDO A O2  1 
HETATM 991  C  C1  . EDO N 5 .   ? 1.137   22.806  8.863   1.00 59.14  ? 313 EDO A C1  1 
HETATM 992  O  O1  . EDO N 5 .   ? 0.291   21.816  9.405   1.00 62.59  ? 313 EDO A O1  1 
HETATM 993  C  C2  . EDO N 5 .   ? 2.349   22.234  8.257   1.00 61.53  ? 313 EDO A C2  1 
HETATM 994  O  O2  . EDO N 5 .   ? 2.156   20.914  7.777   1.00 58.83  ? 313 EDO A O2  1 
HETATM 995  C  C   . ACT O 6 .   ? -3.904  -2.689  23.427  1.00 49.36  ? 314 ACT A C   1 
HETATM 996  O  O   . ACT O 6 .   ? -4.233  -3.195  22.351  1.00 49.85  ? 314 ACT A O   1 
HETATM 997  O  OXT . ACT O 6 .   ? -2.813  -2.151  23.614  1.00 52.08  ? 314 ACT A OXT 1 
HETATM 998  C  CH3 . ACT O 6 .   ? -4.893  -2.746  24.601  1.00 51.54  ? 314 ACT A CH3 1 
HETATM 999  C  C1  . EDO P 5 .   ? 14.866  -9.404  -5.338  1.00 68.99  ? 315 EDO A C1  1 
HETATM 1000 O  O1  . EDO P 5 .   ? 14.595  -9.480  -6.715  1.00 66.04  ? 315 EDO A O1  1 
HETATM 1001 C  C2  . EDO P 5 .   ? 14.625  -10.695 -4.664  1.00 73.86  ? 315 EDO A C2  1 
HETATM 1002 O  O2  . EDO P 5 .   ? 13.834  -10.562 -3.508  1.00 78.77  ? 315 EDO A O2  1 
HETATM 1003 C  C1  . GOL Q 4 .   ? -1.302  5.328   20.264  1.00 63.83  ? 316 GOL A C1  1 
HETATM 1004 O  O1  . GOL Q 4 .   ? -2.481  6.123   20.201  1.00 56.10  ? 316 GOL A O1  1 
HETATM 1005 C  C2  . GOL Q 4 .   ? -1.138  4.694   21.628  1.00 60.11  ? 316 GOL A C2  1 
HETATM 1006 O  O2  . GOL Q 4 .   ? -1.275  5.699   22.633  1.00 57.74  ? 316 GOL A O2  1 
HETATM 1007 C  C3  . GOL Q 4 .   ? -2.124  3.581   21.906  1.00 59.14  ? 316 GOL A C3  1 
HETATM 1008 O  O3  . GOL Q 4 .   ? -2.189  2.611   20.862  1.00 47.95  ? 316 GOL A O3  1 
HETATM 1009 C  C1  . EDO R 5 .   ? 10.893  5.554   4.294   1.00 47.96  ? 317 EDO A C1  1 
HETATM 1010 O  O1  . EDO R 5 .   ? 12.056  6.302   4.530   1.00 50.46  ? 317 EDO A O1  1 
HETATM 1011 C  C2  . EDO R 5 .   ? 10.238  5.969   3.024   1.00 45.86  ? 317 EDO A C2  1 
HETATM 1012 O  O2  . EDO R 5 .   ? 10.217  5.036   1.978   1.00 30.84  ? 317 EDO A O2  1 
HETATM 1013 C  C1  . EDO S 5 .   ? 13.592  -0.689  -4.095  1.00 53.11  ? 318 EDO A C1  1 
HETATM 1014 O  O1  . EDO S 5 .   ? 12.646  0.319   -3.764  1.00 47.22  ? 318 EDO A O1  1 
HETATM 1015 C  C2  . EDO S 5 .   ? 13.083  -1.658  -5.100  1.00 53.05  ? 318 EDO A C2  1 
HETATM 1016 O  O2  . EDO S 5 .   ? 12.480  -2.819  -4.535  1.00 51.66  ? 318 EDO A O2  1 
HETATM 1017 C  C1  . GOL T 4 .   ? 15.456  -8.922  3.525   1.00 62.12  ? 319 GOL A C1  1 
HETATM 1018 O  O1  . GOL T 4 .   ? 14.508  -9.348  2.550   1.00 59.55  ? 319 GOL A O1  1 
HETATM 1019 C  C2  . GOL T 4 .   ? 16.104  -7.615  3.125   1.00 63.06  ? 319 GOL A C2  1 
HETATM 1020 O  O2  . GOL T 4 .   ? 15.101  -6.689  2.703   1.00 60.53  ? 319 GOL A O2  1 
HETATM 1021 C  C3  . GOL T 4 .   ? 16.930  -6.998  4.230   1.00 63.20  ? 319 GOL A C3  1 
HETATM 1022 O  O3  . GOL T 4 .   ? 16.293  -5.844  4.774   1.00 65.39  ? 319 GOL A O3  1 
HETATM 1023 C  C1  . EDO U 5 .   ? 5.092   -8.408  19.868  1.00 49.70  ? 320 EDO A C1  1 
HETATM 1024 O  O1  . EDO U 5 .   ? 4.959   -9.646  20.519  1.00 44.68  ? 320 EDO A O1  1 
HETATM 1025 C  C2  . EDO U 5 .   ? 6.401   -8.230  19.197  1.00 52.50  ? 320 EDO A C2  1 
HETATM 1026 O  O2  . EDO U 5 .   ? 6.472   -6.995  18.502  1.00 58.22  ? 320 EDO A O2  1 
HETATM 1027 C  C1  . EDO V 5 .   ? 4.250   4.058   11.637  1.00 54.45  ? 321 EDO A C1  1 
HETATM 1028 O  O1  . EDO V 5 .   ? 2.884   3.704   11.580  1.00 57.30  ? 321 EDO A O1  1 
HETATM 1029 C  C2  . EDO V 5 .   ? 5.092   3.186   10.777  1.00 56.07  ? 321 EDO A C2  1 
HETATM 1030 O  O2  . EDO V 5 .   ? 5.891   3.901   9.852   1.00 52.20  ? 321 EDO A O2  1 
HETATM 1031 O  O   . HOH W 7 .   ? -0.187  5.333   6.191   1.00 24.93  ? 401 HOH A O   1 
HETATM 1032 O  O   . HOH W 7 .   ? 11.632  -2.276  6.980   1.00 56.94  ? 402 HOH A O   1 
HETATM 1033 O  O   . HOH W 7 .   ? -2.490  -12.890 14.894  1.00 44.77  ? 403 HOH A O   1 
HETATM 1034 O  O   . HOH W 7 .   ? 2.136   14.241  3.855   1.00 36.76  ? 404 HOH A O   1 
HETATM 1035 O  O   . HOH W 7 .   ? -18.483 -4.227  -7.161  1.00 32.03  ? 405 HOH A O   1 
HETATM 1036 O  O   . HOH W 7 .   ? 8.459   3.939   9.593   1.00 50.87  ? 406 HOH A O   1 
HETATM 1037 O  O   . HOH W 7 .   ? 7.021   -10.505 7.364   1.00 51.45  ? 407 HOH A O   1 
HETATM 1038 O  O   . HOH W 7 .   ? 11.762  18.524  7.649   1.00 26.46  ? 408 HOH A O   1 
HETATM 1039 O  O   . HOH W 7 .   ? 9.373   16.100  -4.725  1.00 26.69  ? 409 HOH A O   1 
HETATM 1040 O  O   . HOH W 7 .   ? 1.785   -2.426  -18.665 1.00 49.11  ? 410 HOH A O   1 
HETATM 1041 O  O   . HOH W 7 .   ? 6.099   1.104   -11.191 1.00 20.02  ? 411 HOH A O   1 
HETATM 1042 O  O   . HOH W 7 .   ? -2.008  -6.199  -12.303 1.00 33.41  ? 412 HOH A O   1 
HETATM 1043 O  O   . HOH W 7 .   ? 0.702   3.175   -15.011 1.00 24.92  ? 413 HOH A O   1 
HETATM 1044 O  O   . HOH W 7 .   ? 9.015   -0.964  6.066   1.00 34.01  ? 414 HOH A O   1 
HETATM 1045 O  O   . HOH W 7 .   ? 6.046   7.696   9.267   1.00 33.95  ? 415 HOH A O   1 
HETATM 1046 O  O   . HOH W 7 .   ? 0.012   -4.333  -14.096 1.00 32.42  ? 416 HOH A O   1 
HETATM 1047 O  O   . HOH W 7 .   ? 18.566  -5.052  6.086   1.00 36.50  ? 417 HOH A O   1 
HETATM 1048 O  O   . HOH W 7 .   ? -5.492  6.192   -13.903 1.00 39.97  ? 418 HOH A O   1 
HETATM 1049 O  O   . HOH W 7 .   ? 0.527   -10.973 3.027   1.00 41.46  ? 419 HOH A O   1 
HETATM 1050 O  O   . HOH W 7 .   ? -9.571  -10.519 -4.725  1.00 29.24  ? 420 HOH A O   1 
HETATM 1051 O  O   . HOH W 7 .   ? -1.915  13.158  8.785   1.00 45.63  ? 421 HOH A O   1 
HETATM 1052 O  O   . HOH W 7 .   ? -1.253  -17.379 5.031   1.00 52.88  ? 422 HOH A O   1 
HETATM 1053 O  O   . HOH W 7 .   ? 5.709   -12.740 9.718   1.00 57.95  ? 423 HOH A O   1 
HETATM 1054 O  O   . HOH W 7 .   ? -6.293  -6.933  -12.544 1.00 52.15  ? 424 HOH A O   1 
HETATM 1055 O  O   . HOH W 7 .   ? -25.620 -5.402  -1.505  1.00 45.48  ? 425 HOH A O   1 
HETATM 1056 O  O   . HOH W 7 .   ? 3.770   -5.091  21.714  1.00 48.83  ? 426 HOH A O   1 
HETATM 1057 O  O   . HOH W 7 .   ? -25.256 -2.787  -0.105  1.00 53.57  ? 427 HOH A O   1 
HETATM 1058 O  O   . HOH W 7 .   ? -9.022  7.292   -3.336  1.00 39.56  ? 428 HOH A O   1 
HETATM 1059 O  O   . HOH W 7 .   ? -6.000  -0.683  21.395  1.00 36.07  ? 429 HOH A O   1 
HETATM 1060 O  O   . HOH W 7 .   ? 11.349  -2.529  4.207   1.00 41.69  ? 430 HOH A O   1 
HETATM 1061 O  O   . HOH W 7 .   ? 3.360   16.854  -5.170  1.00 39.75  ? 431 HOH A O   1 
HETATM 1062 O  O   . HOH W 7 .   ? -14.954 -5.233  -7.632  1.00 56.36  ? 432 HOH A O   1 
HETATM 1063 O  O   . HOH W 7 .   ? -7.126  4.292   -10.053 1.00 39.02  ? 433 HOH A O   1 
HETATM 1064 O  O   . HOH W 7 .   ? -0.742  2.434   16.681  1.00 22.38  ? 434 HOH A O   1 
HETATM 1065 O  O   . HOH W 7 .   ? -0.050  8.022   19.005  1.00 51.56  ? 435 HOH A O   1 
HETATM 1066 O  O   . HOH W 7 .   ? -2.982  0.607   14.217  1.00 20.36  ? 436 HOH A O   1 
# 
